data_2LOQ
#
_entry.id   2LOQ
#
_entity_poly.entity_id   1
_entity_poly.type   'polypeptide(L)'
_entity_poly.pdbx_seq_one_letter_code
;MTSLYKKVGMGKESGWDSGRAAVAAVVGGVVAVGTVLVALSAMGFTSVGIAASSIAAKMMSTAAIANGGGVAAGSLVAIL
QSVGAAGLSVTSKVIGGFAGTALGAWLGSPPSS
;
_entity_poly.pdbx_strand_id   A
#
# COMPACT_ATOMS: atom_id res chain seq x y z
N MET A 10 4.49 24.34 2.99
CA MET A 10 3.72 23.23 3.51
C MET A 10 4.63 22.07 3.89
N GLY A 11 4.56 21.70 5.18
CA GLY A 11 5.37 20.62 5.68
C GLY A 11 6.86 20.96 5.62
N LYS A 12 7.68 20.02 6.07
CA LYS A 12 9.12 20.22 6.07
C LYS A 12 9.80 18.93 5.60
N GLU A 13 9.90 18.79 4.30
CA GLU A 13 10.52 17.63 3.70
C GLU A 13 9.96 16.34 4.32
N SER A 14 8.83 15.91 3.77
CA SER A 14 8.18 14.71 4.26
C SER A 14 8.38 13.56 3.25
N GLY A 15 9.29 12.66 3.61
CA GLY A 15 9.59 11.53 2.77
C GLY A 15 9.61 11.93 1.29
N TRP A 16 10.66 12.64 0.91
CA TRP A 16 10.80 13.09 -0.46
C TRP A 16 9.64 14.03 -0.77
N ASP A 17 9.94 15.32 -0.74
CA ASP A 17 8.93 16.34 -1.01
C ASP A 17 8.52 16.25 -2.48
N SER A 18 7.24 15.97 -2.68
CA SER A 18 6.70 15.86 -4.03
C SER A 18 5.18 15.95 -3.99
N GLY A 19 4.62 16.40 -5.11
CA GLY A 19 3.18 16.54 -5.22
C GLY A 19 2.61 15.56 -6.26
N ARG A 20 2.70 15.97 -7.51
CA ARG A 20 2.20 15.14 -8.60
C ARG A 20 3.12 13.95 -8.83
N ALA A 21 4.38 14.26 -9.12
CA ALA A 21 5.37 13.22 -9.36
C ALA A 21 5.16 12.08 -8.37
N ALA A 22 4.67 12.44 -7.19
CA ALA A 22 4.41 11.46 -6.15
C ALA A 22 3.76 10.22 -6.77
N VAL A 23 2.61 10.45 -7.37
CA VAL A 23 1.87 9.37 -8.01
C VAL A 23 2.84 8.50 -8.82
N ALA A 24 3.71 9.18 -9.56
CA ALA A 24 4.68 8.48 -10.38
C ALA A 24 5.49 7.53 -9.50
N ALA A 25 5.97 8.05 -8.39
CA ALA A 25 6.75 7.26 -7.45
C ALA A 25 5.89 6.12 -6.91
N VAL A 26 4.59 6.34 -6.94
CA VAL A 26 3.65 5.34 -6.45
C VAL A 26 3.40 4.30 -7.54
N VAL A 27 3.64 4.72 -8.78
CA VAL A 27 3.46 3.83 -9.92
C VAL A 27 4.54 2.75 -9.90
N GLY A 28 5.79 3.21 -9.85
CA GLY A 28 6.91 2.30 -9.83
C GLY A 28 6.61 1.06 -8.99
N GLY A 29 6.18 0.02 -9.69
CA GLY A 29 5.85 -1.23 -9.03
C GLY A 29 4.35 -1.52 -9.13
N VAL A 30 3.77 -1.12 -10.24
CA VAL A 30 2.35 -1.33 -10.46
C VAL A 30 1.98 -2.76 -10.08
N VAL A 31 2.72 -3.70 -10.66
CA VAL A 31 2.48 -5.11 -10.38
C VAL A 31 2.41 -5.33 -8.87
N ALA A 32 3.42 -4.79 -8.18
CA ALA A 32 3.48 -4.93 -6.73
C ALA A 32 2.19 -4.38 -6.11
N VAL A 33 1.67 -3.33 -6.74
CA VAL A 33 0.45 -2.71 -6.26
C VAL A 33 -0.72 -3.66 -6.51
N GLY A 34 -0.61 -4.42 -7.58
CA GLY A 34 -1.64 -5.37 -7.94
C GLY A 34 -1.73 -6.51 -6.93
N THR A 35 -0.59 -7.12 -6.68
CA THR A 35 -0.52 -8.23 -5.74
C THR A 35 -0.93 -7.77 -4.34
N VAL A 36 -0.47 -6.57 -3.99
CA VAL A 36 -0.79 -6.01 -2.69
C VAL A 36 -2.30 -5.83 -2.57
N LEU A 37 -2.89 -5.30 -3.63
CA LEU A 37 -4.34 -5.08 -3.66
C LEU A 37 -5.05 -6.42 -3.56
N VAL A 38 -4.96 -7.19 -4.65
CA VAL A 38 -5.59 -8.50 -4.70
C VAL A 38 -5.36 -9.22 -3.38
N ALA A 39 -4.20 -8.98 -2.80
CA ALA A 39 -3.85 -9.59 -1.53
C ALA A 39 -4.81 -9.11 -0.45
N LEU A 40 -4.81 -7.80 -0.25
CA LEU A 40 -5.67 -7.20 0.76
C LEU A 40 -7.13 -7.49 0.41
N SER A 41 -7.58 -6.88 -0.67
CA SER A 41 -8.96 -7.07 -1.10
C SER A 41 -9.32 -8.57 -1.06
N ALA A 42 -8.63 -9.32 -1.91
CA ALA A 42 -8.86 -10.76 -1.98
C ALA A 42 -7.99 -11.47 -0.94
N MET A 43 -8.33 -11.24 0.32
CA MET A 43 -7.59 -11.84 1.41
C MET A 43 -7.82 -13.35 1.46
N GLY A 44 -8.74 -13.81 0.61
CA GLY A 44 -9.06 -15.22 0.56
C GLY A 44 -9.55 -15.62 -0.85
N PHE A 45 -10.42 -16.60 -0.88
CA PHE A 45 -10.97 -17.08 -2.13
C PHE A 45 -12.32 -16.44 -2.42
N THR A 46 -12.63 -15.40 -1.66
CA THR A 46 -13.89 -14.69 -1.82
C THR A 46 -13.63 -13.24 -2.24
N SER A 47 -14.23 -12.87 -3.37
CA SER A 47 -14.08 -11.53 -3.89
C SER A 47 -14.90 -11.37 -5.18
N VAL A 48 -14.91 -12.44 -5.97
CA VAL A 48 -15.64 -12.44 -7.21
C VAL A 48 -17.13 -12.18 -6.93
N GLY A 49 -17.86 -13.28 -6.74
CA GLY A 49 -19.28 -13.19 -6.46
C GLY A 49 -19.57 -12.05 -5.49
N ILE A 50 -18.83 -12.04 -4.41
CA ILE A 50 -19.01 -11.00 -3.39
C ILE A 50 -19.00 -9.63 -4.06
N ALA A 51 -17.99 -9.42 -4.88
CA ALA A 51 -17.85 -8.15 -5.59
C ALA A 51 -19.10 -7.92 -6.45
N ALA A 52 -19.64 -9.02 -6.96
CA ALA A 52 -20.83 -8.94 -7.79
C ALA A 52 -22.03 -8.54 -6.94
N SER A 53 -21.95 -8.91 -5.66
CA SER A 53 -23.02 -8.59 -4.73
C SER A 53 -23.01 -7.09 -4.41
N SER A 54 -21.89 -6.66 -3.84
CA SER A 54 -21.73 -5.26 -3.48
C SER A 54 -22.05 -4.36 -4.69
N ILE A 55 -21.56 -4.80 -5.85
CA ILE A 55 -21.78 -4.05 -7.07
C ILE A 55 -23.28 -3.96 -7.34
N ALA A 56 -23.92 -5.12 -7.37
CA ALA A 56 -25.36 -5.18 -7.62
C ALA A 56 -26.07 -4.19 -6.69
N ALA A 57 -25.57 -4.11 -5.47
CA ALA A 57 -26.14 -3.20 -4.48
C ALA A 57 -26.06 -1.76 -5.00
N LYS A 58 -24.83 -1.31 -5.17
CA LYS A 58 -24.60 0.04 -5.65
C LYS A 58 -25.23 1.05 -4.68
N MET A 59 -24.36 1.79 -4.01
CA MET A 59 -24.82 2.78 -3.05
C MET A 59 -25.67 2.14 -1.96
N MET A 60 -25.00 1.73 -0.89
CA MET A 60 -25.69 1.10 0.22
C MET A 60 -25.36 1.82 1.54
N SER A 61 -24.07 1.92 1.81
CA SER A 61 -23.61 2.57 3.02
C SER A 61 -22.09 2.78 2.96
N THR A 62 -21.38 1.68 2.83
CA THR A 62 -19.92 1.74 2.75
C THR A 62 -19.38 2.75 3.76
N ALA A 63 -19.99 2.76 4.93
CA ALA A 63 -19.58 3.67 5.99
C ALA A 63 -19.43 2.89 7.29
N ALA A 64 -18.53 3.37 8.13
CA ALA A 64 -18.27 2.73 9.41
C ALA A 64 -18.44 3.77 10.54
N ILE A 65 -18.98 3.30 11.65
CA ILE A 65 -19.20 4.17 12.79
C ILE A 65 -17.90 4.26 13.61
N ALA A 66 -16.98 5.06 13.09
CA ALA A 66 -15.70 5.26 13.76
C ALA A 66 -15.00 6.47 13.16
N ASN A 67 -14.71 6.38 11.87
CA ASN A 67 -14.05 7.45 11.16
C ASN A 67 -15.09 8.41 10.58
N GLY A 68 -16.01 7.83 9.82
CA GLY A 68 -17.07 8.61 9.20
C GLY A 68 -17.40 8.07 7.81
N GLY A 69 -16.40 8.10 6.94
CA GLY A 69 -16.57 7.63 5.58
C GLY A 69 -15.42 8.07 4.69
N GLY A 70 -15.15 7.27 3.67
CA GLY A 70 -14.09 7.57 2.74
C GLY A 70 -12.76 7.78 3.47
N VAL A 71 -11.69 7.86 2.69
CA VAL A 71 -10.37 8.07 3.26
C VAL A 71 -10.21 7.20 4.51
N ALA A 72 -9.85 5.95 4.29
CA ALA A 72 -9.68 5.01 5.38
C ALA A 72 -11.02 4.73 6.04
N ALA A 73 -11.53 3.54 5.77
CA ALA A 73 -12.81 3.12 6.32
C ALA A 73 -12.92 1.60 6.28
N GLY A 74 -12.74 0.99 7.45
CA GLY A 74 -12.81 -0.46 7.56
C GLY A 74 -11.61 -1.00 8.33
N SER A 75 -11.72 -2.27 8.71
CA SER A 75 -10.66 -2.92 9.45
C SER A 75 -9.33 -2.79 8.70
N LEU A 76 -9.45 -2.73 7.38
CA LEU A 76 -8.27 -2.60 6.53
C LEU A 76 -7.34 -1.53 7.10
N VAL A 77 -7.96 -0.56 7.78
CA VAL A 77 -7.20 0.53 8.38
C VAL A 77 -6.05 -0.05 9.19
N ALA A 78 -6.39 -0.97 10.08
CA ALA A 78 -5.38 -1.60 10.92
C ALA A 78 -4.28 -2.20 10.03
N ILE A 79 -4.70 -2.70 8.89
CA ILE A 79 -3.77 -3.30 7.95
C ILE A 79 -2.91 -2.21 7.31
N LEU A 80 -3.51 -1.02 7.21
CA LEU A 80 -2.81 0.11 6.61
C LEU A 80 -1.68 0.54 7.55
N GLN A 81 -2.00 0.61 8.83
CA GLN A 81 -1.01 1.00 9.82
C GLN A 81 0.12 -0.02 9.89
N SER A 82 -0.27 -1.28 10.03
CA SER A 82 0.69 -2.36 10.11
C SER A 82 1.45 -2.48 8.78
N VAL A 83 0.74 -2.95 7.77
CA VAL A 83 1.33 -3.12 6.46
C VAL A 83 2.11 -1.85 6.08
N GLY A 84 1.61 -0.74 6.58
CA GLY A 84 2.24 0.56 6.31
C GLY A 84 3.67 0.58 6.85
N ALA A 85 3.78 0.53 8.17
CA ALA A 85 5.08 0.55 8.82
C ALA A 85 5.85 -0.71 8.43
N ALA A 86 5.31 -1.85 8.84
CA ALA A 86 5.95 -3.13 8.55
C ALA A 86 6.39 -3.15 7.09
N GLY A 87 5.41 -3.05 6.20
CA GLY A 87 5.68 -3.05 4.77
C GLY A 87 6.87 -2.15 4.44
N LEU A 88 6.64 -0.85 4.56
CA LEU A 88 7.67 0.12 4.28
C LEU A 88 9.00 -0.34 4.90
N SER A 89 8.88 -1.01 6.04
CA SER A 89 10.05 -1.52 6.73
C SER A 89 10.77 -2.55 5.86
N VAL A 90 10.21 -3.75 5.82
CA VAL A 90 10.78 -4.83 5.03
C VAL A 90 11.15 -4.29 3.64
N THR A 91 10.41 -3.28 3.21
CA THR A 91 10.66 -2.67 1.92
C THR A 91 12.05 -2.02 1.89
N SER A 92 12.11 -0.80 2.38
CA SER A 92 13.35 -0.06 2.42
C SER A 92 14.49 -0.98 2.86
N LYS A 93 14.19 -1.78 3.89
CA LYS A 93 15.18 -2.69 4.43
C LYS A 93 15.81 -3.49 3.28
N VAL A 94 14.95 -4.17 2.53
CA VAL A 94 15.40 -4.96 1.40
C VAL A 94 16.09 -4.05 0.38
N ILE A 95 15.68 -2.79 0.39
CA ILE A 95 16.24 -1.81 -0.53
C ILE A 95 17.65 -1.43 -0.05
N GLY A 96 17.68 -0.62 1.00
CA GLY A 96 18.95 -0.18 1.55
C GLY A 96 19.12 -0.67 3.00
N GLY A 97 19.01 0.27 3.92
CA GLY A 97 19.14 -0.05 5.33
C GLY A 97 18.68 1.11 6.21
N PHE A 98 19.16 2.30 5.87
CA PHE A 98 18.80 3.49 6.61
C PHE A 98 19.44 4.73 5.99
N ALA A 99 18.73 5.31 5.02
CA ALA A 99 19.21 6.50 4.35
C ALA A 99 20.65 6.27 3.89
N GLY A 100 20.77 5.49 2.82
CA GLY A 100 22.08 5.17 2.27
C GLY A 100 22.08 3.80 1.60
N THR A 101 22.97 3.65 0.62
CA THR A 101 23.07 2.40 -0.11
C THR A 101 21.68 1.84 -0.43
N ALA A 102 21.20 2.20 -1.61
CA ALA A 102 19.90 1.74 -2.06
C ALA A 102 19.85 1.73 -3.59
N LEU A 103 18.91 0.97 -4.11
CA LEU A 103 18.75 0.86 -5.56
C LEU A 103 20.03 0.27 -6.16
N GLY A 104 19.89 -0.93 -6.71
CA GLY A 104 21.02 -1.60 -7.32
C GLY A 104 20.68 -3.07 -7.62
N ALA A 105 21.57 -3.70 -8.38
CA ALA A 105 21.38 -5.10 -8.74
C ALA A 105 21.61 -5.98 -7.51
N TRP A 106 20.76 -5.78 -6.51
CA TRP A 106 20.87 -6.55 -5.28
C TRP A 106 22.21 -6.24 -4.64
N LEU A 107 22.15 -5.59 -3.48
CA LEU A 107 23.35 -5.23 -2.76
C LEU A 107 23.02 -5.09 -1.27
N GLY A 108 22.65 -6.22 -0.68
CA GLY A 108 22.31 -6.23 0.74
C GLY A 108 23.54 -5.96 1.61
N SER A 109 24.04 -7.02 2.21
CA SER A 109 25.21 -6.90 3.06
C SER A 109 26.21 -8.02 2.74
N PRO A 110 27.00 -7.78 1.67
CA PRO A 110 27.99 -8.76 1.24
C PRO A 110 29.20 -8.75 2.18
N PRO A 111 30.08 -9.77 2.00
CA PRO A 111 31.27 -9.90 2.81
C PRO A 111 32.33 -8.88 2.39
N SER A 112 32.24 -7.69 2.99
CA SER A 112 33.18 -6.63 2.69
C SER A 112 33.96 -6.26 3.96
N SER A 113 35.14 -5.68 3.73
CA SER A 113 35.99 -5.29 4.84
C SER A 113 36.52 -3.87 4.59
N MET A 10 14.97 14.25 2.63
CA MET A 10 15.92 13.14 2.67
C MET A 10 15.38 12.00 3.54
N GLY A 11 14.64 11.10 2.91
CA GLY A 11 14.07 9.96 3.62
C GLY A 11 12.66 10.29 4.12
N LYS A 12 12.54 10.32 5.44
CA LYS A 12 11.26 10.61 6.06
C LYS A 12 10.96 12.11 5.93
N GLU A 13 9.69 12.44 6.05
CA GLU A 13 9.26 13.82 5.96
C GLU A 13 7.86 13.99 6.55
N SER A 14 7.61 15.18 7.05
CA SER A 14 6.31 15.49 7.65
C SER A 14 5.78 16.81 7.09
N GLY A 15 4.87 16.69 6.13
CA GLY A 15 4.28 17.87 5.51
C GLY A 15 4.19 17.69 4.00
N TRP A 16 5.35 17.60 3.37
CA TRP A 16 5.41 17.43 1.93
C TRP A 16 6.81 16.90 1.57
N ASP A 17 6.91 16.35 0.37
CA ASP A 17 8.17 15.81 -0.10
C ASP A 17 8.22 15.89 -1.62
N SER A 18 7.22 15.29 -2.25
CA SER A 18 7.14 15.28 -3.70
C SER A 18 5.75 15.73 -4.15
N GLY A 19 5.71 16.37 -5.31
CA GLY A 19 4.45 16.85 -5.86
C GLY A 19 3.87 15.86 -6.86
N ARG A 20 3.66 16.34 -8.07
CA ARG A 20 3.10 15.50 -9.13
C ARG A 20 3.94 14.23 -9.28
N ALA A 21 5.25 14.42 -9.38
CA ALA A 21 6.16 13.31 -9.54
C ALA A 21 5.78 12.20 -8.57
N ALA A 22 5.44 12.61 -7.35
CA ALA A 22 5.05 11.66 -6.32
C ALA A 22 4.15 10.59 -6.94
N VAL A 23 3.10 11.05 -7.61
CA VAL A 23 2.17 10.15 -8.24
C VAL A 23 2.94 9.06 -9.00
N ALA A 24 3.86 9.52 -9.83
CA ALA A 24 4.68 8.60 -10.61
C ALA A 24 5.35 7.59 -9.68
N ALA A 25 5.84 8.10 -8.56
CA ALA A 25 6.50 7.25 -7.58
C ALA A 25 5.52 6.18 -7.09
N VAL A 26 4.26 6.57 -7.03
CA VAL A 26 3.21 5.66 -6.58
C VAL A 26 2.80 4.75 -7.74
N VAL A 27 3.11 5.21 -8.94
CA VAL A 27 2.79 4.45 -10.14
C VAL A 27 3.74 3.28 -10.27
N GLY A 28 5.02 3.61 -10.45
CA GLY A 28 6.05 2.60 -10.59
C GLY A 28 5.83 1.45 -9.59
N GLY A 29 5.58 0.27 -10.14
CA GLY A 29 5.35 -0.90 -9.31
C GLY A 29 3.91 -1.40 -9.44
N VAL A 30 3.34 -1.18 -10.62
CA VAL A 30 1.98 -1.59 -10.89
C VAL A 30 1.75 -2.97 -10.28
N VAL A 31 2.47 -3.95 -10.81
CA VAL A 31 2.36 -5.32 -10.33
C VAL A 31 2.41 -5.32 -8.79
N ALA A 32 3.29 -4.48 -8.26
CA ALA A 32 3.44 -4.38 -6.82
C ALA A 32 2.07 -4.14 -6.18
N VAL A 33 1.36 -3.15 -6.73
CA VAL A 33 0.05 -2.80 -6.22
C VAL A 33 -0.94 -3.91 -6.59
N GLY A 34 -0.58 -4.68 -7.60
CA GLY A 34 -1.42 -5.78 -8.05
C GLY A 34 -1.43 -6.92 -7.03
N THR A 35 -0.25 -7.48 -6.80
CA THR A 35 -0.11 -8.57 -5.85
C THR A 35 -0.53 -8.11 -4.45
N VAL A 36 -0.08 -6.93 -4.08
CA VAL A 36 -0.40 -6.38 -2.78
C VAL A 36 -1.92 -6.25 -2.64
N LEU A 37 -2.52 -5.72 -3.70
CA LEU A 37 -3.97 -5.54 -3.72
C LEU A 37 -4.65 -6.90 -3.59
N VAL A 38 -4.45 -7.73 -4.60
CA VAL A 38 -5.04 -9.06 -4.62
C VAL A 38 -4.95 -9.67 -3.22
N ALA A 39 -3.83 -9.41 -2.57
CA ALA A 39 -3.60 -9.93 -1.22
C ALA A 39 -4.65 -9.33 -0.28
N LEU A 40 -4.72 -8.00 -0.28
CA LEU A 40 -5.66 -7.30 0.57
C LEU A 40 -7.09 -7.68 0.15
N SER A 41 -7.50 -7.15 -0.99
CA SER A 41 -8.83 -7.42 -1.51
C SER A 41 -9.16 -8.90 -1.35
N ALA A 42 -8.40 -9.73 -2.06
CA ALA A 42 -8.60 -11.16 -2.01
C ALA A 42 -8.01 -11.72 -0.72
N MET A 43 -7.96 -13.03 -0.64
CA MET A 43 -7.42 -13.70 0.54
C MET A 43 -7.29 -15.21 0.30
N GLY A 44 -8.34 -15.78 -0.25
CA GLY A 44 -8.35 -17.21 -0.53
C GLY A 44 -9.31 -17.53 -1.68
N PHE A 45 -10.57 -17.18 -1.47
CA PHE A 45 -11.59 -17.43 -2.48
C PHE A 45 -12.88 -16.67 -2.15
N THR A 46 -12.72 -15.38 -1.89
CA THR A 46 -13.86 -14.54 -1.55
C THR A 46 -13.62 -13.11 -2.04
N SER A 47 -14.23 -12.80 -3.19
CA SER A 47 -14.09 -11.48 -3.77
C SER A 47 -14.77 -11.44 -5.15
N VAL A 48 -14.68 -12.56 -5.84
CA VAL A 48 -15.27 -12.68 -7.16
C VAL A 48 -16.77 -12.41 -7.07
N GLY A 49 -17.52 -13.50 -6.90
CA GLY A 49 -18.97 -13.40 -6.79
C GLY A 49 -19.37 -12.19 -5.94
N ILE A 50 -18.75 -12.09 -4.78
CA ILE A 50 -19.04 -10.99 -3.87
C ILE A 50 -18.97 -9.67 -4.64
N ALA A 51 -17.86 -9.50 -5.35
CA ALA A 51 -17.65 -8.29 -6.13
C ALA A 51 -18.79 -8.14 -7.14
N ALA A 52 -19.26 -9.28 -7.62
CA ALA A 52 -20.34 -9.29 -8.60
C ALA A 52 -21.64 -8.82 -7.91
N SER A 53 -21.72 -9.09 -6.63
CA SER A 53 -22.89 -8.71 -5.85
C SER A 53 -22.90 -7.20 -5.62
N SER A 54 -21.86 -6.73 -4.94
CA SER A 54 -21.74 -5.31 -4.65
C SER A 54 -21.93 -4.50 -5.93
N ILE A 55 -21.25 -4.93 -6.97
CA ILE A 55 -21.33 -4.25 -8.25
C ILE A 55 -22.78 -4.25 -8.72
N ALA A 56 -23.36 -5.44 -8.76
CA ALA A 56 -24.74 -5.59 -9.18
C ALA A 56 -25.61 -4.55 -8.47
N ALA A 57 -25.51 -4.54 -7.15
CA ALA A 57 -26.28 -3.60 -6.35
C ALA A 57 -26.14 -2.20 -6.94
N LYS A 58 -24.93 -1.66 -6.83
CA LYS A 58 -24.66 -0.33 -7.35
C LYS A 58 -25.56 0.68 -6.64
N MET A 59 -25.14 1.06 -5.45
CA MET A 59 -25.89 2.02 -4.66
C MET A 59 -25.06 2.51 -3.46
N MET A 60 -24.41 1.57 -2.80
CA MET A 60 -23.58 1.89 -1.65
C MET A 60 -24.36 2.73 -0.64
N SER A 61 -25.14 2.05 0.19
CA SER A 61 -25.94 2.72 1.20
C SER A 61 -25.03 3.24 2.32
N THR A 62 -25.59 4.14 3.11
CA THR A 62 -24.85 4.73 4.21
C THR A 62 -24.66 3.70 5.33
N ALA A 63 -23.43 3.57 5.76
CA ALA A 63 -23.10 2.63 6.83
C ALA A 63 -21.87 3.12 7.59
N ALA A 64 -21.85 2.83 8.88
CA ALA A 64 -20.74 3.23 9.72
C ALA A 64 -20.45 2.12 10.73
N ILE A 65 -19.92 1.02 10.22
CA ILE A 65 -19.58 -0.11 11.05
C ILE A 65 -18.35 0.23 11.90
N ALA A 66 -18.60 0.95 12.98
CA ALA A 66 -17.53 1.34 13.87
C ALA A 66 -16.56 2.27 13.13
N ASN A 67 -17.00 3.51 12.94
CA ASN A 67 -16.20 4.49 12.24
C ASN A 67 -15.98 4.04 10.80
N GLY A 68 -16.38 4.91 9.88
CA GLY A 68 -16.25 4.62 8.47
C GLY A 68 -16.68 5.81 7.61
N GLY A 69 -15.78 6.24 6.74
CA GLY A 69 -16.06 7.37 5.87
C GLY A 69 -14.88 7.67 4.96
N GLY A 70 -15.11 7.50 3.65
CA GLY A 70 -14.08 7.76 2.67
C GLY A 70 -13.58 6.45 2.04
N VAL A 71 -12.28 6.37 1.87
CA VAL A 71 -11.67 5.18 1.28
C VAL A 71 -11.09 4.30 2.39
N ALA A 72 -10.12 4.86 3.09
CA ALA A 72 -9.47 4.15 4.18
C ALA A 72 -10.18 4.48 5.49
N ALA A 73 -10.92 3.50 5.99
CA ALA A 73 -11.66 3.68 7.24
C ALA A 73 -12.19 2.32 7.71
N GLY A 74 -11.89 2.02 8.96
CA GLY A 74 -12.33 0.76 9.55
C GLY A 74 -11.15 -0.19 9.74
N SER A 75 -11.43 -1.47 9.56
CA SER A 75 -10.40 -2.49 9.71
C SER A 75 -9.19 -2.15 8.84
N LEU A 76 -9.48 -1.55 7.69
CA LEU A 76 -8.43 -1.16 6.77
C LEU A 76 -7.37 -0.34 7.52
N VAL A 77 -7.85 0.48 8.44
CA VAL A 77 -6.96 1.32 9.22
C VAL A 77 -5.86 0.46 9.84
N ALA A 78 -6.28 -0.70 10.36
CA ALA A 78 -5.34 -1.62 10.97
C ALA A 78 -4.43 -2.22 9.89
N ILE A 79 -5.00 -2.35 8.70
CA ILE A 79 -4.26 -2.91 7.58
C ILE A 79 -3.13 -1.96 7.20
N LEU A 80 -3.51 -0.75 6.80
CA LEU A 80 -2.54 0.26 6.41
C LEU A 80 -1.56 0.49 7.56
N GLN A 81 -2.08 0.34 8.77
CA GLN A 81 -1.26 0.54 9.96
C GLN A 81 -0.07 -0.43 9.95
N SER A 82 -0.40 -1.71 10.04
CA SER A 82 0.63 -2.73 10.05
C SER A 82 1.28 -2.83 8.66
N VAL A 83 0.49 -3.28 7.70
CA VAL A 83 0.97 -3.42 6.34
C VAL A 83 1.88 -2.23 6.00
N GLY A 84 1.44 -1.05 6.42
CA GLY A 84 2.21 0.16 6.18
C GLY A 84 3.57 0.10 6.87
N ALA A 85 3.53 -0.11 8.17
CA ALA A 85 4.75 -0.18 8.95
C ALA A 85 5.63 -1.32 8.42
N ALA A 86 5.16 -2.54 8.65
CA ALA A 86 5.89 -3.71 8.19
C ALA A 86 6.38 -3.48 6.76
N GLY A 87 5.42 -3.27 5.87
CA GLY A 87 5.74 -3.03 4.47
C GLY A 87 6.97 -2.13 4.34
N LEU A 88 6.78 -0.85 4.67
CA LEU A 88 7.85 0.12 4.58
C LEU A 88 9.10 -0.46 5.27
N SER A 89 8.86 -1.27 6.28
CA SER A 89 9.95 -1.88 7.01
C SER A 89 10.77 -2.79 6.08
N VAL A 90 10.21 -3.97 5.82
CA VAL A 90 10.87 -4.92 4.96
C VAL A 90 11.32 -4.22 3.68
N THR A 91 10.61 -3.16 3.33
CA THR A 91 10.91 -2.40 2.13
C THR A 91 12.31 -1.78 2.24
N SER A 92 12.37 -0.65 2.93
CA SER A 92 13.64 0.04 3.11
C SER A 92 14.74 -0.96 3.45
N LYS A 93 14.45 -1.81 4.42
CA LYS A 93 15.39 -2.82 4.85
C LYS A 93 15.90 -3.60 3.64
N VAL A 94 14.94 -4.10 2.86
CA VAL A 94 15.27 -4.86 1.66
C VAL A 94 16.16 -4.00 0.75
N ILE A 95 15.95 -2.71 0.83
CA ILE A 95 16.72 -1.77 0.01
C ILE A 95 18.09 -1.56 0.65
N GLY A 96 18.08 -0.84 1.77
CA GLY A 96 19.31 -0.56 2.48
C GLY A 96 19.26 0.81 3.16
N GLY A 97 18.18 1.02 3.90
CA GLY A 97 17.99 2.28 4.61
C GLY A 97 18.34 3.46 3.71
N PHE A 98 17.72 3.50 2.55
CA PHE A 98 17.95 4.56 1.59
C PHE A 98 19.44 4.96 1.57
N ALA A 99 20.20 4.24 0.77
CA ALA A 99 21.62 4.50 0.66
C ALA A 99 21.95 4.85 -0.80
N GLY A 100 21.66 3.91 -1.68
CA GLY A 100 21.91 4.11 -3.10
C GLY A 100 21.67 2.82 -3.89
N THR A 101 22.62 1.91 -3.79
CA THR A 101 22.52 0.63 -4.48
C THR A 101 21.16 0.00 -4.23
N ALA A 102 20.36 -0.06 -5.28
CA ALA A 102 19.03 -0.65 -5.18
C ALA A 102 18.40 -0.70 -6.57
N LEU A 103 17.12 -1.09 -6.59
CA LEU A 103 16.39 -1.17 -7.84
C LEU A 103 17.30 -1.77 -8.92
N GLY A 104 17.85 -2.93 -8.60
CA GLY A 104 18.75 -3.61 -9.52
C GLY A 104 19.92 -4.27 -8.78
N ALA A 105 19.86 -5.60 -8.72
CA ALA A 105 20.91 -6.35 -8.05
C ALA A 105 20.88 -6.02 -6.55
N TRP A 106 20.11 -6.82 -5.82
CA TRP A 106 19.99 -6.62 -4.38
C TRP A 106 21.20 -7.28 -3.72
N LEU A 107 21.81 -6.54 -2.80
CA LEU A 107 22.98 -7.04 -2.09
C LEU A 107 22.66 -8.41 -1.50
N GLY A 108 21.43 -8.54 -1.00
CA GLY A 108 20.99 -9.79 -0.41
C GLY A 108 21.92 -10.22 0.73
N SER A 109 21.75 -9.55 1.86
CA SER A 109 22.56 -9.85 3.03
C SER A 109 21.89 -9.30 4.29
N PRO A 110 21.07 -10.17 4.94
CA PRO A 110 20.37 -9.77 6.15
C PRO A 110 21.32 -9.72 7.35
N PRO A 111 21.05 -8.74 8.25
CA PRO A 111 21.88 -8.58 9.43
C PRO A 111 21.58 -9.67 10.47
N SER A 112 22.21 -10.81 10.27
CA SER A 112 22.03 -11.94 11.17
C SER A 112 22.92 -13.10 10.74
N SER A 113 23.82 -13.48 11.65
CA SER A 113 24.74 -14.58 11.39
C SER A 113 24.91 -15.43 12.64
N MET A 10 15.61 10.92 4.89
CA MET A 10 14.35 11.32 5.49
C MET A 10 14.22 12.85 5.51
N GLY A 11 13.26 13.34 4.73
CA GLY A 11 13.02 14.77 4.65
C GLY A 11 11.52 15.08 4.75
N LYS A 12 11.23 16.26 5.26
CA LYS A 12 9.85 16.70 5.41
C LYS A 12 9.15 15.78 6.42
N GLU A 13 8.65 16.39 7.48
CA GLU A 13 7.95 15.65 8.52
C GLU A 13 6.44 15.73 8.31
N SER A 14 5.93 16.96 8.33
CA SER A 14 4.51 17.19 8.14
C SER A 14 4.18 17.21 6.65
N GLY A 15 3.12 16.52 6.30
CA GLY A 15 2.69 16.45 4.91
C GLY A 15 3.12 15.15 4.26
N TRP A 16 4.44 15.02 4.09
CA TRP A 16 5.00 13.83 3.47
C TRP A 16 4.23 13.56 2.18
N ASP A 17 4.65 14.23 1.12
CA ASP A 17 4.02 14.07 -0.17
C ASP A 17 4.76 14.91 -1.22
N SER A 18 5.50 14.21 -2.07
CA SER A 18 6.26 14.87 -3.12
C SER A 18 5.31 15.63 -4.05
N GLY A 19 5.91 16.32 -5.02
CA GLY A 19 5.14 17.08 -5.98
C GLY A 19 4.60 16.18 -7.10
N ARG A 20 5.09 16.43 -8.30
CA ARG A 20 4.67 15.65 -9.46
C ARG A 20 5.30 14.25 -9.41
N ALA A 21 6.60 14.24 -9.20
CA ALA A 21 7.33 12.98 -9.13
C ALA A 21 6.54 11.98 -8.29
N ALA A 22 5.99 12.47 -7.19
CA ALA A 22 5.22 11.63 -6.30
C ALA A 22 4.34 10.70 -7.13
N VAL A 23 3.57 11.30 -8.02
CA VAL A 23 2.67 10.54 -8.88
C VAL A 23 3.38 9.27 -9.35
N ALA A 24 4.57 9.47 -9.92
CA ALA A 24 5.35 8.35 -10.41
C ALA A 24 5.61 7.36 -9.27
N ALA A 25 6.00 7.92 -8.13
CA ALA A 25 6.29 7.12 -6.96
C ALA A 25 5.05 6.27 -6.63
N VAL A 26 3.90 6.77 -7.03
CA VAL A 26 2.65 6.08 -6.78
C VAL A 26 2.45 5.00 -7.85
N VAL A 27 2.91 5.32 -9.05
CA VAL A 27 2.78 4.38 -10.16
C VAL A 27 3.92 3.35 -10.09
N GLY A 28 4.95 3.71 -9.35
CA GLY A 28 6.10 2.84 -9.19
C GLY A 28 5.73 1.60 -8.38
N GLY A 29 5.50 0.50 -9.11
CA GLY A 29 5.13 -0.75 -8.47
C GLY A 29 3.67 -1.09 -8.72
N VAL A 30 3.24 -0.83 -9.95
CA VAL A 30 1.86 -1.11 -10.33
C VAL A 30 1.52 -2.55 -9.97
N VAL A 31 2.20 -3.48 -10.64
CA VAL A 31 1.98 -4.89 -10.40
C VAL A 31 2.03 -5.17 -8.89
N ALA A 32 3.04 -4.59 -8.26
CA ALA A 32 3.21 -4.76 -6.82
C ALA A 32 1.91 -4.38 -6.11
N VAL A 33 1.30 -3.30 -6.59
CA VAL A 33 0.06 -2.82 -6.01
C VAL A 33 -1.07 -3.79 -6.35
N GLY A 34 -0.91 -4.45 -7.49
CA GLY A 34 -1.90 -5.40 -7.95
C GLY A 34 -1.91 -6.65 -7.06
N THR A 35 -0.74 -7.26 -6.93
CA THR A 35 -0.61 -8.45 -6.12
C THR A 35 -0.99 -8.15 -4.67
N VAL A 36 -0.42 -7.08 -4.14
CA VAL A 36 -0.69 -6.69 -2.77
C VAL A 36 -2.21 -6.52 -2.59
N LEU A 37 -2.79 -5.68 -3.44
CA LEU A 37 -4.22 -5.44 -3.38
C LEU A 37 -4.96 -6.77 -3.38
N VAL A 38 -4.73 -7.55 -4.42
CA VAL A 38 -5.37 -8.85 -4.55
C VAL A 38 -5.23 -9.61 -3.24
N ALA A 39 -4.11 -9.38 -2.58
CA ALA A 39 -3.84 -10.05 -1.31
C ALA A 39 -4.85 -9.58 -0.27
N LEU A 40 -5.00 -8.27 -0.18
CA LEU A 40 -5.93 -7.67 0.77
C LEU A 40 -7.35 -8.06 0.38
N SER A 41 -7.78 -7.55 -0.76
CA SER A 41 -9.12 -7.83 -1.25
C SER A 41 -9.46 -9.30 -1.03
N ALA A 42 -8.67 -10.16 -1.67
CA ALA A 42 -8.89 -11.59 -1.56
C ALA A 42 -9.22 -11.94 -0.10
N MET A 43 -8.28 -11.63 0.78
CA MET A 43 -8.47 -11.90 2.20
C MET A 43 -8.43 -13.41 2.48
N GLY A 44 -9.34 -14.12 1.83
CA GLY A 44 -9.43 -15.56 2.01
C GLY A 44 -9.49 -16.27 0.64
N PHE A 45 -10.63 -16.11 -0.01
CA PHE A 45 -10.82 -16.72 -1.32
C PHE A 45 -12.17 -16.30 -1.92
N THR A 46 -12.46 -15.01 -1.79
CA THR A 46 -13.70 -14.47 -2.32
C THR A 46 -13.51 -13.01 -2.74
N SER A 47 -14.31 -12.59 -3.70
CA SER A 47 -14.24 -11.23 -4.19
C SER A 47 -15.04 -11.11 -5.49
N VAL A 48 -15.07 -12.20 -6.24
CA VAL A 48 -15.79 -12.23 -7.50
C VAL A 48 -17.27 -11.92 -7.24
N GLY A 49 -18.03 -12.99 -7.04
CA GLY A 49 -19.45 -12.86 -6.79
C GLY A 49 -19.74 -11.68 -5.85
N ILE A 50 -18.98 -11.62 -4.77
CA ILE A 50 -19.14 -10.55 -3.80
C ILE A 50 -19.13 -9.20 -4.53
N ALA A 51 -18.10 -9.01 -5.34
CA ALA A 51 -17.97 -7.78 -6.11
C ALA A 51 -19.20 -7.60 -7.00
N ALA A 52 -19.73 -8.73 -7.45
CA ALA A 52 -20.90 -8.71 -8.31
C ALA A 52 -22.11 -8.24 -7.51
N SER A 53 -22.07 -8.52 -6.21
CA SER A 53 -23.16 -8.14 -5.33
C SER A 53 -23.08 -6.65 -5.02
N SER A 54 -21.93 -6.24 -4.50
CA SER A 54 -21.71 -4.85 -4.15
C SER A 54 -22.03 -3.96 -5.36
N ILE A 55 -21.57 -4.40 -6.52
CA ILE A 55 -21.81 -3.65 -7.75
C ILE A 55 -23.31 -3.64 -8.06
N ALA A 56 -23.89 -4.83 -8.08
CA ALA A 56 -25.31 -4.98 -8.35
C ALA A 56 -26.09 -3.95 -7.53
N ALA A 57 -25.68 -3.81 -6.27
CA ALA A 57 -26.33 -2.88 -5.38
C ALA A 57 -26.05 -1.44 -5.84
N LYS A 58 -24.76 -1.14 -5.97
CA LYS A 58 -24.34 0.18 -6.41
C LYS A 58 -24.61 1.19 -5.28
N MET A 59 -25.89 1.48 -5.08
CA MET A 59 -26.29 2.41 -4.06
C MET A 59 -26.76 1.68 -2.79
N MET A 60 -26.69 2.39 -1.68
CA MET A 60 -27.10 1.82 -0.41
C MET A 60 -26.54 0.41 -0.23
N SER A 61 -25.29 0.36 0.21
CA SER A 61 -24.63 -0.92 0.42
C SER A 61 -23.40 -0.73 1.31
N THR A 62 -23.62 -0.90 2.60
CA THR A 62 -22.54 -0.76 3.57
C THR A 62 -22.91 -1.43 4.89
N ALA A 63 -21.89 -1.76 5.67
CA ALA A 63 -22.10 -2.40 6.95
C ALA A 63 -21.24 -1.71 8.02
N ALA A 64 -21.56 -1.99 9.27
CA ALA A 64 -20.83 -1.40 10.38
C ALA A 64 -20.73 0.11 10.16
N ILE A 65 -21.85 0.79 10.32
CA ILE A 65 -21.89 2.23 10.15
C ILE A 65 -21.52 2.91 11.47
N ALA A 66 -20.22 2.94 11.74
CA ALA A 66 -19.72 3.56 12.96
C ALA A 66 -18.44 4.33 12.65
N ASN A 67 -18.63 5.60 12.31
CA ASN A 67 -17.51 6.47 11.99
C ASN A 67 -16.80 5.93 10.74
N GLY A 68 -17.25 6.41 9.58
CA GLY A 68 -16.68 5.98 8.33
C GLY A 68 -16.87 7.05 7.25
N GLY A 69 -15.99 7.02 6.26
CA GLY A 69 -16.05 7.98 5.17
C GLY A 69 -14.83 7.85 4.25
N GLY A 70 -14.93 6.91 3.32
CA GLY A 70 -13.86 6.68 2.37
C GLY A 70 -13.48 5.19 2.33
N VAL A 71 -12.21 4.94 2.05
CA VAL A 71 -11.72 3.58 1.98
C VAL A 71 -10.75 3.34 3.13
N ALA A 72 -9.94 4.35 3.41
CA ALA A 72 -8.96 4.26 4.48
C ALA A 72 -9.63 3.66 5.72
N ALA A 73 -10.66 4.35 6.21
CA ALA A 73 -11.39 3.90 7.38
C ALA A 73 -11.76 2.42 7.20
N GLY A 74 -11.92 1.75 8.33
CA GLY A 74 -12.27 0.34 8.32
C GLY A 74 -11.10 -0.51 8.83
N SER A 75 -11.41 -1.78 9.10
CA SER A 75 -10.42 -2.71 9.60
C SER A 75 -9.19 -2.68 8.68
N LEU A 76 -9.45 -2.47 7.41
CA LEU A 76 -8.37 -2.43 6.42
C LEU A 76 -7.29 -1.47 6.91
N VAL A 77 -7.73 -0.33 7.42
CA VAL A 77 -6.82 0.68 7.92
C VAL A 77 -5.77 0.01 8.82
N ALA A 78 -6.25 -0.89 9.66
CA ALA A 78 -5.38 -1.62 10.58
C ALA A 78 -4.21 -2.21 9.79
N ILE A 79 -4.54 -2.83 8.67
CA ILE A 79 -3.53 -3.45 7.83
C ILE A 79 -2.76 -2.36 7.08
N LEU A 80 -3.45 -1.25 6.84
CA LEU A 80 -2.85 -0.13 6.15
C LEU A 80 -1.65 0.39 6.95
N GLN A 81 -1.89 0.59 8.24
CA GLN A 81 -0.85 1.08 9.12
C GLN A 81 0.22 0.00 9.33
N SER A 82 -0.24 -1.19 9.68
CA SER A 82 0.66 -2.30 9.90
C SER A 82 1.53 -2.53 8.67
N VAL A 83 0.89 -3.03 7.62
CA VAL A 83 1.58 -3.29 6.38
C VAL A 83 2.27 -2.02 5.89
N GLY A 84 1.66 -0.89 6.25
CA GLY A 84 2.19 0.40 5.85
C GLY A 84 3.62 0.58 6.36
N ALA A 85 3.75 0.72 7.67
CA ALA A 85 5.05 0.90 8.29
C ALA A 85 5.85 -0.40 8.17
N ALA A 86 5.30 -1.44 8.75
CA ALA A 86 5.95 -2.75 8.71
C ALA A 86 6.48 -3.01 7.31
N GLY A 87 5.57 -2.95 6.34
CA GLY A 87 5.94 -3.17 4.95
C GLY A 87 7.10 -2.26 4.54
N LEU A 88 6.79 -0.98 4.43
CA LEU A 88 7.79 -0.01 4.04
C LEU A 88 9.12 -0.33 4.73
N SER A 89 9.00 -0.85 5.94
CA SER A 89 10.17 -1.22 6.72
C SER A 89 10.93 -2.35 6.03
N VAL A 90 10.41 -3.56 6.18
CA VAL A 90 11.03 -4.72 5.58
C VAL A 90 11.44 -4.39 4.13
N THR A 91 10.70 -3.45 3.56
CA THR A 91 10.96 -3.04 2.18
C THR A 91 12.34 -2.36 2.09
N SER A 92 12.35 -1.08 2.42
CA SER A 92 13.57 -0.30 2.38
C SER A 92 14.71 -1.09 3.04
N LYS A 93 14.39 -1.71 4.16
CA LYS A 93 15.36 -2.49 4.90
C LYS A 93 16.05 -3.46 3.94
N VAL A 94 15.25 -4.28 3.29
CA VAL A 94 15.76 -5.26 2.35
C VAL A 94 16.47 -4.53 1.21
N ILE A 95 16.06 -3.29 0.99
CA ILE A 95 16.65 -2.48 -0.07
C ILE A 95 18.01 -1.97 0.39
N GLY A 96 17.98 -0.97 1.27
CA GLY A 96 19.20 -0.39 1.79
C GLY A 96 18.98 1.07 2.19
N GLY A 97 18.12 1.25 3.19
CA GLY A 97 17.82 2.59 3.67
C GLY A 97 17.77 3.59 2.52
N PHE A 98 18.79 4.42 2.45
CA PHE A 98 18.88 5.43 1.42
C PHE A 98 20.33 5.83 1.15
N ALA A 99 20.96 5.10 0.25
CA ALA A 99 22.35 5.37 -0.10
C ALA A 99 22.45 5.64 -1.61
N GLY A 100 23.66 5.97 -2.03
CA GLY A 100 23.90 6.27 -3.44
C GLY A 100 23.32 5.17 -4.33
N THR A 101 24.10 4.12 -4.52
CA THR A 101 23.66 3.00 -5.34
C THR A 101 22.19 2.69 -5.09
N ALA A 102 21.47 2.46 -6.18
CA ALA A 102 20.06 2.15 -6.08
C ALA A 102 19.52 1.82 -7.48
N LEU A 103 18.55 0.92 -7.52
CA LEU A 103 17.94 0.52 -8.78
C LEU A 103 19.04 0.21 -9.79
N GLY A 104 19.81 -0.83 -9.49
CA GLY A 104 20.89 -1.24 -10.36
C GLY A 104 22.05 -1.85 -9.56
N ALA A 105 21.98 -3.16 -9.39
CA ALA A 105 23.01 -3.87 -8.65
C ALA A 105 22.55 -5.31 -8.41
N TRP A 106 23.42 -6.07 -7.75
CA TRP A 106 23.11 -7.46 -7.46
C TRP A 106 23.12 -7.63 -5.94
N LEU A 107 22.20 -6.93 -5.29
CA LEU A 107 22.09 -6.99 -3.85
C LEU A 107 23.39 -6.51 -3.21
N GLY A 108 23.27 -6.04 -1.97
CA GLY A 108 24.43 -5.54 -1.25
C GLY A 108 24.32 -5.87 0.24
N SER A 109 25.31 -6.63 0.72
CA SER A 109 25.33 -7.02 2.12
C SER A 109 23.93 -7.41 2.59
N PRO A 110 23.52 -8.64 2.19
CA PRO A 110 22.21 -9.14 2.56
C PRO A 110 22.17 -9.57 4.03
N PRO A 111 20.94 -9.56 4.60
CA PRO A 111 20.76 -9.95 5.99
C PRO A 111 20.88 -11.46 6.17
N SER A 112 21.88 -11.85 6.93
CA SER A 112 22.12 -13.27 7.18
C SER A 112 22.06 -14.06 5.87
N SER A 113 23.20 -14.10 5.20
CA SER A 113 23.30 -14.82 3.93
C SER A 113 23.39 -16.32 4.18
N MET A 10 -2.56 24.13 8.23
CA MET A 10 -2.45 22.76 7.74
C MET A 10 -0.99 22.42 7.38
N GLY A 11 -0.69 21.14 7.47
CA GLY A 11 0.66 20.67 7.16
C GLY A 11 1.26 19.91 8.34
N LYS A 12 0.52 18.93 8.82
CA LYS A 12 0.95 18.13 9.95
C LYS A 12 2.20 17.33 9.53
N GLU A 13 1.98 16.39 8.62
CA GLU A 13 3.07 15.56 8.13
C GLU A 13 4.31 16.41 7.84
N SER A 14 4.13 17.36 6.95
CA SER A 14 5.22 18.25 6.57
C SER A 14 6.43 17.43 6.15
N GLY A 15 6.37 16.91 4.94
CA GLY A 15 7.46 16.11 4.41
C GLY A 15 7.88 16.59 3.03
N TRP A 16 8.00 15.64 2.11
CA TRP A 16 8.39 15.96 0.74
C TRP A 16 8.32 14.67 -0.08
N ASP A 17 7.20 14.49 -0.76
CA ASP A 17 7.00 13.32 -1.58
C ASP A 17 5.86 13.57 -2.56
N SER A 18 6.19 14.31 -3.62
CA SER A 18 5.21 14.63 -4.64
C SER A 18 5.88 15.37 -5.80
N GLY A 19 5.06 15.92 -6.67
CA GLY A 19 5.55 16.66 -7.82
C GLY A 19 5.74 15.74 -9.02
N ARG A 20 6.45 16.25 -10.01
CA ARG A 20 6.71 15.48 -11.22
C ARG A 20 7.17 14.06 -10.87
N ALA A 21 8.11 14.00 -9.94
CA ALA A 21 8.64 12.71 -9.51
C ALA A 21 7.48 11.73 -9.32
N ALA A 22 6.39 12.24 -8.77
CA ALA A 22 5.22 11.42 -8.53
C ALA A 22 4.98 10.51 -9.74
N VAL A 23 4.87 11.14 -10.90
CA VAL A 23 4.64 10.40 -12.12
C VAL A 23 5.59 9.19 -12.17
N ALA A 24 6.85 9.47 -11.90
CA ALA A 24 7.85 8.42 -11.91
C ALA A 24 7.42 7.29 -10.97
N ALA A 25 6.96 7.69 -9.81
CA ALA A 25 6.50 6.73 -8.81
C ALA A 25 5.33 5.93 -9.38
N VAL A 26 4.58 6.57 -10.26
CA VAL A 26 3.44 5.93 -10.87
C VAL A 26 3.91 5.07 -12.04
N VAL A 27 5.11 5.39 -12.53
CA VAL A 27 5.69 4.65 -13.64
C VAL A 27 6.15 3.28 -13.15
N GLY A 28 6.34 3.19 -11.83
CA GLY A 28 6.78 1.95 -11.23
C GLY A 28 6.24 1.82 -9.80
N GLY A 29 5.33 0.85 -9.64
CA GLY A 29 4.74 0.61 -8.33
C GLY A 29 3.30 0.10 -8.48
N VAL A 30 2.68 0.49 -9.58
CA VAL A 30 1.31 0.08 -9.85
C VAL A 30 1.17 -1.42 -9.60
N VAL A 31 2.04 -2.18 -10.24
CA VAL A 31 2.03 -3.63 -10.09
C VAL A 31 2.01 -3.98 -8.59
N ALA A 32 2.91 -3.34 -7.86
CA ALA A 32 3.00 -3.57 -6.43
C ALA A 32 1.63 -3.33 -5.78
N VAL A 33 0.94 -2.33 -6.29
CA VAL A 33 -0.38 -2.00 -5.78
C VAL A 33 -1.37 -3.08 -6.18
N GLY A 34 -1.10 -3.72 -7.31
CA GLY A 34 -1.95 -4.77 -7.82
C GLY A 34 -1.91 -5.99 -6.89
N THR A 35 -0.70 -6.51 -6.70
CA THR A 35 -0.50 -7.67 -5.85
C THR A 35 -0.98 -7.37 -4.42
N VAL A 36 -0.56 -6.22 -3.93
CA VAL A 36 -0.93 -5.81 -2.59
C VAL A 36 -2.45 -5.91 -2.43
N LEU A 37 -3.15 -5.26 -3.34
CA LEU A 37 -4.61 -5.26 -3.31
C LEU A 37 -5.10 -6.71 -3.32
N VAL A 38 -4.51 -7.49 -4.22
CA VAL A 38 -4.89 -8.89 -4.34
C VAL A 38 -4.72 -9.59 -2.99
N ALA A 39 -3.76 -9.08 -2.21
CA ALA A 39 -3.49 -9.64 -0.89
C ALA A 39 -4.64 -9.29 0.04
N LEU A 40 -4.85 -7.99 0.22
CA LEU A 40 -5.91 -7.51 1.09
C LEU A 40 -7.22 -8.23 0.74
N SER A 41 -7.43 -8.42 -0.55
CA SER A 41 -8.63 -9.09 -1.02
C SER A 41 -8.61 -10.55 -0.59
N ALA A 42 -7.55 -11.25 -1.01
CA ALA A 42 -7.40 -12.65 -0.68
C ALA A 42 -6.66 -12.78 0.66
N MET A 43 -7.08 -11.97 1.61
CA MET A 43 -6.47 -11.97 2.93
C MET A 43 -7.33 -12.75 3.93
N GLY A 44 -8.14 -13.65 3.38
CA GLY A 44 -9.01 -14.46 4.22
C GLY A 44 -10.48 -14.01 4.08
N PHE A 45 -10.91 -13.86 2.84
CA PHE A 45 -12.27 -13.43 2.57
C PHE A 45 -12.62 -13.61 1.09
N THR A 46 -11.65 -13.28 0.25
CA THR A 46 -11.84 -13.39 -1.19
C THR A 46 -12.97 -12.48 -1.66
N SER A 47 -12.94 -12.16 -2.94
CA SER A 47 -13.95 -11.29 -3.52
C SER A 47 -15.01 -12.14 -4.24
N VAL A 48 -14.57 -12.76 -5.33
CA VAL A 48 -15.46 -13.60 -6.12
C VAL A 48 -16.62 -12.74 -6.65
N GLY A 49 -17.30 -13.29 -7.64
CA GLY A 49 -18.43 -12.59 -8.23
C GLY A 49 -19.26 -11.87 -7.17
N ILE A 50 -19.53 -12.58 -6.09
CA ILE A 50 -20.30 -12.02 -5.00
C ILE A 50 -19.78 -10.62 -4.68
N ALA A 51 -18.50 -10.55 -4.39
CA ALA A 51 -17.87 -9.29 -4.07
C ALA A 51 -18.02 -8.33 -5.25
N ALA A 52 -17.98 -8.90 -6.44
CA ALA A 52 -18.12 -8.11 -7.65
C ALA A 52 -19.51 -7.47 -7.68
N SER A 53 -20.46 -8.16 -7.07
CA SER A 53 -21.83 -7.68 -7.03
C SER A 53 -21.95 -6.55 -6.00
N SER A 54 -21.49 -6.85 -4.80
CA SER A 54 -21.54 -5.87 -3.72
C SER A 54 -20.90 -4.55 -4.17
N ILE A 55 -19.82 -4.69 -4.95
CA ILE A 55 -19.12 -3.53 -5.46
C ILE A 55 -19.98 -2.82 -6.51
N ALA A 56 -20.41 -3.60 -7.49
CA ALA A 56 -21.24 -3.07 -8.56
C ALA A 56 -22.36 -2.22 -7.95
N ALA A 57 -23.04 -2.80 -6.99
CA ALA A 57 -24.14 -2.12 -6.32
C ALA A 57 -23.76 -0.66 -6.09
N LYS A 58 -22.78 -0.46 -5.22
CA LYS A 58 -22.31 0.88 -4.90
C LYS A 58 -21.18 0.79 -3.87
N MET A 59 -20.69 1.96 -3.49
CA MET A 59 -19.61 2.03 -2.52
C MET A 59 -19.38 3.47 -2.06
N MET A 60 -20.41 4.04 -1.46
CA MET A 60 -20.33 5.41 -0.97
C MET A 60 -21.46 5.72 0.00
N SER A 61 -21.15 6.57 0.97
CA SER A 61 -22.14 6.96 1.97
C SER A 61 -21.50 7.86 3.01
N THR A 62 -22.33 8.34 3.93
CA THR A 62 -21.85 9.22 4.99
C THR A 62 -20.50 8.74 5.51
N ALA A 63 -20.36 7.43 5.60
CA ALA A 63 -19.13 6.84 6.08
C ALA A 63 -18.81 7.39 7.47
N ALA A 64 -17.81 6.79 8.10
CA ALA A 64 -17.40 7.21 9.43
C ALA A 64 -18.52 6.93 10.42
N ILE A 65 -18.96 5.67 10.44
CA ILE A 65 -20.03 5.26 11.34
C ILE A 65 -19.42 4.58 12.57
N ALA A 66 -18.63 5.36 13.29
CA ALA A 66 -17.99 4.85 14.50
C ALA A 66 -16.84 3.90 14.10
N ASN A 67 -17.23 2.67 13.79
CA ASN A 67 -16.24 1.67 13.38
C ASN A 67 -16.79 0.88 12.19
N GLY A 68 -15.94 0.77 11.17
CA GLY A 68 -16.32 0.06 9.96
C GLY A 68 -16.45 1.01 8.78
N GLY A 69 -17.25 2.04 8.97
CA GLY A 69 -17.48 3.03 7.93
C GLY A 69 -16.15 3.58 7.41
N GLY A 70 -16.23 4.31 6.31
CA GLY A 70 -15.05 4.91 5.71
C GLY A 70 -14.14 3.83 5.13
N VAL A 71 -13.07 4.29 4.49
CA VAL A 71 -12.11 3.38 3.89
C VAL A 71 -11.16 2.86 4.97
N ALA A 72 -10.27 3.74 5.40
CA ALA A 72 -9.30 3.38 6.43
C ALA A 72 -10.04 3.08 7.73
N ALA A 73 -10.75 4.08 8.21
CA ALA A 73 -11.51 3.93 9.45
C ALA A 73 -12.19 2.56 9.47
N GLY A 74 -11.81 1.76 10.44
CA GLY A 74 -12.37 0.43 10.58
C GLY A 74 -11.27 -0.63 10.72
N SER A 75 -11.63 -1.87 10.42
CA SER A 75 -10.68 -2.97 10.51
C SER A 75 -9.41 -2.63 9.73
N LEU A 76 -9.60 -1.91 8.64
CA LEU A 76 -8.49 -1.51 7.79
C LEU A 76 -7.39 -0.90 8.67
N VAL A 77 -7.83 -0.20 9.71
CA VAL A 77 -6.90 0.44 10.62
C VAL A 77 -5.83 -0.57 11.05
N ALA A 78 -6.30 -1.74 11.45
CA ALA A 78 -5.40 -2.79 11.89
C ALA A 78 -4.52 -3.23 10.71
N ILE A 79 -5.11 -3.17 9.53
CA ILE A 79 -4.40 -3.55 8.32
C ILE A 79 -3.24 -2.59 8.10
N LEU A 80 -3.58 -1.34 7.83
CA LEU A 80 -2.57 -0.32 7.59
C LEU A 80 -1.52 -0.38 8.71
N GLN A 81 -1.99 -0.70 9.90
CA GLN A 81 -1.11 -0.79 11.05
C GLN A 81 0.01 -1.81 10.79
N SER A 82 -0.40 -3.07 10.69
CA SER A 82 0.54 -4.14 10.44
C SER A 82 1.11 -4.01 9.02
N VAL A 83 0.24 -4.24 8.04
CA VAL A 83 0.65 -4.16 6.65
C VAL A 83 1.61 -2.98 6.48
N GLY A 84 1.15 -1.81 6.92
CA GLY A 84 1.96 -0.61 6.81
C GLY A 84 3.26 -0.74 7.62
N ALA A 85 3.12 -1.35 8.80
CA ALA A 85 4.26 -1.54 9.67
C ALA A 85 5.30 -2.41 8.96
N ALA A 86 5.02 -3.71 8.95
CA ALA A 86 5.92 -4.66 8.30
C ALA A 86 6.27 -4.16 6.91
N GLY A 87 5.24 -3.99 6.09
CA GLY A 87 5.44 -3.52 4.73
C GLY A 87 6.53 -2.45 4.67
N LEU A 88 6.21 -1.28 5.20
CA LEU A 88 7.15 -0.18 5.22
C LEU A 88 8.49 -0.66 5.78
N SER A 89 8.39 -1.62 6.70
CA SER A 89 9.58 -2.17 7.33
C SER A 89 10.47 -2.84 6.27
N VAL A 90 10.05 -4.02 5.86
CA VAL A 90 10.81 -4.76 4.86
C VAL A 90 11.09 -3.86 3.66
N THR A 91 10.23 -2.88 3.48
CA THR A 91 10.37 -1.94 2.38
C THR A 91 11.69 -1.17 2.52
N SER A 92 11.65 -0.13 3.34
CA SER A 92 12.82 0.70 3.58
C SER A 92 14.05 -0.19 3.78
N LYS A 93 13.88 -1.18 4.65
CA LYS A 93 14.97 -2.10 4.94
C LYS A 93 15.54 -2.65 3.63
N VAL A 94 14.65 -3.18 2.80
CA VAL A 94 15.05 -3.73 1.52
C VAL A 94 15.75 -2.65 0.70
N ILE A 95 15.36 -1.41 0.95
CA ILE A 95 15.93 -0.28 0.23
C ILE A 95 17.27 0.08 0.88
N GLY A 96 17.18 0.78 2.01
CA GLY A 96 18.36 1.19 2.73
C GLY A 96 18.29 2.67 3.11
N GLY A 97 17.90 2.91 4.35
CA GLY A 97 17.78 4.27 4.86
C GLY A 97 18.94 5.15 4.36
N PHE A 98 18.65 5.92 3.32
CA PHE A 98 19.64 6.79 2.74
C PHE A 98 20.98 6.06 2.57
N ALA A 99 21.14 5.44 1.42
CA ALA A 99 22.36 4.71 1.12
C ALA A 99 22.64 4.78 -0.38
N GLY A 100 23.59 5.64 -0.72
CA GLY A 100 23.97 5.81 -2.11
C GLY A 100 22.74 5.76 -3.03
N THR A 101 22.53 4.59 -3.61
CA THR A 101 21.40 4.39 -4.50
C THR A 101 20.32 3.55 -3.81
N ALA A 102 20.56 2.24 -3.79
CA ALA A 102 19.61 1.32 -3.17
C ALA A 102 18.20 1.58 -3.73
N LEU A 103 18.02 1.16 -4.97
CA LEU A 103 16.73 1.34 -5.63
C LEU A 103 16.79 0.72 -7.02
N GLY A 104 17.87 1.04 -7.73
CA GLY A 104 18.07 0.52 -9.08
C GLY A 104 18.03 -1.00 -9.09
N ALA A 105 19.21 -1.59 -9.05
CA ALA A 105 19.33 -3.03 -9.04
C ALA A 105 19.97 -3.49 -7.73
N TRP A 106 19.40 -3.02 -6.64
CA TRP A 106 19.90 -3.37 -5.32
C TRP A 106 21.36 -2.93 -5.24
N LEU A 107 21.57 -1.79 -4.59
CA LEU A 107 22.91 -1.25 -4.44
C LEU A 107 23.16 -0.96 -2.96
N GLY A 108 23.09 -2.01 -2.16
CA GLY A 108 23.32 -1.89 -0.73
C GLY A 108 23.59 -3.25 -0.09
N SER A 109 24.39 -3.23 0.96
CA SER A 109 24.73 -4.45 1.67
C SER A 109 23.55 -4.90 2.54
N PRO A 110 23.36 -6.24 2.59
CA PRO A 110 22.28 -6.81 3.39
C PRO A 110 22.61 -6.76 4.88
N PRO A 111 21.53 -6.73 5.70
CA PRO A 111 21.69 -6.68 7.15
C PRO A 111 22.13 -8.04 7.70
N SER A 112 23.33 -8.45 7.31
CA SER A 112 23.87 -9.72 7.76
C SER A 112 22.98 -10.87 7.25
N SER A 113 23.19 -11.21 5.99
CA SER A 113 22.43 -12.29 5.37
C SER A 113 23.05 -13.64 5.74
N MET A 10 17.45 10.26 -2.53
CA MET A 10 16.13 10.03 -1.96
C MET A 10 15.67 11.24 -1.14
N GLY A 11 16.51 11.61 -0.19
CA GLY A 11 16.20 12.75 0.67
C GLY A 11 15.89 12.29 2.09
N LYS A 12 16.31 13.10 3.05
CA LYS A 12 16.08 12.79 4.45
C LYS A 12 16.16 14.08 5.28
N GLU A 13 15.19 14.95 5.03
CA GLU A 13 15.13 16.22 5.74
C GLU A 13 13.71 16.78 5.72
N SER A 14 13.29 17.28 6.86
CA SER A 14 11.96 17.86 6.97
C SER A 14 10.91 16.78 6.70
N GLY A 15 9.66 17.13 6.99
CA GLY A 15 8.56 16.21 6.78
C GLY A 15 8.50 15.75 5.32
N TRP A 16 8.40 14.44 5.16
CA TRP A 16 8.33 13.86 3.83
C TRP A 16 7.06 14.36 3.16
N ASP A 17 7.22 14.79 1.91
CA ASP A 17 6.09 15.30 1.14
C ASP A 17 6.49 15.39 -0.34
N SER A 18 5.57 14.95 -1.18
CA SER A 18 5.81 14.98 -2.62
C SER A 18 4.57 15.50 -3.34
N GLY A 19 4.81 16.30 -4.37
CA GLY A 19 3.74 16.87 -5.15
C GLY A 19 3.47 16.04 -6.41
N ARG A 20 3.68 16.69 -7.55
CA ARG A 20 3.48 16.03 -8.83
C ARG A 20 4.28 14.74 -8.90
N ALA A 21 5.58 14.88 -8.69
CA ALA A 21 6.48 13.74 -8.72
C ALA A 21 5.81 12.55 -8.02
N ALA A 22 5.13 12.86 -6.94
CA ALA A 22 4.44 11.83 -6.17
C ALA A 22 3.73 10.87 -7.13
N VAL A 23 2.86 11.44 -7.94
CA VAL A 23 2.11 10.65 -8.91
C VAL A 23 3.06 9.69 -9.62
N ALA A 24 4.19 10.23 -10.04
CA ALA A 24 5.19 9.43 -10.72
C ALA A 24 5.55 8.22 -9.86
N ALA A 25 5.79 8.49 -8.59
CA ALA A 25 6.14 7.43 -7.65
C ALA A 25 4.98 6.45 -7.55
N VAL A 26 3.78 6.95 -7.80
CA VAL A 26 2.59 6.14 -7.74
C VAL A 26 2.44 5.34 -9.04
N VAL A 27 3.08 5.86 -10.08
CA VAL A 27 3.03 5.22 -11.38
C VAL A 27 3.89 3.94 -11.35
N GLY A 28 5.00 4.03 -10.64
CA GLY A 28 5.91 2.91 -10.53
C GLY A 28 5.48 1.97 -9.39
N GLY A 29 5.24 0.72 -9.75
CA GLY A 29 4.83 -0.27 -8.78
C GLY A 29 3.48 -0.87 -9.16
N VAL A 30 3.29 -1.08 -10.46
CA VAL A 30 2.05 -1.64 -10.96
C VAL A 30 1.86 -3.04 -10.38
N VAL A 31 2.78 -3.93 -10.74
CA VAL A 31 2.72 -5.30 -10.25
C VAL A 31 2.53 -5.29 -8.73
N ALA A 32 3.32 -4.45 -8.07
CA ALA A 32 3.25 -4.35 -6.63
C ALA A 32 1.81 -4.06 -6.21
N VAL A 33 1.16 -3.20 -6.98
CA VAL A 33 -0.23 -2.85 -6.70
C VAL A 33 -1.12 -4.05 -6.99
N GLY A 34 -0.69 -4.86 -7.94
CA GLY A 34 -1.44 -6.04 -8.32
C GLY A 34 -1.42 -7.09 -7.21
N THR A 35 -0.22 -7.51 -6.85
CA THR A 35 -0.05 -8.51 -5.80
C THR A 35 -0.69 -8.02 -4.50
N VAL A 36 -0.49 -6.74 -4.23
CA VAL A 36 -1.02 -6.13 -3.02
C VAL A 36 -2.55 -6.32 -3.00
N LEU A 37 -3.18 -5.82 -4.06
CA LEU A 37 -4.62 -5.92 -4.18
C LEU A 37 -5.05 -7.37 -3.97
N VAL A 38 -4.29 -8.27 -4.57
CA VAL A 38 -4.59 -9.69 -4.46
C VAL A 38 -4.56 -10.09 -2.98
N ALA A 39 -3.62 -9.51 -2.26
CA ALA A 39 -3.47 -9.79 -0.84
C ALA A 39 -4.67 -9.21 -0.08
N LEU A 40 -5.13 -8.07 -0.54
CA LEU A 40 -6.26 -7.40 0.08
C LEU A 40 -7.54 -8.20 -0.22
N SER A 41 -7.53 -8.85 -1.37
CA SER A 41 -8.68 -9.65 -1.78
C SER A 41 -8.72 -10.95 -0.98
N ALA A 42 -7.68 -11.75 -1.17
CA ALA A 42 -7.58 -13.02 -0.48
C ALA A 42 -7.97 -12.84 0.98
N MET A 43 -7.75 -11.62 1.47
CA MET A 43 -8.08 -11.29 2.85
C MET A 43 -9.44 -11.86 3.24
N GLY A 44 -10.40 -11.66 2.36
CA GLY A 44 -11.75 -12.14 2.58
C GLY A 44 -12.27 -12.93 1.39
N PHE A 45 -11.40 -13.10 0.41
CA PHE A 45 -11.76 -13.84 -0.79
C PHE A 45 -13.09 -13.34 -1.37
N THR A 46 -13.49 -13.95 -2.47
CA THR A 46 -14.73 -13.58 -3.13
C THR A 46 -14.92 -12.07 -3.10
N SER A 47 -14.39 -11.41 -4.12
CA SER A 47 -14.50 -9.97 -4.22
C SER A 47 -15.20 -9.59 -5.52
N VAL A 48 -14.91 -10.35 -6.57
CA VAL A 48 -15.51 -10.09 -7.87
C VAL A 48 -17.00 -9.77 -7.68
N GLY A 49 -17.78 -10.83 -7.46
CA GLY A 49 -19.20 -10.67 -7.26
C GLY A 49 -19.52 -9.39 -6.49
N ILE A 50 -19.06 -9.34 -5.26
CA ILE A 50 -19.27 -8.18 -4.41
C ILE A 50 -19.11 -6.91 -5.25
N ALA A 51 -17.99 -6.84 -5.96
CA ALA A 51 -17.70 -5.70 -6.80
C ALA A 51 -18.89 -5.43 -7.71
N ALA A 52 -19.32 -6.49 -8.38
CA ALA A 52 -20.45 -6.39 -9.30
C ALA A 52 -21.66 -5.81 -8.56
N SER A 53 -21.72 -6.13 -7.28
CA SER A 53 -22.81 -5.65 -6.44
C SER A 53 -22.68 -4.14 -6.21
N SER A 54 -21.66 -3.78 -5.46
CA SER A 54 -21.41 -2.38 -5.17
C SER A 54 -21.45 -1.55 -6.44
N ILE A 55 -20.60 -1.93 -7.38
CA ILE A 55 -20.53 -1.24 -8.66
C ILE A 55 -21.95 -1.09 -9.23
N ALA A 56 -22.61 -2.22 -9.35
CA ALA A 56 -23.97 -2.24 -9.88
C ALA A 56 -24.80 -1.16 -9.19
N ALA A 57 -24.69 -1.14 -7.86
CA ALA A 57 -25.42 -0.16 -7.07
C ALA A 57 -25.01 1.25 -7.50
N LYS A 58 -23.77 1.60 -7.20
CA LYS A 58 -23.25 2.91 -7.55
C LYS A 58 -21.76 2.79 -7.84
N MET A 59 -21.36 3.39 -8.96
CA MET A 59 -19.95 3.36 -9.36
C MET A 59 -19.13 4.37 -8.56
N MET A 60 -19.59 5.61 -8.60
CA MET A 60 -18.91 6.68 -7.89
C MET A 60 -19.88 7.44 -6.98
N SER A 61 -19.31 8.17 -6.03
CA SER A 61 -20.11 8.94 -5.10
C SER A 61 -20.87 8.00 -4.16
N THR A 62 -20.33 7.86 -2.96
CA THR A 62 -20.94 6.99 -1.96
C THR A 62 -20.20 7.12 -0.62
N ALA A 63 -20.98 7.01 0.45
CA ALA A 63 -20.41 7.11 1.79
C ALA A 63 -21.49 6.77 2.81
N ALA A 64 -21.62 5.49 3.08
CA ALA A 64 -22.60 5.01 4.04
C ALA A 64 -22.41 3.51 4.29
N ILE A 65 -21.14 3.14 4.41
CA ILE A 65 -20.80 1.74 4.65
C ILE A 65 -20.49 1.54 6.13
N ALA A 66 -21.52 1.75 6.94
CA ALA A 66 -21.37 1.60 8.38
C ALA A 66 -20.38 2.64 8.91
N ASN A 67 -20.64 3.10 10.12
CA ASN A 67 -19.78 4.10 10.75
C ASN A 67 -18.79 3.39 11.67
N GLY A 68 -17.51 3.63 11.42
CA GLY A 68 -16.46 3.04 12.21
C GLY A 68 -15.44 4.09 12.66
N GLY A 69 -14.37 3.61 13.26
CA GLY A 69 -13.31 4.49 13.73
C GLY A 69 -12.06 4.39 12.86
N GLY A 70 -11.62 5.54 12.37
CA GLY A 70 -10.44 5.58 11.53
C GLY A 70 -10.48 6.79 10.59
N VAL A 71 -10.01 6.58 9.37
CA VAL A 71 -9.98 7.64 8.38
C VAL A 71 -11.25 7.58 7.54
N ALA A 72 -11.21 6.72 6.54
CA ALA A 72 -12.35 6.55 5.64
C ALA A 72 -12.37 5.12 5.11
N ALA A 73 -12.45 4.18 6.05
CA ALA A 73 -12.49 2.77 5.70
C ALA A 73 -12.91 1.96 6.92
N GLY A 74 -12.01 1.86 7.88
CA GLY A 74 -12.28 1.12 9.09
C GLY A 74 -11.14 0.15 9.41
N SER A 75 -11.47 -1.13 9.36
CA SER A 75 -10.49 -2.18 9.63
C SER A 75 -9.24 -1.94 8.78
N LEU A 76 -9.46 -1.49 7.56
CA LEU A 76 -8.37 -1.22 6.64
C LEU A 76 -7.31 -0.37 7.35
N VAL A 77 -7.79 0.54 8.18
CA VAL A 77 -6.89 1.42 8.91
C VAL A 77 -5.82 0.58 9.61
N ALA A 78 -6.27 -0.48 10.26
CA ALA A 78 -5.36 -1.37 10.97
C ALA A 78 -4.35 -1.95 9.97
N ILE A 79 -4.83 -2.22 8.77
CA ILE A 79 -3.99 -2.77 7.72
C ILE A 79 -2.93 -1.74 7.34
N LEU A 80 -3.39 -0.54 7.04
CA LEU A 80 -2.48 0.53 6.66
C LEU A 80 -1.45 0.75 7.77
N GLN A 81 -1.91 0.64 9.00
CA GLN A 81 -1.04 0.81 10.15
C GLN A 81 0.10 -0.21 10.11
N SER A 82 -0.26 -1.46 10.35
CA SER A 82 0.72 -2.53 10.34
C SER A 82 1.42 -2.59 8.98
N VAL A 83 0.66 -3.00 7.98
CA VAL A 83 1.21 -3.11 6.62
C VAL A 83 2.11 -1.90 6.34
N GLY A 84 1.69 -0.76 6.88
CA GLY A 84 2.44 0.47 6.69
C GLY A 84 3.86 0.34 7.24
N ALA A 85 3.92 0.17 8.56
CA ALA A 85 5.21 0.02 9.24
C ALA A 85 5.91 -1.24 8.72
N ALA A 86 5.31 -2.38 9.03
CA ALA A 86 5.87 -3.65 8.60
C ALA A 86 6.39 -3.52 7.16
N GLY A 87 5.46 -3.24 6.25
CA GLY A 87 5.81 -3.08 4.85
C GLY A 87 7.08 -2.26 4.70
N LEU A 88 6.96 -0.97 4.97
CA LEU A 88 8.09 -0.07 4.86
C LEU A 88 9.33 -0.73 5.47
N SER A 89 9.08 -1.55 6.48
CA SER A 89 10.15 -2.24 7.16
C SER A 89 10.86 -3.19 6.19
N VAL A 90 10.19 -4.29 5.89
CA VAL A 90 10.75 -5.28 4.98
C VAL A 90 11.26 -4.58 3.72
N THR A 91 10.63 -3.45 3.43
CA THR A 91 11.00 -2.67 2.24
C THR A 91 12.44 -2.15 2.38
N SER A 92 12.57 -1.04 3.10
CA SER A 92 13.87 -0.43 3.31
C SER A 92 14.88 -1.50 3.73
N LYS A 93 14.43 -2.38 4.61
CA LYS A 93 15.28 -3.45 5.11
C LYS A 93 15.93 -4.17 3.92
N VAL A 94 15.08 -4.66 3.02
CA VAL A 94 15.54 -5.36 1.84
C VAL A 94 16.38 -4.41 0.99
N ILE A 95 16.10 -3.13 1.14
CA ILE A 95 16.82 -2.11 0.39
C ILE A 95 18.21 -1.93 0.98
N GLY A 96 18.24 -1.31 2.16
CA GLY A 96 19.50 -1.07 2.85
C GLY A 96 20.03 0.33 2.55
N GLY A 97 19.27 1.32 2.98
CA GLY A 97 19.65 2.70 2.76
C GLY A 97 20.29 2.89 1.38
N PHE A 98 19.44 2.80 0.36
CA PHE A 98 19.91 2.95 -1.01
C PHE A 98 18.88 3.70 -1.86
N ALA A 99 19.39 4.52 -2.76
CA ALA A 99 18.53 5.30 -3.63
C ALA A 99 19.38 5.98 -4.70
N GLY A 100 19.50 5.30 -5.84
CA GLY A 100 20.29 5.83 -6.94
C GLY A 100 20.70 4.70 -7.89
N THR A 101 21.93 4.22 -7.69
CA THR A 101 22.46 3.16 -8.52
C THR A 101 22.08 1.80 -7.95
N ALA A 102 20.80 1.47 -8.08
CA ALA A 102 20.29 0.20 -7.58
C ALA A 102 18.77 0.17 -7.75
N LEU A 103 18.31 -0.92 -8.36
CA LEU A 103 16.89 -1.09 -8.59
C LEU A 103 16.63 -2.48 -9.17
N GLY A 104 16.31 -3.41 -8.28
CA GLY A 104 16.04 -4.78 -8.69
C GLY A 104 16.67 -5.78 -7.71
N ALA A 105 17.81 -6.30 -8.10
CA ALA A 105 18.52 -7.27 -7.28
C ALA A 105 19.95 -7.43 -7.80
N TRP A 106 20.72 -6.36 -7.66
CA TRP A 106 22.11 -6.38 -8.11
C TRP A 106 23.00 -6.60 -6.90
N LEU A 107 22.47 -6.23 -5.73
CA LEU A 107 23.20 -6.39 -4.49
C LEU A 107 22.22 -6.63 -3.34
N GLY A 108 22.74 -7.22 -2.28
CA GLY A 108 21.92 -7.53 -1.12
C GLY A 108 22.75 -8.17 -0.01
N SER A 109 23.23 -7.34 0.90
CA SER A 109 24.03 -7.81 2.01
C SER A 109 23.53 -7.21 3.33
N PRO A 110 22.66 -7.99 4.02
CA PRO A 110 22.10 -7.54 5.29
C PRO A 110 23.15 -7.63 6.40
N PRO A 111 22.82 -6.96 7.55
CA PRO A 111 23.72 -6.96 8.69
C PRO A 111 23.66 -8.29 9.43
N SER A 112 22.45 -8.76 9.65
CA SER A 112 22.26 -10.03 10.35
C SER A 112 22.06 -11.16 9.33
N SER A 113 22.31 -12.37 9.78
CA SER A 113 22.16 -13.54 8.94
C SER A 113 22.87 -13.30 7.59
N MET A 10 15.13 11.34 8.90
CA MET A 10 14.79 12.45 9.77
C MET A 10 13.27 12.62 9.87
N GLY A 11 12.65 12.83 8.72
CA GLY A 11 11.21 13.01 8.66
C GLY A 11 10.51 11.69 8.37
N LYS A 12 9.37 11.50 9.03
CA LYS A 12 8.59 10.28 8.85
C LYS A 12 7.29 10.62 8.12
N GLU A 13 6.75 11.79 8.45
CA GLU A 13 5.52 12.23 7.82
C GLU A 13 5.33 13.74 8.03
N SER A 14 6.02 14.49 7.20
CA SER A 14 5.95 15.95 7.28
C SER A 14 6.69 16.58 6.09
N GLY A 15 5.92 17.20 5.22
CA GLY A 15 6.48 17.84 4.04
C GLY A 15 6.80 16.81 2.96
N TRP A 16 8.07 16.44 2.89
CA TRP A 16 8.51 15.47 1.90
C TRP A 16 8.13 15.99 0.51
N ASP A 17 8.94 16.90 0.01
CA ASP A 17 8.69 17.49 -1.29
C ASP A 17 8.52 16.37 -2.32
N SER A 18 7.41 16.45 -3.05
CA SER A 18 7.11 15.46 -4.06
C SER A 18 6.09 16.01 -5.05
N GLY A 19 4.93 16.36 -4.52
CA GLY A 19 3.86 16.90 -5.35
C GLY A 19 3.31 15.84 -6.30
N ARG A 20 2.75 16.31 -7.40
CA ARG A 20 2.18 15.41 -8.39
C ARG A 20 3.09 14.20 -8.59
N ALA A 21 4.38 14.47 -8.63
CA ALA A 21 5.37 13.42 -8.82
C ALA A 21 4.96 12.19 -7.99
N ALA A 22 4.39 12.47 -6.82
CA ALA A 22 3.95 11.41 -5.93
C ALA A 22 3.28 10.31 -6.75
N VAL A 23 2.24 10.71 -7.47
CA VAL A 23 1.49 9.76 -8.29
C VAL A 23 2.49 8.89 -9.07
N ALA A 24 3.47 9.55 -9.67
CA ALA A 24 4.47 8.85 -10.46
C ALA A 24 5.11 7.77 -9.58
N ALA A 25 5.45 8.14 -8.37
CA ALA A 25 6.07 7.21 -7.44
C ALA A 25 5.09 6.06 -7.15
N VAL A 26 3.81 6.38 -7.24
CA VAL A 26 2.77 5.39 -7.00
C VAL A 26 2.59 4.54 -8.26
N VAL A 27 3.03 5.09 -9.37
CA VAL A 27 2.92 4.39 -10.65
C VAL A 27 4.00 3.31 -10.73
N GLY A 28 5.24 3.75 -10.52
CA GLY A 28 6.37 2.84 -10.56
C GLY A 28 6.16 1.66 -9.61
N GLY A 29 5.72 0.55 -10.18
CA GLY A 29 5.48 -0.66 -9.40
C GLY A 29 3.99 -1.04 -9.43
N VAL A 30 3.37 -0.76 -10.56
CA VAL A 30 1.97 -1.08 -10.74
C VAL A 30 1.72 -2.53 -10.32
N VAL A 31 2.49 -3.42 -10.91
CA VAL A 31 2.36 -4.84 -10.60
C VAL A 31 2.38 -5.03 -9.08
N ALA A 32 3.36 -4.40 -8.44
CA ALA A 32 3.50 -4.50 -7.00
C ALA A 32 2.19 -4.06 -6.34
N VAL A 33 1.56 -3.06 -6.94
CA VAL A 33 0.31 -2.54 -6.41
C VAL A 33 -0.80 -3.58 -6.64
N GLY A 34 -0.63 -4.34 -7.71
CA GLY A 34 -1.60 -5.37 -8.06
C GLY A 34 -1.58 -6.51 -7.04
N THR A 35 -0.39 -7.08 -6.87
CA THR A 35 -0.21 -8.18 -5.93
C THR A 35 -0.63 -7.74 -4.52
N VAL A 36 -0.16 -6.56 -4.15
CA VAL A 36 -0.46 -6.03 -2.83
C VAL A 36 -1.98 -5.98 -2.64
N LEU A 37 -2.64 -5.36 -3.60
CA LEU A 37 -4.09 -5.23 -3.55
C LEU A 37 -4.71 -6.63 -3.45
N VAL A 38 -4.52 -7.40 -4.51
CA VAL A 38 -5.05 -8.76 -4.55
C VAL A 38 -4.88 -9.41 -3.18
N ALA A 39 -3.78 -9.07 -2.53
CA ALA A 39 -3.48 -9.62 -1.21
C ALA A 39 -4.51 -9.09 -0.21
N LEU A 40 -4.39 -7.81 0.09
CA LEU A 40 -5.31 -7.18 1.03
C LEU A 40 -6.74 -7.62 0.74
N SER A 41 -7.16 -7.35 -0.50
CA SER A 41 -8.51 -7.71 -0.92
C SER A 41 -8.74 -9.21 -0.68
N ALA A 42 -8.17 -10.02 -1.56
CA ALA A 42 -8.30 -11.46 -1.44
C ALA A 42 -7.37 -11.98 -0.36
N MET A 43 -7.54 -11.43 0.84
CA MET A 43 -6.72 -11.83 1.97
C MET A 43 -6.60 -13.35 2.06
N GLY A 44 -7.70 -14.01 1.73
CA GLY A 44 -7.74 -15.46 1.76
C GLY A 44 -9.18 -15.97 1.95
N PHE A 45 -10.06 -15.44 1.12
CA PHE A 45 -11.47 -15.84 1.18
C PHE A 45 -12.23 -15.33 -0.05
N THR A 46 -12.01 -16.02 -1.16
CA THR A 46 -12.67 -15.66 -2.40
C THR A 46 -12.60 -14.15 -2.63
N SER A 47 -13.41 -13.68 -3.55
CA SER A 47 -13.45 -12.27 -3.87
C SER A 47 -14.47 -12.00 -4.99
N VAL A 48 -14.46 -12.89 -5.97
CA VAL A 48 -15.37 -12.77 -7.09
C VAL A 48 -16.81 -12.76 -6.58
N GLY A 49 -17.38 -13.95 -6.51
CA GLY A 49 -18.75 -14.11 -6.04
C GLY A 49 -19.08 -13.08 -4.96
N ILE A 50 -18.32 -13.16 -3.86
CA ILE A 50 -18.51 -12.24 -2.75
C ILE A 50 -18.68 -10.83 -3.29
N ALA A 51 -17.71 -10.41 -4.10
CA ALA A 51 -17.75 -9.08 -4.68
C ALA A 51 -19.06 -8.90 -5.45
N ALA A 52 -19.45 -9.95 -6.15
CA ALA A 52 -20.68 -9.92 -6.92
C ALA A 52 -21.87 -9.70 -5.98
N SER A 53 -21.71 -10.20 -4.75
CA SER A 53 -22.76 -10.07 -3.76
C SER A 53 -22.87 -8.61 -3.30
N SER A 54 -21.77 -8.12 -2.72
CA SER A 54 -21.72 -6.76 -2.24
C SER A 54 -22.23 -5.80 -3.31
N ILE A 55 -21.59 -5.88 -4.48
CA ILE A 55 -21.96 -5.03 -5.59
C ILE A 55 -23.47 -5.17 -5.85
N ALA A 56 -23.91 -6.40 -6.02
CA ALA A 56 -25.31 -6.68 -6.27
C ALA A 56 -26.16 -5.96 -5.22
N ALA A 57 -25.62 -5.89 -4.01
CA ALA A 57 -26.32 -5.24 -2.92
C ALA A 57 -26.29 -3.73 -3.14
N LYS A 58 -25.08 -3.19 -3.17
CA LYS A 58 -24.91 -1.76 -3.37
C LYS A 58 -25.61 -1.34 -4.66
N MET A 59 -26.05 -0.09 -4.68
CA MET A 59 -26.74 0.44 -5.85
C MET A 59 -26.33 1.90 -6.10
N MET A 60 -25.32 2.07 -6.93
CA MET A 60 -24.84 3.40 -7.26
C MET A 60 -24.83 4.30 -6.03
N SER A 61 -23.74 4.21 -5.28
CA SER A 61 -23.60 5.01 -4.07
C SER A 61 -22.19 4.86 -3.51
N THR A 62 -21.79 5.86 -2.74
CA THR A 62 -20.46 5.85 -2.13
C THR A 62 -20.49 6.58 -0.79
N ALA A 63 -21.03 5.89 0.21
CA ALA A 63 -21.11 6.46 1.54
C ALA A 63 -21.71 5.42 2.50
N ALA A 64 -20.97 4.32 2.66
CA ALA A 64 -21.41 3.25 3.53
C ALA A 64 -20.33 2.16 3.57
N ILE A 65 -19.74 2.02 4.75
CA ILE A 65 -18.70 1.01 4.93
C ILE A 65 -19.01 0.17 6.17
N ALA A 66 -18.98 0.83 7.32
CA ALA A 66 -19.27 0.16 8.57
C ALA A 66 -19.30 1.19 9.71
N ASN A 67 -20.40 1.91 9.78
CA ASN A 67 -20.57 2.93 10.81
C ASN A 67 -19.32 3.82 10.84
N GLY A 68 -19.42 4.94 10.13
CA GLY A 68 -18.32 5.88 10.07
C GLY A 68 -17.80 6.03 8.64
N GLY A 69 -16.48 5.97 8.51
CA GLY A 69 -15.85 6.08 7.21
C GLY A 69 -14.49 6.77 7.32
N GLY A 70 -13.52 6.02 7.83
CA GLY A 70 -12.18 6.55 8.01
C GLY A 70 -11.63 7.09 6.68
N VAL A 71 -10.69 6.34 6.12
CA VAL A 71 -10.08 6.73 4.87
C VAL A 71 -10.23 5.58 3.85
N ALA A 72 -9.77 4.42 4.26
CA ALA A 72 -9.84 3.24 3.41
C ALA A 72 -11.24 2.63 3.52
N ALA A 73 -11.56 2.19 4.73
CA ALA A 73 -12.85 1.58 4.98
C ALA A 73 -13.06 1.43 6.49
N GLY A 74 -12.28 0.53 7.08
CA GLY A 74 -12.36 0.29 8.51
C GLY A 74 -11.18 -0.55 8.99
N SER A 75 -11.44 -1.83 9.21
CA SER A 75 -10.41 -2.73 9.67
C SER A 75 -9.18 -2.62 8.78
N LEU A 76 -9.43 -2.56 7.48
CA LEU A 76 -8.34 -2.44 6.51
C LEU A 76 -7.38 -1.34 6.95
N VAL A 77 -7.95 -0.28 7.50
CA VAL A 77 -7.17 0.85 7.97
C VAL A 77 -6.04 0.33 8.86
N ALA A 78 -6.41 -0.53 9.80
CA ALA A 78 -5.45 -1.09 10.72
C ALA A 78 -4.36 -1.82 9.93
N ILE A 79 -4.78 -2.43 8.83
CA ILE A 79 -3.85 -3.16 7.98
C ILE A 79 -2.95 -2.18 7.25
N LEU A 80 -3.51 -1.01 6.95
CA LEU A 80 -2.78 0.02 6.26
C LEU A 80 -1.66 0.54 7.16
N GLN A 81 -2.01 0.73 8.43
CA GLN A 81 -1.06 1.22 9.41
C GLN A 81 0.08 0.21 9.60
N SER A 82 -0.32 -1.01 9.93
CA SER A 82 0.64 -2.07 10.16
C SER A 82 1.41 -2.36 8.86
N VAL A 83 0.70 -2.94 7.90
CA VAL A 83 1.30 -3.26 6.62
C VAL A 83 2.08 -2.04 6.10
N GLY A 84 1.58 -0.87 6.45
CA GLY A 84 2.21 0.37 6.03
C GLY A 84 3.64 0.46 6.55
N ALA A 85 3.75 0.57 7.87
CA ALA A 85 5.06 0.67 8.50
C ALA A 85 5.83 -0.63 8.28
N ALA A 86 5.28 -1.71 8.83
CA ALA A 86 5.90 -3.01 8.71
C ALA A 86 6.39 -3.19 7.27
N GLY A 87 5.47 -3.02 6.33
CA GLY A 87 5.80 -3.16 4.93
C GLY A 87 7.05 -2.35 4.56
N LEU A 88 6.88 -1.03 4.57
CA LEU A 88 7.98 -0.14 4.25
C LEU A 88 9.24 -0.60 4.98
N SER A 89 9.03 -1.20 6.14
CA SER A 89 10.13 -1.70 6.94
C SER A 89 10.89 -2.79 6.18
N VAL A 90 10.29 -3.97 6.17
CA VAL A 90 10.88 -5.11 5.48
C VAL A 90 11.34 -4.68 4.09
N THR A 91 10.65 -3.67 3.56
CA THR A 91 10.97 -3.15 2.24
C THR A 91 12.39 -2.56 2.23
N SER A 92 12.48 -1.33 2.69
CA SER A 92 13.77 -0.65 2.74
C SER A 92 14.82 -1.55 3.38
N LYS A 93 14.42 -2.18 4.48
CA LYS A 93 15.32 -3.07 5.20
C LYS A 93 15.91 -4.09 4.21
N VAL A 94 15.03 -4.67 3.41
CA VAL A 94 15.43 -5.65 2.42
C VAL A 94 16.31 -4.99 1.37
N ILE A 95 16.06 -3.70 1.16
CA ILE A 95 16.82 -2.94 0.18
C ILE A 95 18.22 -2.68 0.73
N GLY A 96 18.28 -1.82 1.74
CA GLY A 96 19.54 -1.47 2.35
C GLY A 96 19.36 -0.41 3.45
N GLY A 97 18.67 0.66 3.08
CA GLY A 97 18.41 1.74 4.01
C GLY A 97 19.37 2.90 3.78
N PHE A 98 19.68 3.13 2.51
CA PHE A 98 20.59 4.20 2.14
C PHE A 98 19.97 5.11 1.08
N ALA A 99 19.50 4.48 0.02
CA ALA A 99 18.87 5.21 -1.07
C ALA A 99 19.92 6.06 -1.77
N GLY A 100 20.91 5.38 -2.34
CA GLY A 100 21.98 6.06 -3.05
C GLY A 100 21.95 5.72 -4.54
N THR A 101 22.23 4.46 -4.84
CA THR A 101 22.23 4.00 -6.22
C THR A 101 20.86 4.18 -6.85
N ALA A 102 20.70 3.60 -8.03
CA ALA A 102 19.44 3.69 -8.75
C ALA A 102 19.21 2.38 -9.51
N LEU A 103 18.32 1.56 -8.96
CA LEU A 103 18.00 0.29 -9.59
C LEU A 103 19.20 -0.66 -9.47
N GLY A 104 19.02 -1.68 -8.65
CA GLY A 104 20.07 -2.66 -8.42
C GLY A 104 19.49 -4.01 -8.00
N ALA A 105 19.34 -4.89 -8.98
CA ALA A 105 18.80 -6.21 -8.73
C ALA A 105 19.50 -6.81 -7.51
N TRP A 106 18.72 -6.98 -6.44
CA TRP A 106 19.26 -7.54 -5.21
C TRP A 106 20.27 -6.55 -4.64
N LEU A 107 19.78 -5.36 -4.33
CA LEU A 107 20.63 -4.32 -3.78
C LEU A 107 21.21 -4.80 -2.44
N GLY A 108 22.30 -4.16 -2.05
CA GLY A 108 22.97 -4.52 -0.80
C GLY A 108 23.91 -3.40 -0.36
N SER A 109 25.20 -3.66 -0.56
CA SER A 109 26.22 -2.69 -0.19
C SER A 109 27.10 -2.36 -1.39
N PRO A 110 27.15 -1.04 -1.72
CA PRO A 110 27.95 -0.58 -2.85
C PRO A 110 29.45 -0.59 -2.50
N PRO A 111 30.27 -0.74 -3.57
CA PRO A 111 31.71 -0.77 -3.39
C PRO A 111 32.26 0.64 -3.11
N SER A 112 33.26 0.68 -2.25
CA SER A 112 33.88 1.95 -1.88
C SER A 112 35.19 2.14 -2.65
N SER A 113 36.09 1.19 -2.44
CA SER A 113 37.39 1.23 -3.10
C SER A 113 38.03 2.60 -2.90
N MET A 10 18.33 12.54 1.19
CA MET A 10 17.55 11.57 1.93
C MET A 10 16.67 12.25 2.98
N GLY A 11 15.53 11.63 3.25
CA GLY A 11 14.60 12.16 4.23
C GLY A 11 15.32 12.62 5.50
N LYS A 12 15.48 13.93 5.60
CA LYS A 12 16.15 14.51 6.75
C LYS A 12 15.47 14.02 8.04
N GLU A 13 14.21 14.37 8.17
CA GLU A 13 13.44 13.97 9.34
C GLU A 13 11.96 13.81 8.97
N SER A 14 11.46 14.80 8.27
CA SER A 14 10.06 14.79 7.85
C SER A 14 9.88 15.66 6.61
N GLY A 15 10.07 15.05 5.45
CA GLY A 15 9.93 15.75 4.19
C GLY A 15 9.78 14.77 3.02
N TRP A 16 8.88 15.12 2.11
CA TRP A 16 8.64 14.29 0.95
C TRP A 16 8.84 15.14 -0.30
N ASP A 17 8.14 16.27 -0.32
CA ASP A 17 8.24 17.18 -1.45
C ASP A 17 7.99 16.42 -2.75
N SER A 18 6.73 16.40 -3.16
CA SER A 18 6.35 15.71 -4.38
C SER A 18 4.85 15.84 -4.62
N GLY A 19 4.50 16.72 -5.54
CA GLY A 19 3.10 16.96 -5.87
C GLY A 19 2.62 15.96 -6.92
N ARG A 20 2.93 16.27 -8.17
CA ARG A 20 2.54 15.42 -9.28
C ARG A 20 3.47 14.21 -9.37
N ALA A 21 4.76 14.50 -9.44
CA ALA A 21 5.75 13.45 -9.53
C ALA A 21 5.38 12.30 -8.59
N ALA A 22 4.90 12.68 -7.41
CA ALA A 22 4.50 11.71 -6.42
C ALA A 22 3.74 10.56 -7.10
N VAL A 23 2.67 10.94 -7.79
CA VAL A 23 1.86 9.96 -8.49
C VAL A 23 2.77 8.99 -9.27
N ALA A 24 3.72 9.58 -9.99
CA ALA A 24 4.66 8.78 -10.75
C ALA A 24 5.32 7.75 -9.84
N ALA A 25 5.74 8.21 -8.67
CA ALA A 25 6.39 7.34 -7.70
C ALA A 25 5.41 6.25 -7.28
N VAL A 26 4.13 6.59 -7.31
CA VAL A 26 3.09 5.65 -6.93
C VAL A 26 2.81 4.71 -8.10
N VAL A 27 3.19 5.17 -9.29
CA VAL A 27 2.98 4.38 -10.50
C VAL A 27 4.00 3.23 -10.53
N GLY A 28 5.27 3.61 -10.50
CA GLY A 28 6.35 2.64 -10.54
C GLY A 28 6.11 1.54 -9.51
N GLY A 29 5.84 0.35 -10.02
CA GLY A 29 5.59 -0.80 -9.15
C GLY A 29 4.14 -1.25 -9.22
N VAL A 30 3.51 -0.92 -10.35
CA VAL A 30 2.11 -1.28 -10.56
C VAL A 30 1.91 -2.75 -10.17
N VAL A 31 2.76 -3.60 -10.72
CA VAL A 31 2.67 -5.02 -10.44
C VAL A 31 2.62 -5.24 -8.92
N ALA A 32 3.55 -4.60 -8.23
CA ALA A 32 3.62 -4.71 -6.78
C ALA A 32 2.28 -4.28 -6.18
N VAL A 33 1.66 -3.31 -6.83
CA VAL A 33 0.37 -2.80 -6.37
C VAL A 33 -0.71 -3.85 -6.64
N GLY A 34 -0.48 -4.63 -7.67
CA GLY A 34 -1.43 -5.68 -8.04
C GLY A 34 -1.42 -6.81 -7.00
N THR A 35 -0.23 -7.36 -6.78
CA THR A 35 -0.07 -8.44 -5.83
C THR A 35 -0.51 -7.99 -4.43
N VAL A 36 -0.02 -6.81 -4.05
CA VAL A 36 -0.35 -6.26 -2.74
C VAL A 36 -1.88 -6.18 -2.60
N LEU A 37 -2.49 -5.44 -3.52
CA LEU A 37 -3.94 -5.29 -3.50
C LEU A 37 -4.60 -6.66 -3.39
N VAL A 38 -4.36 -7.48 -4.41
CA VAL A 38 -4.93 -8.81 -4.44
C VAL A 38 -4.81 -9.44 -3.05
N ALA A 39 -3.71 -9.15 -2.38
CA ALA A 39 -3.47 -9.66 -1.05
C ALA A 39 -4.54 -9.13 -0.10
N LEU A 40 -4.64 -7.82 -0.05
CA LEU A 40 -5.61 -7.18 0.82
C LEU A 40 -7.02 -7.59 0.39
N SER A 41 -7.42 -7.10 -0.78
CA SER A 41 -8.74 -7.41 -1.31
C SER A 41 -9.03 -8.90 -1.13
N ALA A 42 -8.28 -9.71 -1.84
CA ALA A 42 -8.45 -11.15 -1.76
C ALA A 42 -7.88 -11.66 -0.44
N MET A 43 -7.80 -12.98 -0.33
CA MET A 43 -7.28 -13.60 0.87
C MET A 43 -7.24 -15.13 0.72
N GLY A 44 -8.29 -15.66 0.12
CA GLY A 44 -8.39 -17.10 -0.09
C GLY A 44 -9.00 -17.41 -1.46
N PHE A 45 -10.29 -17.15 -1.57
CA PHE A 45 -11.00 -17.40 -2.81
C PHE A 45 -12.34 -16.66 -2.83
N THR A 46 -12.31 -15.43 -2.32
CA THR A 46 -13.51 -14.61 -2.27
C THR A 46 -13.19 -13.19 -2.75
N SER A 47 -13.93 -12.77 -3.76
CA SER A 47 -13.75 -11.43 -4.32
C SER A 47 -14.47 -11.31 -5.65
N VAL A 48 -14.54 -12.43 -6.36
CA VAL A 48 -15.20 -12.47 -7.65
C VAL A 48 -16.70 -12.23 -7.45
N GLY A 49 -17.40 -13.32 -7.20
CA GLY A 49 -18.85 -13.25 -6.99
C GLY A 49 -19.22 -12.02 -6.17
N ILE A 50 -18.54 -11.87 -5.04
CA ILE A 50 -18.80 -10.74 -4.16
C ILE A 50 -18.75 -9.44 -4.98
N ALA A 51 -17.68 -9.30 -5.74
CA ALA A 51 -17.50 -8.12 -6.57
C ALA A 51 -18.69 -7.98 -7.52
N ALA A 52 -19.21 -9.13 -7.93
CA ALA A 52 -20.35 -9.15 -8.83
C ALA A 52 -21.59 -8.65 -8.09
N SER A 53 -21.61 -8.92 -6.79
CA SER A 53 -22.74 -8.51 -5.96
C SER A 53 -22.69 -7.00 -5.72
N SER A 54 -21.47 -6.51 -5.49
CA SER A 54 -21.28 -5.09 -5.25
C SER A 54 -21.69 -4.29 -6.49
N ILE A 55 -21.07 -4.62 -7.61
CA ILE A 55 -21.36 -3.94 -8.86
C ILE A 55 -22.86 -4.08 -9.17
N ALA A 56 -23.36 -5.30 -9.00
CA ALA A 56 -24.76 -5.57 -9.26
C ALA A 56 -25.62 -4.71 -8.33
N ALA A 57 -25.08 -4.43 -7.16
CA ALA A 57 -25.78 -3.62 -6.18
C ALA A 57 -25.88 -2.18 -6.69
N LYS A 58 -24.72 -1.55 -6.80
CA LYS A 58 -24.66 -0.17 -7.27
C LYS A 58 -25.51 0.71 -6.36
N MET A 59 -25.02 0.89 -5.14
CA MET A 59 -25.72 1.71 -4.17
C MET A 59 -24.97 1.74 -2.84
N MET A 60 -24.84 0.56 -2.24
CA MET A 60 -24.16 0.43 -0.97
C MET A 60 -24.82 1.30 0.11
N SER A 61 -25.92 0.77 0.65
CA SER A 61 -26.64 1.49 1.69
C SER A 61 -26.12 1.09 3.07
N THR A 62 -25.29 1.95 3.62
CA THR A 62 -24.72 1.71 4.93
C THR A 62 -24.49 3.02 5.68
N ALA A 63 -24.85 3.01 6.95
CA ALA A 63 -24.70 4.19 7.78
C ALA A 63 -23.25 4.28 8.29
N ALA A 64 -22.88 3.25 9.03
CA ALA A 64 -21.53 3.19 9.59
C ALA A 64 -21.41 4.18 10.75
N ILE A 65 -20.22 4.23 11.32
CA ILE A 65 -19.97 5.12 12.44
C ILE A 65 -18.89 6.15 12.04
N ALA A 66 -17.88 5.64 11.33
CA ALA A 66 -16.79 6.49 10.89
C ALA A 66 -16.08 5.81 9.73
N ASN A 67 -16.86 5.37 8.76
CA ASN A 67 -16.32 4.70 7.59
C ASN A 67 -17.46 4.11 6.76
N GLY A 68 -17.92 4.89 5.81
CA GLY A 68 -19.01 4.46 4.94
C GLY A 68 -18.50 3.51 3.86
N GLY A 69 -18.05 4.10 2.77
CA GLY A 69 -17.53 3.32 1.65
C GLY A 69 -16.13 3.79 1.26
N GLY A 70 -16.05 4.39 0.09
CA GLY A 70 -14.77 4.88 -0.42
C GLY A 70 -14.24 6.01 0.46
N VAL A 71 -12.92 6.05 0.58
CA VAL A 71 -12.28 7.08 1.38
C VAL A 71 -12.68 6.90 2.85
N ALA A 72 -11.67 6.86 3.71
CA ALA A 72 -11.89 6.69 5.13
C ALA A 72 -12.58 5.34 5.37
N ALA A 73 -11.75 4.34 5.65
CA ALA A 73 -12.26 3.00 5.90
C ALA A 73 -12.23 2.72 7.40
N GLY A 74 -12.28 1.45 7.75
CA GLY A 74 -12.26 1.04 9.15
C GLY A 74 -11.16 0.01 9.40
N SER A 75 -11.56 -1.25 9.40
CA SER A 75 -10.62 -2.34 9.63
C SER A 75 -9.37 -2.14 8.77
N LEU A 76 -9.60 -1.85 7.49
CA LEU A 76 -8.51 -1.64 6.56
C LEU A 76 -7.44 -0.76 7.23
N VAL A 77 -7.91 0.27 7.90
CA VAL A 77 -7.01 1.19 8.58
C VAL A 77 -5.96 0.39 9.34
N ALA A 78 -6.43 -0.53 10.16
CA ALA A 78 -5.54 -1.37 10.95
C ALA A 78 -4.50 -2.01 10.01
N ILE A 79 -5.00 -2.50 8.88
CA ILE A 79 -4.13 -3.14 7.91
C ILE A 79 -3.07 -2.14 7.43
N LEU A 80 -3.56 -0.97 7.03
CA LEU A 80 -2.67 0.08 6.56
C LEU A 80 -1.63 0.39 7.63
N GLN A 81 -2.08 0.32 8.88
CA GLN A 81 -1.21 0.60 10.01
C GLN A 81 -0.03 -0.38 10.01
N SER A 82 -0.36 -1.66 10.14
CA SER A 82 0.65 -2.69 10.17
C SER A 82 1.35 -2.79 8.81
N VAL A 83 0.60 -3.29 7.84
CA VAL A 83 1.13 -3.43 6.49
C VAL A 83 1.98 -2.20 6.14
N GLY A 84 1.49 -1.06 6.58
CA GLY A 84 2.18 0.20 6.32
C GLY A 84 3.58 0.19 6.95
N ALA A 85 3.60 -0.03 8.26
CA ALA A 85 4.87 -0.07 8.98
C ALA A 85 5.65 -1.31 8.57
N ALA A 86 5.16 -2.46 9.00
CA ALA A 86 5.80 -3.72 8.68
C ALA A 86 6.28 -3.69 7.23
N GLY A 87 5.39 -3.26 6.35
CA GLY A 87 5.71 -3.17 4.94
C GLY A 87 6.93 -2.28 4.71
N LEU A 88 6.74 -1.00 4.95
CA LEU A 88 7.81 -0.03 4.77
C LEU A 88 9.11 -0.61 5.32
N SER A 89 8.97 -1.41 6.38
CA SER A 89 10.12 -2.03 7.01
C SER A 89 10.81 -2.97 6.03
N VAL A 90 10.14 -4.09 5.74
CA VAL A 90 10.68 -5.07 4.83
C VAL A 90 11.10 -4.38 3.53
N THR A 91 10.41 -3.28 3.23
CA THR A 91 10.70 -2.52 2.03
C THR A 91 12.13 -1.96 2.08
N SER A 92 12.27 -0.84 2.78
CA SER A 92 13.56 -0.19 2.91
C SER A 92 14.62 -1.22 3.29
N LYS A 93 14.25 -2.10 4.20
CA LYS A 93 15.15 -3.15 4.65
C LYS A 93 15.77 -3.85 3.44
N VAL A 94 14.90 -4.31 2.56
CA VAL A 94 15.34 -4.99 1.36
C VAL A 94 16.13 -4.02 0.48
N ILE A 95 15.78 -2.74 0.61
CA ILE A 95 16.44 -1.71 -0.17
C ILE A 95 17.87 -1.52 0.35
N GLY A 96 17.97 -1.02 1.57
CA GLY A 96 19.27 -0.80 2.19
C GLY A 96 19.29 0.55 2.91
N GLY A 97 19.13 0.49 4.23
CA GLY A 97 19.14 1.69 5.04
C GLY A 97 17.91 2.56 4.76
N PHE A 98 18.01 3.35 3.71
CA PHE A 98 16.92 4.23 3.32
C PHE A 98 17.25 5.00 2.04
N ALA A 99 18.45 5.57 2.03
CA ALA A 99 18.89 6.34 0.88
C ALA A 99 20.21 5.75 0.37
N GLY A 100 21.16 5.61 1.29
CA GLY A 100 22.46 5.08 0.96
C GLY A 100 22.33 3.87 0.03
N THR A 101 22.25 2.70 0.63
CA THR A 101 22.13 1.46 -0.13
C THR A 101 20.71 1.33 -0.70
N ALA A 102 20.56 1.83 -1.91
CA ALA A 102 19.26 1.78 -2.58
C ALA A 102 19.46 1.27 -4.01
N LEU A 103 18.34 1.05 -4.68
CA LEU A 103 18.37 0.56 -6.06
C LEU A 103 19.42 1.34 -6.84
N GLY A 104 20.08 0.63 -7.75
CA GLY A 104 21.10 1.24 -8.58
C GLY A 104 21.85 0.18 -9.39
N ALA A 105 23.16 0.20 -9.27
CA ALA A 105 24.00 -0.75 -9.99
C ALA A 105 25.13 -1.22 -9.07
N TRP A 106 24.79 -2.16 -8.21
CA TRP A 106 25.76 -2.70 -7.27
C TRP A 106 25.24 -4.07 -6.78
N LEU A 107 24.12 -4.01 -6.08
CA LEU A 107 23.52 -5.22 -5.55
C LEU A 107 24.55 -5.97 -4.69
N GLY A 108 24.41 -5.81 -3.39
CA GLY A 108 25.31 -6.46 -2.45
C GLY A 108 25.29 -5.75 -1.10
N SER A 109 26.17 -6.20 -0.22
CA SER A 109 26.28 -5.62 1.11
C SER A 109 27.70 -5.10 1.35
N PRO A 110 27.80 -3.76 1.56
CA PRO A 110 29.08 -3.13 1.81
C PRO A 110 29.58 -3.43 3.22
N PRO A 111 30.93 -3.37 3.38
CA PRO A 111 31.55 -3.64 4.66
C PRO A 111 31.35 -2.45 5.62
N SER A 112 30.31 -2.55 6.42
CA SER A 112 30.00 -1.50 7.38
C SER A 112 29.15 -2.07 8.52
N SER A 113 29.83 -2.39 9.62
CA SER A 113 29.15 -2.93 10.78
C SER A 113 28.54 -1.81 11.60
N MET A 10 16.84 12.78 0.21
CA MET A 10 17.86 13.76 -0.11
C MET A 10 17.55 14.45 -1.44
N GLY A 11 17.45 15.77 -1.36
CA GLY A 11 17.15 16.57 -2.55
C GLY A 11 16.62 17.95 -2.16
N LYS A 12 15.36 17.97 -1.77
CA LYS A 12 14.71 19.20 -1.38
C LYS A 12 14.58 19.24 0.14
N GLU A 13 14.36 20.45 0.65
CA GLU A 13 14.22 20.64 2.09
C GLU A 13 13.01 19.86 2.61
N SER A 14 13.29 18.83 3.38
CA SER A 14 12.23 18.00 3.95
C SER A 14 11.29 17.53 2.84
N GLY A 15 11.69 16.43 2.21
CA GLY A 15 10.88 15.86 1.14
C GLY A 15 9.50 15.46 1.64
N TRP A 16 9.48 14.47 2.51
CA TRP A 16 8.22 13.99 3.07
C TRP A 16 7.22 13.85 1.92
N ASP A 17 7.41 12.82 1.12
CA ASP A 17 6.53 12.57 -0.01
C ASP A 17 6.71 13.68 -1.04
N SER A 18 7.42 13.34 -2.11
CA SER A 18 7.67 14.30 -3.16
C SER A 18 6.38 15.02 -3.54
N GLY A 19 6.53 16.07 -4.35
CA GLY A 19 5.38 16.85 -4.77
C GLY A 19 4.56 16.09 -5.81
N ARG A 20 4.66 16.52 -7.05
CA ARG A 20 3.94 15.89 -8.14
C ARG A 20 4.62 14.57 -8.54
N ALA A 21 5.89 14.69 -8.88
CA ALA A 21 6.66 13.53 -9.29
C ALA A 21 6.32 12.35 -8.36
N ALA A 22 6.14 12.68 -7.09
CA ALA A 22 5.82 11.67 -6.10
C ALA A 22 4.78 10.70 -6.68
N VAL A 23 3.67 11.26 -7.10
CA VAL A 23 2.59 10.46 -7.68
C VAL A 23 3.18 9.48 -8.68
N ALA A 24 4.04 10.00 -9.54
CA ALA A 24 4.69 9.18 -10.56
C ALA A 24 5.36 7.99 -9.89
N ALA A 25 6.07 8.29 -8.81
CA ALA A 25 6.77 7.24 -8.07
C ALA A 25 5.76 6.25 -7.53
N VAL A 26 4.56 6.74 -7.25
CA VAL A 26 3.49 5.91 -6.72
C VAL A 26 2.84 5.14 -7.87
N VAL A 27 3.04 5.65 -9.07
CA VAL A 27 2.48 5.02 -10.26
C VAL A 27 3.31 3.79 -10.61
N GLY A 28 4.60 4.00 -10.77
CA GLY A 28 5.51 2.93 -11.10
C GLY A 28 5.38 1.76 -10.11
N GLY A 29 4.93 0.63 -10.63
CA GLY A 29 4.76 -0.55 -9.80
C GLY A 29 3.30 -1.02 -9.80
N VAL A 30 2.68 -0.89 -10.96
CA VAL A 30 1.29 -1.29 -11.12
C VAL A 30 1.13 -2.74 -10.64
N VAL A 31 1.93 -3.61 -11.23
CA VAL A 31 1.88 -5.02 -10.87
C VAL A 31 1.94 -5.16 -9.35
N ALA A 32 2.91 -4.48 -8.76
CA ALA A 32 3.09 -4.51 -7.32
C ALA A 32 1.76 -4.15 -6.64
N VAL A 33 1.08 -3.18 -7.25
CA VAL A 33 -0.20 -2.73 -6.71
C VAL A 33 -1.23 -3.85 -6.84
N GLY A 34 -1.08 -4.62 -7.90
CA GLY A 34 -1.99 -5.72 -8.16
C GLY A 34 -1.80 -6.84 -7.14
N THR A 35 -0.53 -7.17 -6.91
CA THR A 35 -0.20 -8.23 -5.97
C THR A 35 -0.71 -7.86 -4.56
N VAL A 36 -0.32 -6.68 -4.12
CA VAL A 36 -0.72 -6.21 -2.81
C VAL A 36 -2.25 -6.25 -2.70
N LEU A 37 -2.91 -5.73 -3.73
CA LEU A 37 -4.36 -5.70 -3.75
C LEU A 37 -4.88 -7.12 -3.52
N VAL A 38 -4.27 -8.07 -4.22
CA VAL A 38 -4.68 -9.46 -4.09
C VAL A 38 -4.50 -9.91 -2.64
N ALA A 39 -3.44 -9.41 -2.03
CA ALA A 39 -3.15 -9.75 -0.64
C ALA A 39 -4.23 -9.15 0.26
N LEU A 40 -4.76 -8.01 -0.17
CA LEU A 40 -5.79 -7.34 0.60
C LEU A 40 -7.09 -8.15 0.52
N SER A 41 -7.46 -8.51 -0.70
CA SER A 41 -8.66 -9.29 -0.92
C SER A 41 -8.55 -10.64 -0.23
N ALA A 42 -7.52 -11.38 -0.61
CA ALA A 42 -7.28 -12.70 -0.04
C ALA A 42 -7.47 -12.63 1.49
N MET A 43 -6.86 -11.62 2.08
CA MET A 43 -6.95 -11.42 3.52
C MET A 43 -8.18 -10.58 3.88
N GLY A 44 -9.31 -10.98 3.31
CA GLY A 44 -10.56 -10.27 3.56
C GLY A 44 -11.74 -11.25 3.57
N PHE A 45 -12.19 -11.59 2.37
CA PHE A 45 -13.32 -12.50 2.23
C PHE A 45 -13.64 -12.74 0.75
N THR A 46 -12.59 -12.84 -0.05
CA THR A 46 -12.76 -13.06 -1.47
C THR A 46 -13.53 -11.90 -2.11
N SER A 47 -13.56 -11.92 -3.43
CA SER A 47 -14.26 -10.89 -4.18
C SER A 47 -15.05 -11.51 -5.34
N VAL A 48 -14.39 -11.59 -6.48
CA VAL A 48 -15.02 -12.16 -7.66
C VAL A 48 -16.44 -11.59 -7.81
N GLY A 49 -17.29 -12.37 -8.46
CA GLY A 49 -18.66 -11.96 -8.68
C GLY A 49 -19.22 -11.26 -7.43
N ILE A 50 -19.06 -11.92 -6.30
CA ILE A 50 -19.55 -11.38 -5.04
C ILE A 50 -19.16 -9.90 -4.94
N ALA A 51 -17.87 -9.65 -5.13
CA ALA A 51 -17.35 -8.29 -5.07
C ALA A 51 -18.07 -7.43 -6.11
N ALA A 52 -18.33 -8.04 -7.26
CA ALA A 52 -19.01 -7.34 -8.34
C ALA A 52 -20.41 -6.95 -7.89
N SER A 53 -20.96 -7.75 -6.98
CA SER A 53 -22.29 -7.49 -6.45
C SER A 53 -22.25 -6.31 -5.47
N SER A 54 -21.40 -6.46 -4.46
CA SER A 54 -21.25 -5.42 -3.46
C SER A 54 -21.05 -4.05 -4.13
N ILE A 55 -20.26 -4.07 -5.20
CA ILE A 55 -19.98 -2.85 -5.94
C ILE A 55 -21.26 -2.39 -6.65
N ALA A 56 -21.79 -3.29 -7.48
CA ALA A 56 -23.00 -2.99 -8.22
C ALA A 56 -24.00 -2.28 -7.29
N ALA A 57 -24.31 -2.93 -6.19
CA ALA A 57 -25.24 -2.38 -5.23
C ALA A 57 -24.99 -0.88 -5.07
N LYS A 58 -23.82 -0.57 -4.52
CA LYS A 58 -23.43 0.81 -4.31
C LYS A 58 -24.46 1.49 -3.39
N MET A 59 -24.67 0.87 -2.24
CA MET A 59 -25.62 1.40 -1.27
C MET A 59 -25.19 1.06 0.15
N MET A 60 -25.41 2.02 1.05
CA MET A 60 -25.06 1.83 2.44
C MET A 60 -25.98 0.80 3.11
N SER A 61 -25.53 -0.45 3.08
CA SER A 61 -26.30 -1.52 3.67
C SER A 61 -26.12 -1.52 5.19
N THR A 62 -24.87 -1.67 5.61
CA THR A 62 -24.56 -1.68 7.03
C THR A 62 -24.85 -0.32 7.65
N ALA A 63 -25.95 -0.27 8.39
CA ALA A 63 -26.35 0.96 9.06
C ALA A 63 -25.44 1.22 10.24
N ALA A 64 -24.20 1.57 9.93
CA ALA A 64 -23.21 1.85 10.97
C ALA A 64 -22.43 3.12 10.60
N ILE A 65 -23.07 4.25 10.83
CA ILE A 65 -22.45 5.54 10.52
C ILE A 65 -21.79 6.09 11.79
N ALA A 66 -20.57 5.62 12.04
CA ALA A 66 -19.83 6.07 13.21
C ALA A 66 -18.33 5.87 12.95
N ASN A 67 -17.62 6.99 12.89
CA ASN A 67 -16.19 6.95 12.65
C ASN A 67 -15.92 6.44 11.23
N GLY A 68 -15.87 7.39 10.30
CA GLY A 68 -15.63 7.06 8.91
C GLY A 68 -16.27 8.08 7.98
N GLY A 69 -15.45 8.64 7.10
CA GLY A 69 -15.94 9.63 6.14
C GLY A 69 -14.95 9.78 4.98
N GLY A 70 -15.04 8.85 4.05
CA GLY A 70 -14.18 8.87 2.88
C GLY A 70 -13.01 7.89 3.04
N VAL A 71 -11.85 8.32 2.55
CA VAL A 71 -10.66 7.50 2.64
C VAL A 71 -10.36 7.19 4.11
N ALA A 72 -9.36 6.34 4.31
CA ALA A 72 -8.97 5.96 5.66
C ALA A 72 -10.22 5.76 6.51
N ALA A 73 -10.79 4.58 6.40
CA ALA A 73 -12.00 4.26 7.16
C ALA A 73 -12.35 2.79 6.94
N GLY A 74 -12.12 1.99 7.96
CA GLY A 74 -12.42 0.56 7.89
C GLY A 74 -11.29 -0.26 8.52
N SER A 75 -11.62 -1.52 8.82
CA SER A 75 -10.66 -2.41 9.42
C SER A 75 -9.35 -2.38 8.64
N LEU A 76 -9.47 -2.09 7.36
CA LEU A 76 -8.32 -2.02 6.49
C LEU A 76 -7.24 -1.15 7.13
N VAL A 77 -7.70 -0.05 7.73
CA VAL A 77 -6.79 0.87 8.38
C VAL A 77 -5.76 0.09 9.19
N ALA A 78 -6.23 -0.99 9.79
CA ALA A 78 -5.37 -1.84 10.60
C ALA A 78 -4.16 -2.27 9.77
N ILE A 79 -4.44 -2.85 8.61
CA ILE A 79 -3.40 -3.30 7.72
C ILE A 79 -2.69 -2.08 7.10
N LEU A 80 -3.44 -0.98 7.04
CA LEU A 80 -2.90 0.24 6.48
C LEU A 80 -1.61 0.61 7.22
N GLN A 81 -1.74 0.81 8.52
CA GLN A 81 -0.60 1.17 9.35
C GLN A 81 0.32 -0.03 9.52
N SER A 82 -0.28 -1.18 9.80
CA SER A 82 0.47 -2.41 10.00
C SER A 82 1.40 -2.64 8.80
N VAL A 83 0.78 -2.99 7.69
CA VAL A 83 1.54 -3.25 6.46
C VAL A 83 2.25 -1.97 6.03
N GLY A 84 1.64 -0.84 6.38
CA GLY A 84 2.20 0.45 6.03
C GLY A 84 3.63 0.60 6.57
N ALA A 85 3.71 0.74 7.88
CA ALA A 85 5.01 0.88 8.53
C ALA A 85 5.78 -0.43 8.42
N ALA A 86 5.18 -1.48 8.96
CA ALA A 86 5.80 -2.80 8.93
C ALA A 86 6.34 -3.06 7.52
N GLY A 87 5.42 -3.13 6.56
CA GLY A 87 5.80 -3.37 5.19
C GLY A 87 6.95 -2.47 4.75
N LEU A 88 6.66 -1.18 4.67
CA LEU A 88 7.66 -0.20 4.27
C LEU A 88 8.99 -0.54 4.96
N SER A 89 8.87 -1.06 6.17
CA SER A 89 10.05 -1.43 6.95
C SER A 89 10.80 -2.56 6.26
N VAL A 90 10.24 -3.76 6.36
CA VAL A 90 10.85 -4.92 5.75
C VAL A 90 11.30 -4.57 4.33
N THR A 91 10.61 -3.61 3.75
CA THR A 91 10.93 -3.17 2.39
C THR A 91 12.30 -2.50 2.37
N SER A 92 12.31 -1.23 2.72
CA SER A 92 13.54 -0.46 2.74
C SER A 92 14.64 -1.26 3.44
N LYS A 93 14.29 -1.80 4.59
CA LYS A 93 15.24 -2.59 5.37
C LYS A 93 15.88 -3.65 4.46
N VAL A 94 15.04 -4.37 3.75
CA VAL A 94 15.51 -5.41 2.85
C VAL A 94 16.40 -4.78 1.78
N ILE A 95 16.08 -3.54 1.45
CA ILE A 95 16.85 -2.81 0.46
C ILE A 95 18.21 -2.41 1.04
N GLY A 96 18.15 -1.54 2.03
CA GLY A 96 19.37 -1.07 2.68
C GLY A 96 19.34 0.44 2.88
N GLY A 97 18.53 0.87 3.83
CA GLY A 97 18.40 2.29 4.13
C GLY A 97 18.41 3.12 2.85
N PHE A 98 18.93 4.33 2.98
CA PHE A 98 19.02 5.24 1.84
C PHE A 98 20.47 5.62 1.56
N ALA A 99 21.17 4.73 0.87
CA ALA A 99 22.56 4.97 0.53
C ALA A 99 22.83 4.41 -0.87
N GLY A 100 23.88 4.95 -1.49
CA GLY A 100 24.26 4.52 -2.83
C GLY A 100 24.08 3.02 -2.99
N THR A 101 24.91 2.28 -2.26
CA THR A 101 24.87 0.83 -2.30
C THR A 101 23.42 0.34 -2.31
N ALA A 102 23.24 -0.89 -2.77
CA ALA A 102 21.92 -1.48 -2.82
C ALA A 102 21.03 -0.66 -3.76
N LEU A 103 20.01 -1.31 -4.29
CA LEU A 103 19.08 -0.65 -5.19
C LEU A 103 19.79 -0.35 -6.51
N GLY A 104 19.48 -1.14 -7.51
CA GLY A 104 20.07 -0.98 -8.83
C GLY A 104 20.80 -2.24 -9.28
N ALA A 105 20.30 -2.83 -10.35
CA ALA A 105 20.88 -4.05 -10.88
C ALA A 105 20.49 -5.23 -9.98
N TRP A 106 21.06 -5.23 -8.78
CA TRP A 106 20.78 -6.29 -7.82
C TRP A 106 21.30 -5.84 -6.45
N LEU A 107 20.78 -6.48 -5.42
CA LEU A 107 21.18 -6.16 -4.06
C LEU A 107 22.70 -6.24 -3.95
N GLY A 108 23.32 -5.06 -3.92
CA GLY A 108 24.76 -4.99 -3.80
C GLY A 108 25.22 -5.11 -2.35
N SER A 109 26.25 -5.92 -2.15
CA SER A 109 26.78 -6.13 -0.81
C SER A 109 27.67 -7.36 -0.80
N PRO A 110 27.11 -8.51 -1.28
CA PRO A 110 27.85 -9.75 -1.33
C PRO A 110 28.87 -9.74 -2.47
N PRO A 111 30.17 -9.76 -2.06
CA PRO A 111 31.26 -9.75 -3.04
C PRO A 111 31.40 -11.12 -3.70
N SER A 112 31.40 -12.15 -2.87
CA SER A 112 31.53 -13.51 -3.35
C SER A 112 31.47 -14.50 -2.19
N SER A 113 30.53 -15.43 -2.30
CA SER A 113 30.35 -16.43 -1.26
C SER A 113 30.52 -17.84 -1.85
N MET A 10 17.65 11.40 4.77
CA MET A 10 18.33 12.29 3.85
C MET A 10 18.69 13.60 4.53
N GLY A 11 17.68 14.25 5.08
CA GLY A 11 17.88 15.52 5.76
C GLY A 11 16.55 16.15 6.17
N LYS A 12 16.09 17.07 5.33
CA LYS A 12 14.83 17.75 5.58
C LYS A 12 13.68 16.92 5.02
N GLU A 13 13.52 15.74 5.60
CA GLU A 13 12.47 14.83 5.15
C GLU A 13 11.24 14.96 6.06
N SER A 14 10.33 15.85 5.67
CA SER A 14 9.12 16.08 6.44
C SER A 14 7.92 15.46 5.71
N GLY A 15 7.78 14.15 5.88
CA GLY A 15 6.68 13.44 5.25
C GLY A 15 7.06 12.99 3.83
N TRP A 16 7.17 13.95 2.95
CA TRP A 16 7.52 13.67 1.56
C TRP A 16 7.71 15.00 0.84
N ASP A 17 8.60 14.98 -0.14
CA ASP A 17 8.89 16.17 -0.92
C ASP A 17 8.76 15.85 -2.41
N SER A 18 7.54 15.98 -2.91
CA SER A 18 7.27 15.70 -4.31
C SER A 18 5.83 16.11 -4.66
N GLY A 19 5.71 16.90 -5.71
CA GLY A 19 4.41 17.36 -6.15
C GLY A 19 3.77 16.36 -7.11
N ARG A 20 3.87 16.68 -8.40
CA ARG A 20 3.32 15.81 -9.43
C ARG A 20 4.17 14.56 -9.58
N ALA A 21 5.45 14.77 -9.83
CA ALA A 21 6.37 13.67 -10.01
C ALA A 21 6.05 12.57 -8.99
N ALA A 22 5.61 13.01 -7.82
CA ALA A 22 5.25 12.09 -6.75
C ALA A 22 4.47 10.91 -7.33
N VAL A 23 3.34 11.25 -7.94
CA VAL A 23 2.48 10.24 -8.55
C VAL A 23 3.35 9.27 -9.35
N ALA A 24 4.27 9.83 -10.12
CA ALA A 24 5.16 9.02 -10.94
C ALA A 24 5.86 7.99 -10.05
N ALA A 25 6.40 8.48 -8.94
CA ALA A 25 7.10 7.61 -8.00
C ALA A 25 6.12 6.59 -7.43
N VAL A 26 4.84 6.97 -7.44
CA VAL A 26 3.80 6.09 -6.92
C VAL A 26 3.42 5.07 -7.99
N VAL A 27 3.72 5.42 -9.24
CA VAL A 27 3.42 4.54 -10.36
C VAL A 27 4.34 3.32 -10.30
N GLY A 28 5.63 3.59 -10.29
CA GLY A 28 6.62 2.53 -10.24
C GLY A 28 6.23 1.47 -9.21
N GLY A 29 5.73 0.35 -9.73
CA GLY A 29 5.31 -0.74 -8.88
C GLY A 29 3.81 -1.02 -9.02
N VAL A 30 3.35 -0.92 -10.26
CA VAL A 30 1.94 -1.15 -10.55
C VAL A 30 1.58 -2.59 -10.16
N VAL A 31 2.18 -3.54 -10.85
CA VAL A 31 1.94 -4.94 -10.58
C VAL A 31 2.02 -5.19 -9.07
N ALA A 32 3.08 -4.67 -8.47
CA ALA A 32 3.30 -4.83 -7.05
C ALA A 32 2.04 -4.38 -6.30
N VAL A 33 1.48 -3.26 -6.75
CA VAL A 33 0.29 -2.71 -6.13
C VAL A 33 -0.88 -3.69 -6.35
N GLY A 34 -0.83 -4.37 -7.49
CA GLY A 34 -1.87 -5.32 -7.83
C GLY A 34 -1.82 -6.54 -6.91
N THR A 35 -0.62 -7.06 -6.73
CA THR A 35 -0.42 -8.22 -5.88
C THR A 35 -0.87 -7.91 -4.45
N VAL A 36 -0.31 -6.84 -3.91
CA VAL A 36 -0.65 -6.44 -2.55
C VAL A 36 -2.16 -6.31 -2.42
N LEU A 37 -2.75 -5.61 -3.37
CA LEU A 37 -4.20 -5.40 -3.37
C LEU A 37 -4.89 -6.76 -3.25
N VAL A 38 -4.53 -7.66 -4.14
CA VAL A 38 -5.11 -9.00 -4.14
C VAL A 38 -5.09 -9.55 -2.71
N ALA A 39 -3.92 -9.45 -2.10
CA ALA A 39 -3.75 -9.94 -0.74
C ALA A 39 -4.64 -9.13 0.21
N LEU A 40 -4.87 -7.88 -0.16
CA LEU A 40 -5.70 -7.01 0.64
C LEU A 40 -7.13 -7.56 0.68
N SER A 41 -7.76 -7.60 -0.48
CA SER A 41 -9.11 -8.10 -0.58
C SER A 41 -9.16 -9.56 -0.14
N ALA A 42 -8.52 -10.42 -0.92
CA ALA A 42 -8.48 -11.83 -0.62
C ALA A 42 -7.80 -12.04 0.73
N MET A 43 -7.40 -13.29 0.96
CA MET A 43 -6.73 -13.64 2.21
C MET A 43 -7.72 -13.63 3.37
N GLY A 44 -8.98 -13.84 3.04
CA GLY A 44 -10.03 -13.87 4.05
C GLY A 44 -11.40 -13.61 3.42
N PHE A 45 -11.40 -12.79 2.38
CA PHE A 45 -12.63 -12.46 1.68
C PHE A 45 -12.35 -12.06 0.24
N THR A 46 -12.48 -13.04 -0.65
CA THR A 46 -12.25 -12.80 -2.06
C THR A 46 -13.23 -11.77 -2.60
N SER A 47 -13.18 -11.57 -3.92
CA SER A 47 -14.07 -10.62 -4.57
C SER A 47 -14.97 -11.34 -5.56
N VAL A 48 -14.51 -11.38 -6.80
CA VAL A 48 -15.26 -12.04 -7.86
C VAL A 48 -16.71 -11.56 -7.83
N GLY A 49 -17.60 -12.41 -8.32
CA GLY A 49 -19.02 -12.08 -8.35
C GLY A 49 -19.43 -11.34 -7.08
N ILE A 50 -19.07 -11.93 -5.94
CA ILE A 50 -19.39 -11.33 -4.66
C ILE A 50 -19.07 -9.84 -4.69
N ALA A 51 -17.83 -9.54 -5.06
CA ALA A 51 -17.38 -8.16 -5.14
C ALA A 51 -18.27 -7.39 -6.10
N ALA A 52 -18.69 -8.08 -7.15
CA ALA A 52 -19.53 -7.48 -8.17
C ALA A 52 -20.89 -7.14 -7.54
N SER A 53 -21.26 -7.93 -6.54
CA SER A 53 -22.53 -7.73 -5.86
C SER A 53 -22.43 -6.51 -4.94
N SER A 54 -21.57 -6.63 -3.94
CA SER A 54 -21.38 -5.55 -2.98
C SER A 54 -21.25 -4.22 -3.73
N ILE A 55 -20.48 -4.24 -4.80
CA ILE A 55 -20.27 -3.05 -5.59
C ILE A 55 -21.56 -2.70 -6.34
N ALA A 56 -22.09 -3.70 -7.04
CA ALA A 56 -23.32 -3.52 -7.80
C ALA A 56 -24.29 -2.67 -6.98
N ALA A 57 -24.63 -3.18 -5.80
CA ALA A 57 -25.54 -2.48 -4.92
C ALA A 57 -25.02 -1.07 -4.66
N LYS A 58 -23.78 -1.02 -4.19
CA LYS A 58 -23.15 0.26 -3.89
C LYS A 58 -23.91 0.95 -2.74
N MET A 59 -23.76 0.37 -1.56
CA MET A 59 -24.43 0.91 -0.37
C MET A 59 -24.41 2.44 -0.40
N MET A 60 -25.40 3.02 0.27
CA MET A 60 -25.52 4.46 0.34
C MET A 60 -24.21 5.09 0.81
N SER A 61 -24.03 6.36 0.42
CA SER A 61 -22.83 7.08 0.80
C SER A 61 -22.71 7.14 2.32
N THR A 62 -21.51 6.85 2.80
CA THR A 62 -21.26 6.86 4.23
C THR A 62 -22.42 6.24 5.00
N ALA A 63 -22.72 4.99 4.64
CA ALA A 63 -23.80 4.27 5.28
C ALA A 63 -23.42 3.96 6.73
N ALA A 64 -24.44 3.98 7.59
CA ALA A 64 -24.22 3.71 9.00
C ALA A 64 -23.41 4.85 9.62
N ILE A 65 -23.38 4.87 10.94
CA ILE A 65 -22.64 5.89 11.66
C ILE A 65 -21.69 5.21 12.65
N ALA A 66 -20.94 4.25 12.15
CA ALA A 66 -20.00 3.52 12.97
C ALA A 66 -18.72 3.25 12.16
N ASN A 67 -18.88 2.47 11.11
CA ASN A 67 -17.76 2.13 10.25
C ASN A 67 -17.65 3.17 9.13
N GLY A 68 -16.42 3.62 8.92
CA GLY A 68 -16.17 4.61 7.88
C GLY A 68 -16.18 3.97 6.49
N GLY A 69 -16.21 4.83 5.48
CA GLY A 69 -16.22 4.35 4.11
C GLY A 69 -15.13 5.06 3.28
N GLY A 70 -15.24 6.38 3.25
CA GLY A 70 -14.28 7.19 2.49
C GLY A 70 -12.91 7.18 3.17
N VAL A 71 -11.87 7.29 2.35
CA VAL A 71 -10.52 7.30 2.85
C VAL A 71 -10.31 6.10 3.80
N ALA A 72 -9.09 5.99 4.29
CA ALA A 72 -8.76 4.90 5.19
C ALA A 72 -9.88 4.74 6.23
N ALA A 73 -10.35 3.50 6.35
CA ALA A 73 -11.42 3.19 7.29
C ALA A 73 -11.67 1.69 7.29
N GLY A 74 -12.30 1.22 8.37
CA GLY A 74 -12.61 -0.18 8.50
C GLY A 74 -11.40 -0.96 9.04
N SER A 75 -11.63 -2.23 9.32
CA SER A 75 -10.58 -3.09 9.83
C SER A 75 -9.34 -2.98 8.94
N LEU A 76 -9.58 -2.68 7.68
CA LEU A 76 -8.50 -2.54 6.72
C LEU A 76 -7.45 -1.58 7.27
N VAL A 77 -7.93 -0.53 7.92
CA VAL A 77 -7.06 0.46 8.50
C VAL A 77 -5.97 -0.23 9.32
N ALA A 78 -6.38 -1.30 9.99
CA ALA A 78 -5.46 -2.07 10.81
C ALA A 78 -4.28 -2.53 9.96
N ILE A 79 -4.61 -3.06 8.78
CA ILE A 79 -3.60 -3.54 7.87
C ILE A 79 -2.90 -2.34 7.21
N LEU A 80 -3.63 -1.24 7.14
CA LEU A 80 -3.08 -0.03 6.54
C LEU A 80 -1.83 0.39 7.30
N GLN A 81 -1.98 0.54 8.61
CA GLN A 81 -0.87 0.93 9.46
C GLN A 81 0.15 -0.20 9.57
N SER A 82 -0.36 -1.39 9.87
CA SER A 82 0.49 -2.56 10.00
C SER A 82 1.33 -2.75 8.74
N VAL A 83 0.66 -3.14 7.67
CA VAL A 83 1.33 -3.35 6.40
C VAL A 83 2.02 -2.05 5.97
N GLY A 84 1.42 -0.94 6.37
CA GLY A 84 1.97 0.37 6.03
C GLY A 84 3.40 0.50 6.53
N ALA A 85 3.53 0.63 7.84
CA ALA A 85 4.85 0.76 8.46
C ALA A 85 5.63 -0.54 8.27
N ALA A 86 5.08 -1.60 8.83
CA ALA A 86 5.71 -2.91 8.75
C ALA A 86 6.23 -3.12 7.32
N GLY A 87 5.30 -3.07 6.38
CA GLY A 87 5.65 -3.25 4.97
C GLY A 87 6.82 -2.35 4.58
N LEU A 88 6.54 -1.06 4.50
CA LEU A 88 7.55 -0.08 4.15
C LEU A 88 8.87 -0.45 4.83
N SER A 89 8.75 -1.03 6.01
CA SER A 89 9.92 -1.43 6.78
C SER A 89 10.68 -2.51 6.03
N VAL A 90 10.10 -3.70 6.00
CA VAL A 90 10.73 -4.83 5.33
C VAL A 90 11.15 -4.39 3.92
N THR A 91 10.42 -3.42 3.39
CA THR A 91 10.72 -2.92 2.06
C THR A 91 12.11 -2.26 2.04
N SER A 92 12.14 -1.01 2.47
CA SER A 92 13.39 -0.26 2.50
C SER A 92 14.50 -1.13 3.08
N LYS A 93 14.16 -1.85 4.14
CA LYS A 93 15.13 -2.72 4.80
C LYS A 93 15.81 -3.60 3.75
N VAL A 94 14.99 -4.31 2.99
CA VAL A 94 15.50 -5.19 1.94
C VAL A 94 16.27 -4.36 0.92
N ILE A 95 15.87 -3.10 0.80
CA ILE A 95 16.51 -2.20 -0.15
C ILE A 95 17.88 -1.79 0.41
N GLY A 96 17.84 -0.92 1.40
CA GLY A 96 19.05 -0.43 2.03
C GLY A 96 18.86 0.95 2.63
N GLY A 97 18.01 1.01 3.65
CA GLY A 97 17.72 2.26 4.33
C GLY A 97 17.58 3.41 3.31
N PHE A 98 18.67 4.15 3.15
CA PHE A 98 18.69 5.26 2.22
C PHE A 98 20.08 5.89 2.16
N ALA A 99 20.82 5.49 1.14
CA ALA A 99 22.16 6.02 0.94
C ALA A 99 22.65 5.63 -0.46
N GLY A 100 23.12 4.39 -0.57
CA GLY A 100 23.62 3.90 -1.84
C GLY A 100 23.36 2.40 -1.97
N THR A 101 23.77 1.86 -3.12
CA THR A 101 23.60 0.44 -3.38
C THR A 101 22.25 -0.04 -2.85
N ALA A 102 21.20 0.59 -3.36
CA ALA A 102 19.85 0.23 -2.96
C ALA A 102 18.86 0.68 -4.04
N LEU A 103 18.76 -0.14 -5.08
CA LEU A 103 17.86 0.16 -6.18
C LEU A 103 17.88 -1.00 -7.17
N GLY A 104 19.02 -1.17 -7.82
CA GLY A 104 19.18 -2.24 -8.80
C GLY A 104 20.23 -3.25 -8.34
N ALA A 105 20.62 -4.11 -9.27
CA ALA A 105 21.61 -5.13 -8.97
C ALA A 105 21.08 -6.05 -7.88
N TRP A 106 21.16 -7.35 -8.16
CA TRP A 106 20.69 -8.35 -7.22
C TRP A 106 21.38 -8.09 -5.87
N LEU A 107 20.58 -7.64 -4.91
CA LEU A 107 21.10 -7.36 -3.58
C LEU A 107 21.88 -8.57 -3.07
N GLY A 108 22.97 -8.28 -2.38
CA GLY A 108 23.81 -9.33 -1.84
C GLY A 108 24.80 -8.77 -0.81
N SER A 109 25.13 -9.60 0.16
CA SER A 109 26.07 -9.21 1.21
C SER A 109 26.52 -10.43 2.00
N PRO A 110 27.53 -11.15 1.43
CA PRO A 110 28.07 -12.33 2.08
C PRO A 110 28.94 -11.96 3.28
N PRO A 111 29.10 -12.95 4.20
CA PRO A 111 29.91 -12.74 5.38
C PRO A 111 31.40 -12.77 5.04
N SER A 112 32.04 -11.62 5.25
CA SER A 112 33.47 -11.51 4.96
C SER A 112 34.26 -11.39 6.26
N SER A 113 33.92 -10.38 7.04
CA SER A 113 34.57 -10.15 8.31
C SER A 113 33.98 -11.06 9.39
N MET A 10 14.51 8.23 7.30
CA MET A 10 14.27 9.67 7.25
C MET A 10 15.00 10.31 6.07
N GLY A 11 14.25 11.08 5.29
CA GLY A 11 14.83 11.74 4.14
C GLY A 11 13.87 12.81 3.58
N LYS A 12 14.29 14.05 3.66
CA LYS A 12 13.50 15.15 3.18
C LYS A 12 12.19 15.22 3.98
N GLU A 13 11.57 16.39 3.94
CA GLU A 13 10.32 16.59 4.65
C GLU A 13 9.28 15.57 4.20
N SER A 14 8.26 15.40 5.03
CA SER A 14 7.19 14.46 4.74
C SER A 14 6.72 14.65 3.30
N GLY A 15 6.56 15.91 2.91
CA GLY A 15 6.11 16.23 1.57
C GLY A 15 4.98 15.30 1.12
N TRP A 16 3.85 15.44 1.80
CA TRP A 16 2.70 14.61 1.48
C TRP A 16 2.27 14.92 0.04
N ASP A 17 2.19 16.22 -0.24
CA ASP A 17 1.80 16.68 -1.57
C ASP A 17 2.95 16.43 -2.55
N SER A 18 2.59 16.37 -3.82
CA SER A 18 3.58 16.14 -4.86
C SER A 18 2.90 16.15 -6.24
N GLY A 19 3.32 17.10 -7.06
CA GLY A 19 2.76 17.23 -8.40
C GLY A 19 3.49 16.31 -9.38
N ARG A 20 4.79 16.55 -9.52
CA ARG A 20 5.61 15.77 -10.41
C ARG A 20 5.94 14.41 -9.79
N ALA A 21 6.44 14.46 -8.58
CA ALA A 21 6.80 13.24 -7.86
C ALA A 21 5.71 12.18 -8.09
N ALA A 22 4.49 12.66 -8.19
CA ALA A 22 3.35 11.77 -8.41
C ALA A 22 3.74 10.72 -9.46
N VAL A 23 4.12 11.20 -10.62
CA VAL A 23 4.51 10.32 -11.71
C VAL A 23 5.39 9.20 -11.16
N ALA A 24 6.37 9.61 -10.37
CA ALA A 24 7.30 8.66 -9.77
C ALA A 24 6.50 7.61 -8.99
N ALA A 25 5.58 8.09 -8.17
CA ALA A 25 4.76 7.22 -7.37
C ALA A 25 4.00 6.25 -8.29
N VAL A 26 3.75 6.72 -9.50
CA VAL A 26 3.05 5.91 -10.49
C VAL A 26 4.02 4.90 -11.11
N VAL A 27 5.28 5.30 -11.15
CA VAL A 27 6.31 4.43 -11.72
C VAL A 27 6.73 3.40 -10.66
N GLY A 28 6.41 3.70 -9.42
CA GLY A 28 6.75 2.81 -8.33
C GLY A 28 6.61 1.34 -8.74
N GLY A 29 5.38 0.98 -9.07
CA GLY A 29 5.09 -0.38 -9.49
C GLY A 29 3.60 -0.67 -9.44
N VAL A 30 2.94 -0.48 -10.58
CA VAL A 30 1.52 -0.71 -10.68
C VAL A 30 1.21 -2.16 -10.26
N VAL A 31 1.82 -3.09 -11.00
CA VAL A 31 1.61 -4.50 -10.73
C VAL A 31 1.82 -4.77 -9.23
N ALA A 32 2.91 -4.21 -8.71
CA ALA A 32 3.23 -4.37 -7.31
C ALA A 32 2.03 -3.94 -6.46
N VAL A 33 1.40 -2.85 -6.88
CA VAL A 33 0.25 -2.33 -6.18
C VAL A 33 -0.92 -3.30 -6.34
N GLY A 34 -0.92 -3.99 -7.47
CA GLY A 34 -1.98 -4.94 -7.76
C GLY A 34 -1.90 -6.16 -6.83
N THR A 35 -0.71 -6.71 -6.74
CA THR A 35 -0.48 -7.87 -5.89
C THR A 35 -0.75 -7.52 -4.42
N VAL A 36 -0.23 -6.38 -4.02
CA VAL A 36 -0.41 -5.91 -2.66
C VAL A 36 -1.90 -5.86 -2.33
N LEU A 37 -2.62 -5.11 -3.16
CA LEU A 37 -4.06 -4.98 -2.98
C LEU A 37 -4.71 -6.36 -2.98
N VAL A 38 -4.31 -7.17 -3.95
CA VAL A 38 -4.84 -8.51 -4.07
C VAL A 38 -4.63 -9.26 -2.75
N ALA A 39 -3.53 -8.92 -2.08
CA ALA A 39 -3.21 -9.55 -0.82
C ALA A 39 -4.21 -9.10 0.25
N LEU A 40 -4.36 -7.78 0.34
CA LEU A 40 -5.28 -7.20 1.31
C LEU A 40 -6.67 -7.82 1.12
N SER A 41 -7.17 -7.70 -0.11
CA SER A 41 -8.48 -8.23 -0.43
C SER A 41 -8.51 -9.74 -0.17
N ALA A 42 -7.46 -10.41 -0.62
CA ALA A 42 -7.36 -11.85 -0.45
C ALA A 42 -7.50 -12.19 1.05
N MET A 43 -7.19 -13.44 1.37
CA MET A 43 -7.27 -13.89 2.74
C MET A 43 -8.74 -14.02 3.19
N GLY A 44 -9.46 -12.92 3.09
CA GLY A 44 -10.86 -12.91 3.47
C GLY A 44 -11.73 -12.32 2.36
N PHE A 45 -11.84 -13.08 1.27
CA PHE A 45 -12.64 -12.65 0.13
C PHE A 45 -12.06 -11.37 -0.48
N THR A 46 -11.77 -11.45 -1.77
CA THR A 46 -11.22 -10.32 -2.49
C THR A 46 -12.32 -9.29 -2.78
N SER A 47 -13.15 -9.62 -3.75
CA SER A 47 -14.25 -8.74 -4.13
C SER A 47 -15.38 -9.54 -4.76
N VAL A 48 -15.02 -10.27 -5.81
CA VAL A 48 -15.99 -11.10 -6.51
C VAL A 48 -17.17 -10.22 -6.95
N GLY A 49 -17.97 -10.76 -7.85
CA GLY A 49 -19.13 -10.05 -8.35
C GLY A 49 -19.84 -9.29 -7.22
N ILE A 50 -19.97 -9.96 -6.09
CA ILE A 50 -20.62 -9.37 -4.94
C ILE A 50 -20.06 -7.96 -4.71
N ALA A 51 -18.74 -7.90 -4.56
CA ALA A 51 -18.07 -6.63 -4.35
C ALA A 51 -18.30 -5.72 -5.57
N ALA A 52 -18.44 -6.36 -6.71
CA ALA A 52 -18.65 -5.64 -7.95
C ALA A 52 -20.02 -4.94 -7.90
N SER A 53 -20.93 -5.56 -7.15
CA SER A 53 -22.27 -5.01 -7.00
C SER A 53 -22.27 -3.87 -5.99
N SER A 54 -21.67 -4.14 -4.85
CA SER A 54 -21.59 -3.15 -3.79
C SER A 54 -20.95 -1.86 -4.32
N ILE A 55 -19.87 -2.05 -5.07
CA ILE A 55 -19.16 -0.91 -5.64
C ILE A 55 -20.01 -0.29 -6.75
N ALA A 56 -20.50 -1.15 -7.63
CA ALA A 56 -21.32 -0.70 -8.73
C ALA A 56 -22.43 0.23 -8.20
N ALA A 57 -22.96 -0.15 -7.05
CA ALA A 57 -24.01 0.63 -6.43
C ALA A 57 -23.48 2.03 -6.10
N LYS A 58 -22.44 2.04 -5.27
CA LYS A 58 -21.82 3.30 -4.86
C LYS A 58 -22.92 4.33 -4.59
N MET A 59 -23.98 3.88 -3.93
CA MET A 59 -25.08 4.75 -3.60
C MET A 59 -24.91 5.36 -2.21
N MET A 60 -24.94 6.69 -2.18
CA MET A 60 -24.79 7.41 -0.92
C MET A 60 -25.79 6.91 0.12
N SER A 61 -25.25 6.47 1.25
CA SER A 61 -26.08 5.96 2.32
C SER A 61 -25.24 5.78 3.59
N THR A 62 -24.16 5.02 3.44
CA THR A 62 -23.27 4.76 4.56
C THR A 62 -21.86 5.26 4.24
N ALA A 63 -21.51 6.39 4.85
CA ALA A 63 -20.21 6.98 4.64
C ALA A 63 -19.13 6.07 5.24
N ALA A 64 -19.27 5.82 6.54
CA ALA A 64 -18.32 4.98 7.24
C ALA A 64 -19.09 4.09 8.23
N ILE A 65 -18.53 2.92 8.47
CA ILE A 65 -19.14 1.98 9.39
C ILE A 65 -19.44 2.68 10.73
N ALA A 66 -20.03 1.94 11.64
CA ALA A 66 -20.38 2.48 12.94
C ALA A 66 -19.12 2.52 13.82
N ASN A 67 -18.34 3.58 13.63
CA ASN A 67 -17.12 3.75 14.39
C ASN A 67 -16.48 5.07 14.03
N GLY A 68 -16.82 6.10 14.80
CA GLY A 68 -16.29 7.43 14.56
C GLY A 68 -16.79 8.00 13.23
N GLY A 69 -15.84 8.28 12.35
CA GLY A 69 -16.17 8.82 11.04
C GLY A 69 -14.90 9.10 10.24
N GLY A 70 -14.09 8.07 10.08
CA GLY A 70 -12.85 8.19 9.34
C GLY A 70 -12.92 7.42 8.02
N VAL A 71 -12.05 7.80 7.10
CA VAL A 71 -12.00 7.16 5.81
C VAL A 71 -12.18 5.64 5.98
N ALA A 72 -11.08 4.98 6.32
CA ALA A 72 -11.11 3.54 6.52
C ALA A 72 -12.01 3.22 7.71
N ALA A 73 -11.56 3.62 8.88
CA ALA A 73 -12.33 3.38 10.10
C ALA A 73 -12.87 1.95 10.08
N GLY A 74 -12.08 1.04 10.60
CA GLY A 74 -12.47 -0.36 10.64
C GLY A 74 -11.24 -1.28 10.69
N SER A 75 -11.49 -2.56 10.50
CA SER A 75 -10.42 -3.55 10.53
C SER A 75 -9.30 -3.13 9.57
N LEU A 76 -9.71 -2.51 8.48
CA LEU A 76 -8.76 -2.05 7.48
C LEU A 76 -7.68 -1.19 8.16
N VAL A 77 -8.13 -0.41 9.13
CA VAL A 77 -7.23 0.47 9.86
C VAL A 77 -6.05 -0.36 10.39
N ALA A 78 -6.38 -1.53 10.90
CA ALA A 78 -5.36 -2.43 11.44
C ALA A 78 -4.48 -2.94 10.30
N ILE A 79 -5.10 -3.07 9.13
CA ILE A 79 -4.38 -3.55 7.96
C ILE A 79 -3.32 -2.52 7.55
N LEU A 80 -3.81 -1.31 7.29
CA LEU A 80 -2.93 -0.23 6.89
C LEU A 80 -1.88 0.00 7.98
N GLN A 81 -2.29 -0.23 9.22
CA GLN A 81 -1.40 -0.05 10.35
C GLN A 81 -0.18 -0.99 10.22
N SER A 82 -0.47 -2.27 10.11
CA SER A 82 0.57 -3.26 9.98
C SER A 82 1.21 -3.18 8.59
N VAL A 83 0.44 -3.59 7.60
CA VAL A 83 0.90 -3.56 6.22
C VAL A 83 1.70 -2.28 5.98
N GLY A 84 1.20 -1.20 6.56
CA GLY A 84 1.86 0.09 6.42
C GLY A 84 3.26 0.06 7.04
N ALA A 85 3.27 -0.16 8.35
CA ALA A 85 4.54 -0.21 9.07
C ALA A 85 5.42 -1.31 8.49
N ALA A 86 5.01 -2.55 8.73
CA ALA A 86 5.75 -3.69 8.24
C ALA A 86 6.17 -3.44 6.78
N GLY A 87 5.18 -3.17 5.95
CA GLY A 87 5.43 -2.90 4.54
C GLY A 87 6.66 -2.01 4.37
N LEU A 88 6.50 -0.75 4.76
CA LEU A 88 7.59 0.21 4.65
C LEU A 88 8.84 -0.38 5.28
N SER A 89 8.63 -1.18 6.32
CA SER A 89 9.75 -1.81 7.01
C SER A 89 10.50 -2.75 6.06
N VAL A 90 9.95 -3.93 5.87
CA VAL A 90 10.56 -4.92 5.00
C VAL A 90 10.98 -4.23 3.68
N THR A 91 10.25 -3.18 3.35
CA THR A 91 10.52 -2.43 2.13
C THR A 91 11.93 -1.83 2.19
N SER A 92 12.02 -0.68 2.84
CA SER A 92 13.29 0.01 2.97
C SER A 92 14.39 -0.99 3.34
N LYS A 93 14.12 -1.76 4.39
CA LYS A 93 15.07 -2.75 4.86
C LYS A 93 15.59 -3.56 3.66
N VAL A 94 14.66 -4.21 2.99
CA VAL A 94 15.00 -5.02 1.83
C VAL A 94 15.92 -4.21 0.91
N ILE A 95 15.63 -2.92 0.83
CA ILE A 95 16.40 -2.03 -0.02
C ILE A 95 17.77 -1.79 0.63
N GLY A 96 17.74 -1.07 1.75
CA GLY A 96 18.96 -0.76 2.47
C GLY A 96 18.73 0.37 3.48
N GLY A 97 19.30 0.20 4.66
CA GLY A 97 19.16 1.19 5.71
C GLY A 97 19.20 2.60 5.14
N PHE A 98 18.32 3.45 5.65
CA PHE A 98 18.25 4.83 5.20
C PHE A 98 19.64 5.39 4.93
N ALA A 99 20.03 5.34 3.66
CA ALA A 99 21.34 5.84 3.25
C ALA A 99 21.37 5.97 1.73
N GLY A 100 20.40 6.70 1.20
CA GLY A 100 20.31 6.90 -0.24
C GLY A 100 19.76 5.66 -0.93
N THR A 101 20.55 4.61 -0.92
CA THR A 101 20.15 3.35 -1.55
C THR A 101 19.38 3.63 -2.84
N ALA A 102 20.11 3.71 -3.93
CA ALA A 102 19.51 3.97 -5.23
C ALA A 102 18.99 2.66 -5.81
N LEU A 103 17.68 2.47 -5.70
CA LEU A 103 17.06 1.26 -6.22
C LEU A 103 17.64 0.93 -7.59
N GLY A 104 17.42 -0.31 -8.01
CA GLY A 104 17.92 -0.75 -9.30
C GLY A 104 18.19 -2.26 -9.28
N ALA A 105 19.31 -2.64 -9.87
CA ALA A 105 19.70 -4.04 -9.92
C ALA A 105 20.47 -4.40 -8.66
N TRP A 106 19.79 -4.30 -7.53
CA TRP A 106 20.40 -4.61 -6.25
C TRP A 106 21.53 -3.61 -6.01
N LEU A 107 21.60 -3.14 -4.77
CA LEU A 107 22.63 -2.18 -4.40
C LEU A 107 22.54 -1.90 -2.90
N GLY A 108 22.75 -2.94 -2.12
CA GLY A 108 22.69 -2.83 -0.68
C GLY A 108 23.35 -4.03 0.00
N SER A 109 24.49 -3.78 0.61
CA SER A 109 25.23 -4.83 1.30
C SER A 109 24.42 -5.35 2.48
N PRO A 110 24.75 -6.61 2.89
CA PRO A 110 24.05 -7.23 4.01
C PRO A 110 24.52 -6.64 5.33
N PRO A 111 23.58 -6.62 6.32
CA PRO A 111 23.87 -6.09 7.64
C PRO A 111 24.74 -7.06 8.44
N SER A 112 24.20 -8.25 8.65
CA SER A 112 24.91 -9.28 9.39
C SER A 112 25.10 -8.83 10.84
N SER A 113 23.98 -8.53 11.48
CA SER A 113 24.01 -8.09 12.87
C SER A 113 23.53 -9.21 13.79
N MET A 10 15.58 16.31 0.22
CA MET A 10 14.65 15.95 1.29
C MET A 10 13.93 17.19 1.82
N GLY A 11 12.68 17.33 1.39
CA GLY A 11 11.87 18.46 1.82
C GLY A 11 11.65 19.45 0.67
N LYS A 12 10.69 19.11 -0.17
CA LYS A 12 10.37 19.94 -1.32
C LYS A 12 9.54 21.13 -0.85
N GLU A 13 8.36 20.83 -0.34
CA GLU A 13 7.47 21.87 0.15
C GLU A 13 7.65 22.08 1.65
N SER A 14 7.43 21.00 2.40
CA SER A 14 7.57 21.04 3.84
C SER A 14 8.09 19.70 4.36
N GLY A 15 7.34 18.65 4.07
CA GLY A 15 7.71 17.31 4.49
C GLY A 15 6.51 16.37 4.45
N TRP A 16 6.82 15.08 4.52
CA TRP A 16 5.77 14.07 4.49
C TRP A 16 5.13 14.09 3.10
N ASP A 17 5.23 12.96 2.41
CA ASP A 17 4.66 12.85 1.08
C ASP A 17 5.27 13.92 0.17
N SER A 18 5.06 13.75 -1.12
CA SER A 18 5.58 14.69 -2.10
C SER A 18 4.45 15.24 -2.96
N GLY A 19 4.82 16.12 -3.88
CA GLY A 19 3.84 16.72 -4.77
C GLY A 19 3.23 15.67 -5.71
N ARG A 20 2.95 16.11 -6.93
CA ARG A 20 2.38 15.22 -7.93
C ARG A 20 3.32 14.06 -8.22
N ALA A 21 4.58 14.42 -8.45
CA ALA A 21 5.59 13.42 -8.75
C ALA A 21 5.39 12.20 -7.83
N ALA A 22 5.02 12.49 -6.59
CA ALA A 22 4.79 11.44 -5.61
C ALA A 22 4.01 10.30 -6.27
N VAL A 23 2.84 10.65 -6.79
CA VAL A 23 2.00 9.66 -7.44
C VAL A 23 2.85 8.81 -8.39
N ALA A 24 3.68 9.49 -9.16
CA ALA A 24 4.56 8.81 -10.10
C ALA A 24 5.37 7.75 -9.36
N ALA A 25 5.93 8.15 -8.23
CA ALA A 25 6.73 7.24 -7.42
C ALA A 25 5.84 6.10 -6.92
N VAL A 26 4.56 6.39 -6.80
CA VAL A 26 3.60 5.40 -6.33
C VAL A 26 3.20 4.51 -7.49
N VAL A 27 3.42 5.01 -8.70
CA VAL A 27 3.09 4.26 -9.91
C VAL A 27 4.16 3.19 -10.14
N GLY A 28 5.35 3.47 -9.65
CA GLY A 28 6.47 2.55 -9.80
C GLY A 28 6.23 1.27 -8.99
N GLY A 29 5.89 0.21 -9.70
CA GLY A 29 5.64 -1.07 -9.08
C GLY A 29 4.14 -1.43 -9.13
N VAL A 30 3.54 -1.10 -10.27
CA VAL A 30 2.12 -1.37 -10.47
C VAL A 30 1.84 -2.82 -10.07
N VAL A 31 2.61 -3.73 -10.65
CA VAL A 31 2.44 -5.14 -10.36
C VAL A 31 2.40 -5.35 -8.85
N ALA A 32 3.37 -4.78 -8.18
CA ALA A 32 3.45 -4.89 -6.73
C ALA A 32 2.14 -4.43 -6.11
N VAL A 33 1.57 -3.39 -6.70
CA VAL A 33 0.31 -2.84 -6.22
C VAL A 33 -0.80 -3.84 -6.50
N GLY A 34 -0.65 -4.59 -7.57
CA GLY A 34 -1.63 -5.59 -7.95
C GLY A 34 -1.64 -6.75 -6.96
N THR A 35 -0.47 -7.34 -6.79
CA THR A 35 -0.33 -8.47 -5.87
C THR A 35 -0.81 -8.08 -4.47
N VAL A 36 -0.36 -6.92 -4.03
CA VAL A 36 -0.74 -6.42 -2.71
C VAL A 36 -2.26 -6.36 -2.62
N LEU A 37 -2.85 -5.64 -3.56
CA LEU A 37 -4.29 -5.50 -3.59
C LEU A 37 -4.95 -6.87 -3.43
N VAL A 38 -4.74 -7.70 -4.43
CA VAL A 38 -5.31 -9.04 -4.42
C VAL A 38 -5.18 -9.63 -3.01
N ALA A 39 -4.03 -9.38 -2.40
CA ALA A 39 -3.78 -9.87 -1.06
C ALA A 39 -4.87 -9.35 -0.12
N LEU A 40 -5.07 -8.04 -0.17
CA LEU A 40 -6.07 -7.41 0.67
C LEU A 40 -7.46 -7.81 0.18
N SER A 41 -7.84 -7.23 -0.94
CA SER A 41 -9.14 -7.52 -1.53
C SER A 41 -9.49 -9.00 -1.35
N ALA A 42 -8.72 -9.84 -2.04
CA ALA A 42 -8.94 -11.27 -1.97
C ALA A 42 -8.17 -11.83 -0.77
N MET A 43 -8.20 -13.15 -0.67
CA MET A 43 -7.51 -13.83 0.42
C MET A 43 -7.53 -15.35 0.24
N GLY A 44 -8.68 -15.84 -0.19
CA GLY A 44 -8.84 -17.26 -0.42
C GLY A 44 -9.65 -17.53 -1.70
N PHE A 45 -10.86 -16.99 -1.71
CA PHE A 45 -11.74 -17.16 -2.85
C PHE A 45 -13.06 -16.42 -2.64
N THR A 46 -12.94 -15.23 -2.06
CA THR A 46 -14.11 -14.41 -1.80
C THR A 46 -13.84 -12.95 -2.18
N SER A 47 -14.43 -12.56 -3.31
CA SER A 47 -14.26 -11.20 -3.80
C SER A 47 -14.96 -11.05 -5.15
N VAL A 48 -14.88 -12.09 -5.95
CA VAL A 48 -15.50 -12.09 -7.27
C VAL A 48 -17.01 -11.89 -7.11
N GLY A 49 -17.73 -13.01 -7.21
CA GLY A 49 -19.18 -12.97 -7.08
C GLY A 49 -19.62 -11.93 -6.03
N ILE A 50 -19.08 -12.10 -4.83
CA ILE A 50 -19.41 -11.19 -3.74
C ILE A 50 -19.43 -9.76 -4.27
N ALA A 51 -18.32 -9.37 -4.89
CA ALA A 51 -18.21 -8.03 -5.44
C ALA A 51 -19.38 -7.77 -6.41
N ALA A 52 -19.65 -8.77 -7.23
CA ALA A 52 -20.72 -8.67 -8.19
C ALA A 52 -22.04 -8.35 -7.46
N SER A 53 -22.13 -8.88 -6.24
CA SER A 53 -23.31 -8.67 -5.43
C SER A 53 -23.36 -7.21 -4.94
N SER A 54 -22.23 -6.76 -4.41
CA SER A 54 -22.14 -5.41 -3.91
C SER A 54 -22.42 -4.41 -5.04
N ILE A 55 -21.62 -4.50 -6.09
CA ILE A 55 -21.78 -3.61 -7.22
C ILE A 55 -23.23 -3.66 -7.70
N ALA A 56 -23.70 -4.88 -7.95
CA ALA A 56 -25.07 -5.07 -8.41
C ALA A 56 -26.01 -4.29 -7.50
N ALA A 57 -25.86 -4.50 -6.20
CA ALA A 57 -26.70 -3.82 -5.22
C ALA A 57 -26.68 -2.32 -5.49
N LYS A 58 -25.47 -1.77 -5.45
CA LYS A 58 -25.30 -0.34 -5.68
C LYS A 58 -26.14 0.44 -4.68
N MET A 59 -25.46 0.95 -3.65
CA MET A 59 -26.12 1.72 -2.61
C MET A 59 -27.44 1.05 -2.20
N MET A 60 -27.31 0.13 -1.24
CA MET A 60 -28.48 -0.59 -0.75
C MET A 60 -28.31 -0.97 0.72
N SER A 61 -28.79 -0.10 1.59
CA SER A 61 -28.68 -0.32 3.02
C SER A 61 -27.22 -0.55 3.41
N THR A 62 -26.52 0.55 3.60
CA THR A 62 -25.11 0.49 3.97
C THR A 62 -24.71 1.73 4.77
N ALA A 63 -23.75 1.54 5.65
CA ALA A 63 -23.27 2.63 6.48
C ALA A 63 -22.09 2.15 7.33
N ALA A 64 -21.23 3.09 7.69
CA ALA A 64 -20.07 2.77 8.49
C ALA A 64 -20.49 1.89 9.68
N ILE A 65 -19.58 1.02 10.08
CA ILE A 65 -19.84 0.12 11.18
C ILE A 65 -20.52 0.90 12.32
N ALA A 66 -20.04 2.11 12.53
CA ALA A 66 -20.59 2.96 13.57
C ALA A 66 -19.90 4.32 13.54
N ASN A 67 -18.59 4.29 13.78
CA ASN A 67 -17.80 5.51 13.78
C ASN A 67 -17.18 5.70 12.40
N GLY A 68 -17.90 6.42 11.56
CA GLY A 68 -17.43 6.70 10.20
C GLY A 68 -16.07 7.40 10.22
N GLY A 69 -15.76 8.05 9.11
CA GLY A 69 -14.51 8.78 9.00
C GLY A 69 -13.39 7.86 8.49
N GLY A 70 -13.36 6.66 9.06
CA GLY A 70 -12.35 5.68 8.68
C GLY A 70 -12.13 5.69 7.16
N VAL A 71 -10.86 5.61 6.77
CA VAL A 71 -10.51 5.60 5.37
C VAL A 71 -10.60 4.17 4.83
N ALA A 72 -10.80 4.07 3.53
CA ALA A 72 -10.91 2.78 2.88
C ALA A 72 -12.23 2.12 3.27
N ALA A 73 -12.33 1.80 4.55
CA ALA A 73 -13.54 1.17 5.07
C ALA A 73 -13.51 1.19 6.59
N GLY A 74 -12.68 0.32 7.15
CA GLY A 74 -12.54 0.23 8.59
C GLY A 74 -11.29 -0.56 8.97
N SER A 75 -11.50 -1.81 9.33
CA SER A 75 -10.39 -2.68 9.71
C SER A 75 -9.23 -2.51 8.74
N LEU A 76 -9.57 -2.15 7.51
CA LEU A 76 -8.57 -1.95 6.48
C LEU A 76 -7.45 -1.07 7.02
N VAL A 77 -7.85 0.06 7.59
CA VAL A 77 -6.90 0.99 8.16
C VAL A 77 -5.87 0.23 9.01
N ALA A 78 -6.38 -0.73 9.77
CA ALA A 78 -5.53 -1.54 10.62
C ALA A 78 -4.38 -2.11 9.79
N ILE A 79 -4.75 -2.70 8.66
CA ILE A 79 -3.78 -3.30 7.76
C ILE A 79 -2.95 -2.19 7.11
N LEU A 80 -3.59 -1.05 6.94
CA LEU A 80 -2.93 0.09 6.32
C LEU A 80 -1.73 0.51 7.19
N GLN A 81 -1.98 0.59 8.49
CA GLN A 81 -0.94 0.98 9.42
C GLN A 81 0.13 -0.11 9.51
N SER A 82 -0.33 -1.33 9.72
CA SER A 82 0.57 -2.46 9.82
C SER A 82 1.41 -2.58 8.55
N VAL A 83 0.75 -2.98 7.48
CA VAL A 83 1.41 -3.13 6.20
C VAL A 83 2.13 -1.83 5.84
N GLY A 84 1.57 -0.73 6.32
CA GLY A 84 2.14 0.58 6.05
C GLY A 84 3.57 0.66 6.56
N ALA A 85 3.72 0.66 7.87
CA ALA A 85 5.03 0.74 8.48
C ALA A 85 5.80 -0.56 8.19
N ALA A 86 5.25 -1.66 8.69
CA ALA A 86 5.86 -2.96 8.49
C ALA A 86 6.37 -3.07 7.05
N GLY A 87 5.46 -2.81 6.11
CA GLY A 87 5.80 -2.87 4.71
C GLY A 87 7.01 -1.98 4.39
N LEU A 88 6.78 -0.67 4.44
CA LEU A 88 7.83 0.28 4.17
C LEU A 88 9.13 -0.20 4.82
N SER A 89 8.98 -0.86 5.96
CA SER A 89 10.13 -1.37 6.68
C SER A 89 10.84 -2.45 5.85
N VAL A 90 10.29 -3.65 5.90
CA VAL A 90 10.85 -4.76 5.16
C VAL A 90 11.26 -4.28 3.76
N THR A 91 10.55 -3.26 3.29
CA THR A 91 10.83 -2.72 1.98
C THR A 91 12.23 -2.11 1.93
N SER A 92 12.33 -0.88 2.43
CA SER A 92 13.62 -0.19 2.45
C SER A 92 14.70 -1.14 2.95
N LYS A 93 14.37 -1.87 4.00
CA LYS A 93 15.32 -2.82 4.59
C LYS A 93 15.92 -3.68 3.48
N VAL A 94 15.04 -4.28 2.69
CA VAL A 94 15.47 -5.14 1.60
C VAL A 94 16.23 -4.29 0.57
N ILE A 95 15.87 -3.01 0.52
CA ILE A 95 16.49 -2.10 -0.42
C ILE A 95 17.93 -1.81 0.05
N GLY A 96 18.02 -1.27 1.26
CA GLY A 96 19.32 -0.93 1.82
C GLY A 96 19.46 0.58 1.98
N GLY A 97 18.77 1.12 2.97
CA GLY A 97 18.82 2.55 3.23
C GLY A 97 18.89 3.35 1.92
N PHE A 98 17.74 3.47 1.28
CA PHE A 98 17.66 4.21 0.02
C PHE A 98 18.57 5.43 0.05
N ALA A 99 19.76 5.27 -0.52
CA ALA A 99 20.73 6.34 -0.57
C ALA A 99 21.67 6.12 -1.75
N GLY A 100 21.24 6.59 -2.92
CA GLY A 100 22.04 6.45 -4.12
C GLY A 100 21.97 5.02 -4.66
N THR A 101 22.87 4.18 -4.16
CA THR A 101 22.92 2.80 -4.58
C THR A 101 21.99 1.94 -3.71
N ALA A 102 20.95 1.43 -4.34
CA ALA A 102 19.98 0.61 -3.64
C ALA A 102 19.17 -0.20 -4.65
N LEU A 103 18.20 0.46 -5.25
CA LEU A 103 17.34 -0.17 -6.24
C LEU A 103 18.21 -0.72 -7.37
N GLY A 104 17.92 -1.96 -7.74
CA GLY A 104 18.66 -2.61 -8.82
C GLY A 104 19.41 -3.84 -8.29
N ALA A 105 19.54 -4.83 -9.15
CA ALA A 105 20.24 -6.06 -8.78
C ALA A 105 19.83 -6.46 -7.36
N TRP A 106 18.56 -6.76 -7.20
CA TRP A 106 18.04 -7.17 -5.91
C TRP A 106 19.00 -8.18 -5.31
N LEU A 107 18.99 -8.26 -3.98
CA LEU A 107 19.85 -9.20 -3.28
C LEU A 107 21.30 -8.73 -3.40
N GLY A 108 21.99 -8.73 -2.26
CA GLY A 108 23.38 -8.30 -2.23
C GLY A 108 23.64 -7.35 -1.06
N SER A 109 24.49 -7.80 -0.15
CA SER A 109 24.83 -7.00 1.01
C SER A 109 25.20 -5.57 0.57
N PRO A 110 24.75 -4.58 1.40
CA PRO A 110 25.04 -3.19 1.10
C PRO A 110 26.48 -2.84 1.44
N PRO A 111 27.01 -1.82 0.72
CA PRO A 111 28.39 -1.38 0.93
C PRO A 111 28.51 -0.59 2.23
N SER A 112 28.22 -1.26 3.33
CA SER A 112 28.29 -0.63 4.64
C SER A 112 29.27 -1.41 5.53
N SER A 113 28.90 -2.65 5.83
CA SER A 113 29.72 -3.50 6.66
C SER A 113 29.23 -4.94 6.60
N MET A 10 18.85 7.59 2.60
CA MET A 10 18.29 8.89 2.94
C MET A 10 19.30 10.01 2.68
N GLY A 11 18.76 11.19 2.39
CA GLY A 11 19.60 12.34 2.12
C GLY A 11 18.77 13.63 2.07
N LYS A 12 19.01 14.42 1.04
CA LYS A 12 18.29 15.66 0.87
C LYS A 12 17.71 15.73 -0.55
N GLU A 13 16.39 15.63 -0.62
CA GLU A 13 15.70 15.67 -1.90
C GLU A 13 14.65 16.78 -1.89
N SER A 14 13.72 16.68 -0.95
CA SER A 14 12.66 17.67 -0.84
C SER A 14 12.33 17.90 0.64
N GLY A 15 11.98 16.81 1.32
CA GLY A 15 11.63 16.88 2.73
C GLY A 15 10.58 15.83 3.08
N TRP A 16 9.42 16.33 3.49
CA TRP A 16 8.33 15.45 3.87
C TRP A 16 8.20 14.35 2.80
N ASP A 17 7.79 14.76 1.62
CA ASP A 17 7.63 13.83 0.52
C ASP A 17 7.23 14.60 -0.75
N SER A 18 7.73 14.13 -1.87
CA SER A 18 7.44 14.76 -3.15
C SER A 18 5.97 15.17 -3.20
N GLY A 19 5.71 16.22 -3.97
CA GLY A 19 4.35 16.72 -4.11
C GLY A 19 3.53 15.82 -5.03
N ARG A 20 3.05 16.40 -6.13
CA ARG A 20 2.26 15.66 -7.08
C ARG A 20 3.05 14.46 -7.62
N ALA A 21 4.31 14.72 -7.94
CA ALA A 21 5.18 13.68 -8.48
C ALA A 21 4.97 12.40 -7.67
N ALA A 22 4.57 12.58 -6.42
CA ALA A 22 4.35 11.45 -5.53
C ALA A 22 3.60 10.35 -6.30
N VAL A 23 2.45 10.74 -6.82
CA VAL A 23 1.62 9.80 -7.57
C VAL A 23 2.52 9.00 -8.53
N ALA A 24 3.37 9.74 -9.24
CA ALA A 24 4.28 9.11 -10.19
C ALA A 24 5.09 8.03 -9.48
N ALA A 25 5.61 8.39 -8.32
CA ALA A 25 6.41 7.47 -7.53
C ALA A 25 5.54 6.28 -7.13
N VAL A 26 4.24 6.53 -7.05
CA VAL A 26 3.29 5.49 -6.67
C VAL A 26 2.97 4.63 -7.90
N VAL A 27 3.17 5.23 -9.06
CA VAL A 27 2.90 4.53 -10.32
C VAL A 27 3.94 3.43 -10.51
N GLY A 28 5.16 3.72 -10.07
CA GLY A 28 6.25 2.77 -10.19
C GLY A 28 6.02 1.55 -9.30
N GLY A 29 5.27 0.60 -9.84
CA GLY A 29 4.96 -0.62 -9.11
C GLY A 29 3.49 -1.02 -9.30
N VAL A 30 3.07 -1.03 -10.55
CA VAL A 30 1.70 -1.39 -10.89
C VAL A 30 1.44 -2.83 -10.42
N VAL A 31 2.17 -3.75 -11.00
CA VAL A 31 2.02 -5.16 -10.66
C VAL A 31 1.96 -5.30 -9.14
N ALA A 32 2.92 -4.69 -8.47
CA ALA A 32 2.99 -4.74 -7.02
C ALA A 32 1.62 -4.32 -6.45
N VAL A 33 1.09 -3.25 -7.00
CA VAL A 33 -0.19 -2.73 -6.55
C VAL A 33 -1.27 -3.81 -6.75
N GLY A 34 -1.10 -4.57 -7.82
CA GLY A 34 -2.04 -5.63 -8.14
C GLY A 34 -1.93 -6.77 -7.13
N THR A 35 -0.74 -7.35 -7.05
CA THR A 35 -0.50 -8.45 -6.13
C THR A 35 -1.09 -8.14 -4.76
N VAL A 36 -0.72 -6.98 -4.24
CA VAL A 36 -1.20 -6.55 -2.94
C VAL A 36 -2.73 -6.49 -2.96
N LEU A 37 -3.25 -5.83 -3.98
CA LEU A 37 -4.69 -5.69 -4.13
C LEU A 37 -5.34 -7.07 -3.99
N VAL A 38 -5.02 -7.94 -4.93
CA VAL A 38 -5.57 -9.29 -4.92
C VAL A 38 -5.31 -9.93 -3.56
N ALA A 39 -4.24 -9.48 -2.92
CA ALA A 39 -3.87 -10.01 -1.61
C ALA A 39 -5.02 -9.75 -0.63
N LEU A 40 -5.23 -8.47 -0.32
CA LEU A 40 -6.28 -8.09 0.59
C LEU A 40 -7.63 -8.51 0.01
N SER A 41 -7.90 -8.02 -1.19
CA SER A 41 -9.16 -8.33 -1.87
C SER A 41 -9.43 -9.84 -1.78
N ALA A 42 -8.69 -10.58 -2.59
CA ALA A 42 -8.84 -12.03 -2.63
C ALA A 42 -8.03 -12.65 -1.48
N MET A 43 -8.33 -12.18 -0.28
CA MET A 43 -7.64 -12.67 0.90
C MET A 43 -7.90 -14.18 1.09
N GLY A 44 -9.13 -14.57 0.77
CA GLY A 44 -9.52 -15.97 0.91
C GLY A 44 -10.49 -16.38 -0.21
N PHE A 45 -10.01 -16.25 -1.43
CA PHE A 45 -10.81 -16.61 -2.59
C PHE A 45 -12.23 -16.06 -2.46
N THR A 46 -12.32 -14.78 -2.15
CA THR A 46 -13.61 -14.13 -1.98
C THR A 46 -13.51 -12.65 -2.37
N SER A 47 -14.37 -12.26 -3.31
CA SER A 47 -14.39 -10.87 -3.77
C SER A 47 -15.06 -10.79 -5.13
N VAL A 48 -14.99 -11.90 -5.86
CA VAL A 48 -15.59 -11.96 -7.18
C VAL A 48 -17.09 -11.68 -7.07
N GLY A 49 -17.85 -12.75 -6.98
CA GLY A 49 -19.30 -12.63 -6.87
C GLY A 49 -19.68 -11.46 -5.96
N ILE A 50 -19.08 -11.45 -4.78
CA ILE A 50 -19.34 -10.39 -3.81
C ILE A 50 -19.26 -9.04 -4.51
N ALA A 51 -18.15 -8.83 -5.20
CA ALA A 51 -17.93 -7.58 -5.92
C ALA A 51 -19.07 -7.36 -6.92
N ALA A 52 -19.55 -8.46 -7.48
CA ALA A 52 -20.63 -8.40 -8.44
C ALA A 52 -21.91 -7.95 -7.74
N SER A 53 -22.00 -8.30 -6.47
CA SER A 53 -23.16 -7.93 -5.67
C SER A 53 -23.11 -6.44 -5.34
N SER A 54 -21.91 -5.99 -4.97
CA SER A 54 -21.71 -4.60 -4.63
C SER A 54 -22.04 -3.70 -5.82
N ILE A 55 -21.40 -4.00 -6.94
CA ILE A 55 -21.62 -3.24 -8.16
C ILE A 55 -23.06 -3.42 -8.62
N ALA A 56 -23.58 -4.62 -8.37
CA ALA A 56 -24.94 -4.93 -8.76
C ALA A 56 -25.91 -3.99 -8.04
N ALA A 57 -25.67 -3.82 -6.75
CA ALA A 57 -26.51 -2.96 -5.94
C ALA A 57 -26.27 -1.50 -6.35
N LYS A 58 -25.02 -1.08 -6.21
CA LYS A 58 -24.64 0.28 -6.56
C LYS A 58 -25.14 1.23 -5.47
N MET A 59 -26.44 1.51 -5.52
CA MET A 59 -27.05 2.40 -4.55
C MET A 59 -27.16 1.73 -3.18
N MET A 60 -26.00 1.37 -2.64
CA MET A 60 -25.96 0.72 -1.33
C MET A 60 -25.83 1.76 -0.21
N SER A 61 -26.05 1.28 1.01
CA SER A 61 -25.96 2.15 2.18
C SER A 61 -24.79 3.13 2.01
N THR A 62 -25.04 4.37 2.39
CA THR A 62 -24.02 5.39 2.30
C THR A 62 -22.76 4.97 3.05
N ALA A 63 -21.72 4.69 2.27
CA ALA A 63 -20.46 4.27 2.85
C ALA A 63 -20.70 3.16 3.87
N ALA A 64 -20.68 1.93 3.38
CA ALA A 64 -20.90 0.78 4.24
C ALA A 64 -19.69 0.58 5.14
N ILE A 65 -19.41 1.59 5.94
CA ILE A 65 -18.27 1.54 6.85
C ILE A 65 -18.76 1.85 8.28
N ALA A 66 -19.28 3.05 8.44
CA ALA A 66 -19.78 3.48 9.74
C ALA A 66 -18.61 3.56 10.73
N ASN A 67 -17.65 4.41 10.39
CA ASN A 67 -16.49 4.60 11.22
C ASN A 67 -15.51 5.57 10.54
N GLY A 68 -15.01 6.51 11.33
CA GLY A 68 -14.08 7.49 10.82
C GLY A 68 -14.70 8.28 9.66
N GLY A 69 -14.46 7.78 8.46
CA GLY A 69 -14.99 8.43 7.27
C GLY A 69 -13.92 8.54 6.18
N GLY A 70 -13.83 7.49 5.38
CA GLY A 70 -12.84 7.45 4.31
C GLY A 70 -12.23 6.06 4.17
N VAL A 71 -11.21 5.97 3.34
CA VAL A 71 -10.52 4.71 3.11
C VAL A 71 -9.91 4.22 4.42
N ALA A 72 -8.97 5.00 4.92
CA ALA A 72 -8.30 4.66 6.16
C ALA A 72 -9.24 4.94 7.33
N ALA A 73 -10.07 3.95 7.64
CA ALA A 73 -11.02 4.09 8.73
C ALA A 73 -11.44 2.70 9.20
N GLY A 74 -11.75 1.85 8.23
CA GLY A 74 -12.16 0.49 8.53
C GLY A 74 -10.96 -0.38 8.91
N SER A 75 -11.26 -1.64 9.20
CA SER A 75 -10.23 -2.59 9.57
C SER A 75 -9.01 -2.44 8.65
N LEU A 76 -9.30 -2.04 7.42
CA LEU A 76 -8.26 -1.85 6.42
C LEU A 76 -7.17 -0.94 7.00
N VAL A 77 -7.60 0.23 7.46
CA VAL A 77 -6.68 1.20 8.03
C VAL A 77 -5.69 0.46 8.95
N ALA A 78 -6.18 -0.58 9.59
CA ALA A 78 -5.36 -1.36 10.49
C ALA A 78 -4.14 -1.90 9.73
N ILE A 79 -4.42 -2.60 8.64
CA ILE A 79 -3.37 -3.16 7.82
C ILE A 79 -2.63 -2.03 7.11
N LEU A 80 -3.33 -0.92 6.93
CA LEU A 80 -2.76 0.24 6.27
C LEU A 80 -1.49 0.66 7.01
N GLN A 81 -1.67 1.06 8.25
CA GLN A 81 -0.55 1.49 9.08
C GLN A 81 0.42 0.34 9.30
N SER A 82 -0.14 -0.82 9.63
CA SER A 82 0.67 -2.00 9.87
C SER A 82 1.60 -2.26 8.68
N VAL A 83 1.00 -2.70 7.59
CA VAL A 83 1.75 -2.99 6.38
C VAL A 83 2.52 -1.73 5.96
N GLY A 84 2.00 -0.58 6.38
CA GLY A 84 2.63 0.69 6.05
C GLY A 84 4.06 0.74 6.60
N ALA A 85 4.15 0.83 7.91
CA ALA A 85 5.45 0.89 8.57
C ALA A 85 6.13 -0.47 8.47
N ALA A 86 5.41 -1.50 8.89
CA ALA A 86 5.95 -2.85 8.85
C ALA A 86 6.52 -3.13 7.46
N GLY A 87 5.70 -2.85 6.46
CA GLY A 87 6.12 -3.06 5.07
C GLY A 87 7.32 -2.19 4.73
N LEU A 88 7.06 -0.89 4.60
CA LEU A 88 8.11 0.05 4.25
C LEU A 88 9.39 -0.33 5.01
N SER A 89 9.20 -0.85 6.21
CA SER A 89 10.32 -1.26 7.04
C SER A 89 11.07 -2.42 6.37
N VAL A 90 10.51 -3.61 6.51
CA VAL A 90 11.10 -4.80 5.93
C VAL A 90 11.60 -4.48 4.52
N THR A 91 10.92 -3.53 3.88
CA THR A 91 11.29 -3.11 2.54
C THR A 91 12.68 -2.49 2.53
N SER A 92 12.73 -1.21 2.86
CA SER A 92 14.00 -0.49 2.90
C SER A 92 15.07 -1.36 3.57
N LYS A 93 14.66 -2.00 4.66
CA LYS A 93 15.58 -2.85 5.40
C LYS A 93 16.30 -3.80 4.43
N VAL A 94 15.50 -4.59 3.72
CA VAL A 94 16.04 -5.54 2.77
C VAL A 94 16.83 -4.78 1.70
N ILE A 95 16.45 -3.52 1.51
CA ILE A 95 17.11 -2.69 0.52
C ILE A 95 18.46 -2.22 1.08
N GLY A 96 18.51 -2.10 2.40
CA GLY A 96 19.72 -1.67 3.06
C GLY A 96 20.07 -0.24 2.67
N GLY A 97 19.14 0.66 2.92
CA GLY A 97 19.34 2.06 2.60
C GLY A 97 20.10 2.22 1.28
N PHE A 98 19.45 1.82 0.21
CA PHE A 98 20.06 1.91 -1.11
C PHE A 98 19.03 2.35 -2.16
N ALA A 99 19.56 2.92 -3.25
CA ALA A 99 18.70 3.39 -4.32
C ALA A 99 19.55 4.12 -5.36
N GLY A 100 20.12 3.34 -6.27
CA GLY A 100 20.95 3.90 -7.31
C GLY A 100 21.70 2.80 -8.07
N THR A 101 22.97 2.64 -7.73
CA THR A 101 23.80 1.63 -8.36
C THR A 101 23.03 0.31 -8.48
N ALA A 102 22.41 -0.07 -7.36
CA ALA A 102 21.66 -1.31 -7.32
C ALA A 102 20.25 -1.02 -6.79
N LEU A 103 19.28 -1.72 -7.37
CA LEU A 103 17.89 -1.55 -6.97
C LEU A 103 17.12 -2.84 -7.25
N GLY A 104 17.32 -3.36 -8.45
CA GLY A 104 16.65 -4.58 -8.86
C GLY A 104 17.52 -5.81 -8.54
N ALA A 105 17.51 -6.75 -9.48
CA ALA A 105 18.28 -7.97 -9.31
C ALA A 105 17.85 -8.67 -8.04
N TRP A 106 18.45 -9.83 -7.80
CA TRP A 106 18.14 -10.61 -6.62
C TRP A 106 18.66 -9.84 -5.40
N LEU A 107 17.71 -9.32 -4.62
CA LEU A 107 18.05 -8.57 -3.43
C LEU A 107 18.84 -9.45 -2.48
N GLY A 108 19.99 -8.96 -2.06
CA GLY A 108 20.85 -9.69 -1.15
C GLY A 108 21.78 -8.74 -0.39
N SER A 109 23.06 -8.78 -0.76
CA SER A 109 24.05 -7.95 -0.13
C SER A 109 24.93 -7.28 -1.19
N PRO A 110 24.54 -6.04 -1.57
CA PRO A 110 25.28 -5.29 -2.56
C PRO A 110 26.59 -4.74 -1.99
N PRO A 111 27.58 -4.52 -2.90
CA PRO A 111 28.87 -4.00 -2.49
C PRO A 111 28.79 -2.51 -2.15
N SER A 112 29.63 -2.09 -1.22
CA SER A 112 29.66 -0.70 -0.80
C SER A 112 30.90 -0.01 -1.38
N SER A 113 30.66 1.12 -2.03
CA SER A 113 31.75 1.88 -2.62
C SER A 113 32.57 0.99 -3.54
N MET A 10 14.85 11.80 -6.90
CA MET A 10 14.37 13.03 -6.31
C MET A 10 15.44 13.65 -5.41
N GLY A 11 15.89 12.84 -4.44
CA GLY A 11 16.90 13.29 -3.50
C GLY A 11 16.36 14.43 -2.62
N LYS A 12 15.62 14.04 -1.60
CA LYS A 12 15.05 15.01 -0.68
C LYS A 12 14.69 14.30 0.64
N GLU A 13 14.98 14.98 1.73
CA GLU A 13 14.69 14.44 3.05
C GLU A 13 14.14 15.53 3.97
N SER A 14 12.92 15.95 3.67
CA SER A 14 12.26 16.99 4.46
C SER A 14 10.77 16.68 4.59
N GLY A 15 10.37 16.41 5.82
CA GLY A 15 8.98 16.09 6.10
C GLY A 15 8.40 15.18 5.02
N TRP A 16 7.11 15.39 4.74
CA TRP A 16 6.43 14.60 3.73
C TRP A 16 6.01 15.52 2.60
N ASP A 17 6.85 15.59 1.57
CA ASP A 17 6.59 16.44 0.43
C ASP A 17 7.19 15.80 -0.82
N SER A 18 6.58 16.10 -1.97
CA SER A 18 7.05 15.57 -3.23
C SER A 18 6.41 16.32 -4.39
N GLY A 19 5.09 16.31 -4.41
CA GLY A 19 4.34 17.00 -5.45
C GLY A 19 3.64 16.01 -6.37
N ARG A 20 3.66 16.32 -7.66
CA ARG A 20 3.02 15.46 -8.65
C ARG A 20 3.82 14.16 -8.81
N ALA A 21 5.13 14.32 -8.96
CA ALA A 21 6.01 13.18 -9.12
C ALA A 21 5.57 12.06 -8.16
N ALA A 22 5.10 12.48 -6.99
CA ALA A 22 4.66 11.53 -5.99
C ALA A 22 3.83 10.43 -6.66
N VAL A 23 2.78 10.84 -7.34
CA VAL A 23 1.91 9.91 -8.03
C VAL A 23 2.76 8.88 -8.77
N ALA A 24 3.76 9.38 -9.48
CA ALA A 24 4.66 8.52 -10.23
C ALA A 24 5.26 7.47 -9.29
N ALA A 25 5.75 7.96 -8.16
CA ALA A 25 6.36 7.09 -7.16
C ALA A 25 5.33 6.06 -6.71
N VAL A 26 4.08 6.45 -6.79
CA VAL A 26 2.99 5.57 -6.39
C VAL A 26 2.70 4.56 -7.50
N VAL A 27 3.01 4.98 -8.73
CA VAL A 27 2.79 4.13 -9.88
C VAL A 27 3.96 3.15 -10.01
N GLY A 28 5.14 3.63 -9.64
CA GLY A 28 6.34 2.81 -9.71
C GLY A 28 6.14 1.49 -8.95
N GLY A 29 5.75 0.47 -9.69
CA GLY A 29 5.52 -0.85 -9.11
C GLY A 29 4.06 -1.25 -9.23
N VAL A 30 3.47 -0.92 -10.37
CA VAL A 30 2.07 -1.26 -10.62
C VAL A 30 1.81 -2.70 -10.20
N VAL A 31 2.60 -3.60 -10.77
CA VAL A 31 2.46 -5.02 -10.48
C VAL A 31 2.44 -5.21 -8.96
N ALA A 32 3.38 -4.54 -8.29
CA ALA A 32 3.47 -4.64 -6.85
C ALA A 32 2.13 -4.26 -6.22
N VAL A 33 1.49 -3.25 -6.81
CA VAL A 33 0.21 -2.79 -6.33
C VAL A 33 -0.86 -3.83 -6.66
N GLY A 34 -0.60 -4.58 -7.72
CA GLY A 34 -1.54 -5.61 -8.15
C GLY A 34 -1.60 -6.74 -7.12
N THR A 35 -0.45 -7.32 -6.84
CA THR A 35 -0.36 -8.41 -5.88
C THR A 35 -0.81 -7.94 -4.50
N VAL A 36 -0.31 -6.77 -4.13
CA VAL A 36 -0.65 -6.19 -2.83
C VAL A 36 -2.17 -6.15 -2.68
N LEU A 37 -2.81 -5.46 -3.62
CA LEU A 37 -4.26 -5.33 -3.60
C LEU A 37 -4.88 -6.73 -3.61
N VAL A 38 -4.42 -7.54 -4.55
CA VAL A 38 -4.94 -8.90 -4.68
C VAL A 38 -5.14 -9.49 -3.29
N ALA A 39 -4.10 -9.40 -2.48
CA ALA A 39 -4.16 -9.92 -1.13
C ALA A 39 -5.10 -9.06 -0.28
N LEU A 40 -4.90 -7.76 -0.38
CA LEU A 40 -5.72 -6.82 0.37
C LEU A 40 -7.19 -7.29 0.32
N SER A 41 -7.75 -7.25 -0.88
CA SER A 41 -9.13 -7.67 -1.06
C SER A 41 -9.24 -9.18 -0.90
N ALA A 42 -8.63 -9.90 -1.83
CA ALA A 42 -8.65 -11.35 -1.80
C ALA A 42 -7.46 -11.85 -0.99
N MET A 43 -7.66 -11.94 0.31
CA MET A 43 -6.61 -12.41 1.21
C MET A 43 -6.03 -13.73 0.71
N GLY A 44 -6.88 -14.51 0.05
CA GLY A 44 -6.47 -15.79 -0.48
C GLY A 44 -7.67 -16.70 -0.74
N PHE A 45 -8.70 -16.11 -1.32
CA PHE A 45 -9.92 -16.84 -1.63
C PHE A 45 -10.71 -16.15 -2.73
N THR A 46 -11.55 -16.93 -3.40
CA THR A 46 -12.38 -16.42 -4.47
C THR A 46 -13.02 -15.09 -4.05
N SER A 47 -12.85 -14.09 -4.90
CA SER A 47 -13.41 -12.78 -4.63
C SER A 47 -14.44 -12.43 -5.69
N VAL A 48 -14.50 -13.26 -6.72
CA VAL A 48 -15.44 -13.04 -7.81
C VAL A 48 -16.86 -13.04 -7.26
N GLY A 49 -17.47 -14.22 -7.24
CA GLY A 49 -18.82 -14.37 -6.75
C GLY A 49 -19.05 -13.49 -5.52
N ILE A 50 -18.12 -13.58 -4.58
CA ILE A 50 -18.21 -12.80 -3.36
C ILE A 50 -18.50 -11.34 -3.71
N ALA A 51 -17.66 -10.79 -4.58
CA ALA A 51 -17.82 -9.41 -5.01
C ALA A 51 -19.20 -9.24 -5.64
N ALA A 52 -19.66 -10.29 -6.29
CA ALA A 52 -20.96 -10.27 -6.94
C ALA A 52 -22.06 -10.19 -5.87
N SER A 53 -21.76 -10.77 -4.72
CA SER A 53 -22.70 -10.78 -3.62
C SER A 53 -22.81 -9.38 -3.00
N SER A 54 -21.66 -8.88 -2.57
CA SER A 54 -21.60 -7.57 -1.96
C SER A 54 -22.12 -6.52 -2.94
N ILE A 55 -21.60 -6.59 -4.16
CA ILE A 55 -22.00 -5.65 -5.20
C ILE A 55 -23.53 -5.67 -5.34
N ALA A 56 -24.04 -6.86 -5.64
CA ALA A 56 -25.48 -7.03 -5.80
C ALA A 56 -26.20 -6.35 -4.64
N ALA A 57 -25.78 -6.70 -3.43
CA ALA A 57 -26.37 -6.13 -2.24
C ALA A 57 -26.55 -4.62 -2.42
N LYS A 58 -25.43 -3.92 -2.44
CA LYS A 58 -25.44 -2.48 -2.61
C LYS A 58 -24.02 -1.99 -2.92
N MET A 59 -23.17 -2.11 -1.91
CA MET A 59 -21.78 -1.67 -2.06
C MET A 59 -21.67 -0.15 -1.99
N MET A 60 -22.44 0.51 -2.84
CA MET A 60 -22.43 1.96 -2.88
C MET A 60 -23.08 2.55 -1.62
N SER A 61 -24.34 2.20 -1.44
CA SER A 61 -25.08 2.68 -0.28
C SER A 61 -24.30 2.41 1.00
N THR A 62 -23.91 3.49 1.66
CA THR A 62 -23.16 3.40 2.89
C THR A 62 -23.72 2.28 3.77
N ALA A 63 -23.06 1.13 3.71
CA ALA A 63 -23.48 -0.02 4.49
C ALA A 63 -23.53 0.37 5.98
N ALA A 64 -24.29 -0.41 6.73
CA ALA A 64 -24.43 -0.16 8.15
C ALA A 64 -23.20 -0.72 8.89
N ILE A 65 -22.26 0.17 9.15
CA ILE A 65 -21.04 -0.23 9.84
C ILE A 65 -20.90 0.60 11.13
N ALA A 66 -21.11 1.89 10.99
CA ALA A 66 -21.01 2.80 12.11
C ALA A 66 -19.54 3.12 12.38
N ASN A 67 -19.20 4.38 12.20
CA ASN A 67 -17.83 4.83 12.42
C ASN A 67 -16.91 4.11 11.43
N GLY A 68 -16.09 4.90 10.75
CA GLY A 68 -15.16 4.37 9.78
C GLY A 68 -15.72 4.44 8.37
N GLY A 69 -15.83 5.66 7.86
CA GLY A 69 -16.35 5.89 6.53
C GLY A 69 -15.29 6.49 5.62
N GLY A 70 -15.06 5.82 4.50
CA GLY A 70 -14.07 6.29 3.53
C GLY A 70 -13.42 5.11 2.80
N VAL A 71 -12.48 5.44 1.93
CA VAL A 71 -11.79 4.43 1.16
C VAL A 71 -10.61 3.88 1.98
N ALA A 72 -10.31 4.58 3.06
CA ALA A 72 -9.23 4.17 3.94
C ALA A 72 -9.70 4.24 5.39
N ALA A 73 -10.58 3.33 5.74
CA ALA A 73 -11.12 3.29 7.10
C ALA A 73 -11.61 1.87 7.40
N GLY A 74 -11.72 1.58 8.69
CA GLY A 74 -12.17 0.27 9.13
C GLY A 74 -10.99 -0.66 9.39
N SER A 75 -11.32 -1.92 9.65
CA SER A 75 -10.29 -2.91 9.92
C SER A 75 -9.13 -2.75 8.94
N LEU A 76 -9.46 -2.28 7.74
CA LEU A 76 -8.47 -2.06 6.71
C LEU A 76 -7.33 -1.20 7.27
N VAL A 77 -7.72 -0.03 7.76
CA VAL A 77 -6.74 0.90 8.32
C VAL A 77 -5.75 0.13 9.18
N ALA A 78 -6.24 -0.95 9.77
CA ALA A 78 -5.40 -1.78 10.62
C ALA A 78 -4.20 -2.28 9.81
N ILE A 79 -4.50 -2.96 8.72
CA ILE A 79 -3.46 -3.50 7.86
C ILE A 79 -2.80 -2.35 7.11
N LEU A 80 -3.52 -1.25 7.00
CA LEU A 80 -3.02 -0.07 6.31
C LEU A 80 -1.76 0.44 7.02
N GLN A 81 -1.96 0.81 8.28
CA GLN A 81 -0.86 1.32 9.09
C GLN A 81 0.17 0.21 9.35
N SER A 82 -0.35 -0.99 9.55
CA SER A 82 0.51 -2.13 9.80
C SER A 82 1.40 -2.41 8.58
N VAL A 83 0.76 -2.95 7.55
CA VAL A 83 1.48 -3.26 6.32
C VAL A 83 2.17 -2.00 5.81
N GLY A 84 1.62 -0.86 6.18
CA GLY A 84 2.17 0.42 5.76
C GLY A 84 3.62 0.57 6.25
N ALA A 85 3.76 0.70 7.56
CA ALA A 85 5.07 0.85 8.16
C ALA A 85 5.82 -0.48 8.07
N ALA A 86 5.20 -1.52 8.59
CA ALA A 86 5.79 -2.85 8.57
C ALA A 86 6.32 -3.14 7.17
N GLY A 87 5.48 -2.85 6.18
CA GLY A 87 5.86 -3.09 4.80
C GLY A 87 7.03 -2.20 4.39
N LEU A 88 6.74 -0.92 4.24
CA LEU A 88 7.76 0.04 3.85
C LEU A 88 9.07 -0.30 4.57
N SER A 89 8.93 -0.81 5.79
CA SER A 89 10.09 -1.17 6.58
C SER A 89 10.83 -2.34 5.91
N VAL A 90 10.26 -3.52 6.06
CA VAL A 90 10.86 -4.72 5.49
C VAL A 90 11.31 -4.42 4.06
N THR A 91 10.62 -3.47 3.45
CA THR A 91 10.94 -3.08 2.08
C THR A 91 12.32 -2.43 2.02
N SER A 92 12.36 -1.14 2.35
CA SER A 92 13.61 -0.40 2.34
C SER A 92 14.71 -1.20 3.05
N LYS A 93 14.34 -1.73 4.20
CA LYS A 93 15.27 -2.52 5.00
C LYS A 93 15.89 -3.61 4.12
N VAL A 94 15.02 -4.30 3.40
CA VAL A 94 15.46 -5.38 2.52
C VAL A 94 16.33 -4.78 1.40
N ILE A 95 16.04 -3.53 1.08
CA ILE A 95 16.77 -2.85 0.03
C ILE A 95 18.16 -2.46 0.56
N GLY A 96 18.15 -1.63 1.59
CA GLY A 96 19.39 -1.17 2.20
C GLY A 96 19.20 0.19 2.88
N GLY A 97 19.15 0.15 4.20
CA GLY A 97 18.98 1.37 4.97
C GLY A 97 20.26 2.20 4.98
N PHE A 98 20.70 2.55 3.78
CA PHE A 98 21.91 3.35 3.64
C PHE A 98 22.20 3.65 2.16
N ALA A 99 21.14 4.04 1.45
CA ALA A 99 21.28 4.35 0.04
C ALA A 99 21.64 3.08 -0.73
N GLY A 100 21.70 3.22 -2.05
CA GLY A 100 22.03 2.10 -2.90
C GLY A 100 21.13 2.07 -4.14
N THR A 101 21.74 1.70 -5.26
CA THR A 101 21.00 1.62 -6.51
C THR A 101 20.41 0.23 -6.70
N ALA A 102 19.71 -0.23 -5.67
CA ALA A 102 19.09 -1.54 -5.72
C ALA A 102 17.80 -1.47 -6.54
N LEU A 103 17.96 -1.08 -7.80
CA LEU A 103 16.82 -0.97 -8.70
C LEU A 103 16.73 -2.23 -9.56
N GLY A 104 16.44 -3.34 -8.88
CA GLY A 104 16.32 -4.62 -9.57
C GLY A 104 17.29 -5.64 -8.99
N ALA A 105 18.46 -5.72 -9.60
CA ALA A 105 19.48 -6.65 -9.16
C ALA A 105 19.53 -6.65 -7.63
N TRP A 106 19.49 -7.85 -7.07
CA TRP A 106 19.53 -8.00 -5.62
C TRP A 106 20.97 -7.74 -5.17
N LEU A 107 21.26 -6.46 -4.95
CA LEU A 107 22.59 -6.07 -4.52
C LEU A 107 22.95 -6.82 -3.24
N GLY A 108 22.18 -6.54 -2.19
CA GLY A 108 22.41 -7.18 -0.91
C GLY A 108 23.90 -7.25 -0.58
N SER A 109 24.44 -6.10 -0.19
CA SER A 109 25.85 -6.01 0.16
C SER A 109 26.71 -6.32 -1.07
N PRO A 110 27.77 -5.49 -1.25
CA PRO A 110 28.67 -5.67 -2.38
C PRO A 110 29.60 -6.86 -2.15
N PRO A 111 30.04 -7.47 -3.28
CA PRO A 111 30.93 -8.62 -3.22
C PRO A 111 32.35 -8.20 -2.87
N SER A 112 32.59 -8.08 -1.57
CA SER A 112 33.90 -7.67 -1.08
C SER A 112 33.90 -7.62 0.45
N SER A 113 34.45 -8.67 1.05
CA SER A 113 34.52 -8.76 2.49
C SER A 113 35.98 -8.80 2.94
N MET A 10 -6.26 18.74 -2.93
CA MET A 10 -6.50 19.80 -1.96
C MET A 10 -5.19 20.26 -1.33
N GLY A 11 -5.23 21.47 -0.78
CA GLY A 11 -4.06 22.05 -0.14
C GLY A 11 -3.57 21.15 1.01
N LYS A 12 -3.98 21.52 2.21
CA LYS A 12 -3.60 20.76 3.40
C LYS A 12 -2.09 20.91 3.61
N GLU A 13 -1.73 21.97 4.33
CA GLU A 13 -0.32 22.23 4.62
C GLU A 13 0.28 21.05 5.38
N SER A 14 -0.29 20.76 6.53
CA SER A 14 0.18 19.67 7.36
C SER A 14 0.58 18.48 6.49
N GLY A 15 1.71 17.88 6.83
CA GLY A 15 2.20 16.73 6.09
C GLY A 15 3.11 17.18 4.95
N TRP A 16 4.26 16.51 4.84
CA TRP A 16 5.22 16.83 3.81
C TRP A 16 4.47 16.93 2.48
N ASP A 17 5.13 17.55 1.51
CA ASP A 17 4.55 17.71 0.20
C ASP A 17 5.38 16.95 -0.84
N SER A 18 4.77 15.92 -1.40
CA SER A 18 5.45 15.11 -2.40
C SER A 18 5.53 15.87 -3.72
N GLY A 19 6.74 15.95 -4.25
CA GLY A 19 6.97 16.64 -5.51
C GLY A 19 6.13 16.03 -6.63
N ARG A 20 6.41 16.48 -7.85
CA ARG A 20 5.70 16.00 -9.01
C ARG A 20 6.10 14.55 -9.30
N ALA A 21 7.38 14.37 -9.56
CA ALA A 21 7.91 13.04 -9.87
C ALA A 21 7.27 12.02 -8.93
N ALA A 22 6.95 12.49 -7.73
CA ALA A 22 6.33 11.63 -6.74
C ALA A 22 5.27 10.75 -7.42
N VAL A 23 4.32 11.42 -8.05
CA VAL A 23 3.24 10.73 -8.74
C VAL A 23 3.83 9.57 -9.56
N ALA A 24 4.88 9.89 -10.30
CA ALA A 24 5.54 8.89 -11.12
C ALA A 24 5.93 7.70 -10.26
N ALA A 25 6.50 8.00 -9.10
CA ALA A 25 6.93 6.96 -8.18
C ALA A 25 5.71 6.15 -7.74
N VAL A 26 4.56 6.82 -7.72
CA VAL A 26 3.32 6.18 -7.32
C VAL A 26 2.76 5.39 -8.50
N VAL A 27 3.19 5.77 -9.69
CA VAL A 27 2.75 5.10 -10.90
C VAL A 27 3.53 3.81 -11.09
N GLY A 28 4.85 3.94 -11.09
CA GLY A 28 5.72 2.79 -11.26
C GLY A 28 5.51 1.78 -10.13
N GLY A 29 4.48 0.96 -10.30
CA GLY A 29 4.15 -0.05 -9.31
C GLY A 29 2.75 -0.62 -9.55
N VAL A 30 2.45 -0.84 -10.82
CA VAL A 30 1.16 -1.40 -11.20
C VAL A 30 1.03 -2.81 -10.65
N VAL A 31 1.79 -3.71 -11.24
CA VAL A 31 1.78 -5.10 -10.82
C VAL A 31 1.89 -5.17 -9.29
N ALA A 32 2.85 -4.42 -8.77
CA ALA A 32 3.08 -4.39 -7.34
C ALA A 32 1.76 -4.08 -6.62
N VAL A 33 1.03 -3.13 -7.19
CA VAL A 33 -0.25 -2.73 -6.62
C VAL A 33 -1.23 -3.90 -6.72
N GLY A 34 -1.07 -4.66 -7.79
CA GLY A 34 -1.94 -5.80 -8.03
C GLY A 34 -1.68 -6.92 -7.01
N THR A 35 -0.40 -7.18 -6.79
CA THR A 35 0.00 -8.22 -5.84
C THR A 35 -0.50 -7.87 -4.44
N VAL A 36 -0.20 -6.65 -4.02
CA VAL A 36 -0.61 -6.19 -2.71
C VAL A 36 -2.14 -6.21 -2.62
N LEU A 37 -2.76 -5.86 -3.74
CA LEU A 37 -4.21 -5.83 -3.79
C LEU A 37 -4.76 -7.24 -3.56
N VAL A 38 -4.48 -8.12 -4.51
CA VAL A 38 -4.92 -9.50 -4.41
C VAL A 38 -4.52 -10.07 -3.06
N ALA A 39 -3.42 -9.55 -2.53
CA ALA A 39 -2.92 -10.00 -1.24
C ALA A 39 -3.92 -9.61 -0.15
N LEU A 40 -4.30 -8.34 -0.16
CA LEU A 40 -5.25 -7.84 0.83
C LEU A 40 -6.56 -8.61 0.71
N SER A 41 -6.91 -8.95 -0.53
CA SER A 41 -8.13 -9.68 -0.79
C SER A 41 -7.99 -11.13 -0.29
N ALA A 42 -6.80 -11.67 -0.48
CA ALA A 42 -6.53 -13.04 -0.05
C ALA A 42 -7.11 -13.26 1.34
N MET A 43 -6.86 -12.30 2.22
CA MET A 43 -7.36 -12.37 3.58
C MET A 43 -8.82 -11.93 3.66
N GLY A 44 -9.63 -12.53 2.79
CA GLY A 44 -11.05 -12.21 2.75
C GLY A 44 -11.78 -13.13 1.76
N PHE A 45 -11.11 -13.42 0.65
CA PHE A 45 -11.69 -14.26 -0.37
C PHE A 45 -12.92 -13.61 -1.01
N THR A 46 -13.12 -13.91 -2.28
CA THR A 46 -14.25 -13.35 -3.01
C THR A 46 -14.18 -11.83 -3.02
N SER A 47 -14.62 -11.26 -4.15
CA SER A 47 -14.61 -9.82 -4.31
C SER A 47 -15.22 -9.44 -5.65
N VAL A 48 -14.90 -10.25 -6.65
CA VAL A 48 -15.41 -10.02 -8.00
C VAL A 48 -16.92 -9.77 -7.93
N GLY A 49 -17.65 -10.87 -7.82
CA GLY A 49 -19.10 -10.80 -7.74
C GLY A 49 -19.55 -9.53 -7.01
N ILE A 50 -19.32 -9.53 -5.71
CA ILE A 50 -19.69 -8.39 -4.88
C ILE A 50 -19.41 -7.09 -5.65
N ALA A 51 -18.21 -7.01 -6.19
CA ALA A 51 -17.80 -5.85 -6.95
C ALA A 51 -18.88 -5.53 -7.99
N ALA A 52 -19.20 -6.53 -8.79
CA ALA A 52 -20.21 -6.37 -9.83
C ALA A 52 -21.50 -5.86 -9.20
N SER A 53 -21.73 -6.28 -7.96
CA SER A 53 -22.92 -5.88 -7.23
C SER A 53 -22.86 -4.40 -6.91
N SER A 54 -21.85 -4.04 -6.12
CA SER A 54 -21.67 -2.65 -5.73
C SER A 54 -21.65 -1.75 -6.96
N ILE A 55 -20.70 -2.02 -7.84
CA ILE A 55 -20.55 -1.25 -9.07
C ILE A 55 -21.93 -1.10 -9.73
N ALA A 56 -22.58 -2.23 -9.92
CA ALA A 56 -23.90 -2.24 -10.54
C ALA A 56 -24.79 -1.21 -9.85
N ALA A 57 -24.77 -1.26 -8.52
CA ALA A 57 -25.58 -0.34 -7.74
C ALA A 57 -25.08 1.10 -7.97
N LYS A 58 -23.80 1.30 -7.69
CA LYS A 58 -23.19 2.60 -7.87
C LYS A 58 -23.83 3.59 -6.90
N MET A 59 -22.98 4.29 -6.16
CA MET A 59 -23.45 5.27 -5.19
C MET A 59 -22.28 6.01 -4.56
N MET A 60 -22.60 7.15 -3.95
CA MET A 60 -21.59 7.97 -3.31
C MET A 60 -21.96 8.27 -1.86
N SER A 61 -23.14 8.84 -1.70
CA SER A 61 -23.64 9.19 -0.38
C SER A 61 -23.94 7.92 0.42
N THR A 62 -23.42 7.87 1.64
CA THR A 62 -23.63 6.73 2.51
C THR A 62 -25.07 6.21 2.37
N ALA A 63 -25.18 4.93 2.06
CA ALA A 63 -26.48 4.31 1.90
C ALA A 63 -27.34 4.61 3.13
N ALA A 64 -26.85 4.16 4.28
CA ALA A 64 -27.57 4.39 5.53
C ALA A 64 -26.60 4.21 6.70
N ILE A 65 -26.05 3.01 6.78
CA ILE A 65 -25.11 2.70 7.84
C ILE A 65 -24.41 1.37 7.55
N ALA A 66 -23.11 1.37 7.73
CA ALA A 66 -22.32 0.16 7.49
C ALA A 66 -20.95 0.31 8.14
N ASN A 67 -20.94 0.15 9.46
CA ASN A 67 -19.71 0.27 10.22
C ASN A 67 -19.07 1.63 9.94
N GLY A 68 -19.41 2.58 10.80
CA GLY A 68 -18.88 3.93 10.66
C GLY A 68 -19.34 4.57 9.36
N GLY A 69 -18.46 4.51 8.36
CA GLY A 69 -18.77 5.08 7.06
C GLY A 69 -17.53 5.69 6.42
N GLY A 70 -16.59 4.83 6.08
CA GLY A 70 -15.35 5.27 5.47
C GLY A 70 -14.74 6.44 6.24
N VAL A 71 -13.76 7.07 5.61
CA VAL A 71 -13.08 8.20 6.22
C VAL A 71 -12.51 7.79 7.58
N ALA A 72 -11.48 6.97 7.53
CA ALA A 72 -10.84 6.49 8.74
C ALA A 72 -11.85 5.69 9.57
N ALA A 73 -11.36 5.11 10.65
CA ALA A 73 -12.21 4.32 11.52
C ALA A 73 -12.76 3.12 10.75
N GLY A 74 -11.85 2.24 10.35
CA GLY A 74 -12.23 1.05 9.60
C GLY A 74 -11.12 -0.01 9.66
N SER A 75 -11.52 -1.24 9.42
CA SER A 75 -10.58 -2.35 9.45
C SER A 75 -9.34 -2.01 8.62
N LEU A 76 -9.58 -1.39 7.47
CA LEU A 76 -8.50 -1.00 6.58
C LEU A 76 -7.41 -0.30 7.40
N VAL A 77 -7.85 0.61 8.27
CA VAL A 77 -6.93 1.35 9.10
C VAL A 77 -5.93 0.38 9.74
N ALA A 78 -6.47 -0.70 10.28
CA ALA A 78 -5.65 -1.71 10.93
C ALA A 78 -4.59 -2.21 9.94
N ILE A 79 -5.04 -2.40 8.70
CA ILE A 79 -4.15 -2.88 7.66
C ILE A 79 -3.05 -1.84 7.41
N LEU A 80 -3.49 -0.62 7.12
CA LEU A 80 -2.57 0.46 6.86
C LEU A 80 -1.54 0.53 7.99
N GLN A 81 -2.03 0.35 9.21
CA GLN A 81 -1.17 0.38 10.38
C GLN A 81 -0.06 -0.66 10.26
N SER A 82 -0.46 -1.92 10.30
CA SER A 82 0.48 -3.01 10.19
C SER A 82 1.24 -2.93 8.86
N VAL A 83 0.51 -3.25 7.80
CA VAL A 83 1.09 -3.20 6.46
C VAL A 83 2.00 -1.99 6.34
N GLY A 84 1.62 -0.93 7.05
CA GLY A 84 2.39 0.30 7.03
C GLY A 84 3.77 0.09 7.66
N ALA A 85 3.77 -0.42 8.88
CA ALA A 85 5.00 -0.66 9.59
C ALA A 85 5.73 -1.85 8.95
N ALA A 86 5.07 -3.00 9.00
CA ALA A 86 5.65 -4.21 8.43
C ALA A 86 6.15 -3.91 7.02
N GLY A 87 5.29 -3.26 6.24
CA GLY A 87 5.64 -2.91 4.87
C GLY A 87 6.87 -2.02 4.83
N LEU A 88 6.68 -0.77 5.24
CA LEU A 88 7.77 0.19 5.26
C LEU A 88 9.04 -0.49 5.77
N SER A 89 8.84 -1.43 6.68
CA SER A 89 9.96 -2.15 7.26
C SER A 89 10.67 -2.97 6.17
N VAL A 90 10.09 -4.12 5.86
CA VAL A 90 10.66 -4.99 4.84
C VAL A 90 11.09 -4.14 3.63
N THR A 91 10.41 -3.02 3.47
CA THR A 91 10.73 -2.12 2.37
C THR A 91 12.15 -1.57 2.51
N SER A 92 12.27 -0.54 3.33
CA SER A 92 13.56 0.08 3.56
C SER A 92 14.63 -1.00 3.80
N LYS A 93 14.29 -1.93 4.67
CA LYS A 93 15.20 -3.02 4.99
C LYS A 93 15.70 -3.66 3.70
N VAL A 94 14.74 -4.08 2.88
CA VAL A 94 15.07 -4.72 1.61
C VAL A 94 15.95 -3.77 0.79
N ILE A 95 15.75 -2.48 1.01
CA ILE A 95 16.51 -1.47 0.29
C ILE A 95 17.90 -1.36 0.92
N GLY A 96 17.96 -0.63 2.03
CA GLY A 96 19.21 -0.43 2.73
C GLY A 96 19.06 0.61 3.84
N GLY A 97 18.47 1.73 3.48
CA GLY A 97 18.25 2.81 4.43
C GLY A 97 18.66 4.16 3.84
N PHE A 98 18.19 4.40 2.62
CA PHE A 98 18.48 5.65 1.94
C PHE A 98 19.98 5.96 2.01
N ALA A 99 20.69 5.55 0.97
CA ALA A 99 22.12 5.78 0.90
C ALA A 99 22.62 5.45 -0.51
N GLY A 100 21.87 5.93 -1.49
CA GLY A 100 22.22 5.71 -2.89
C GLY A 100 21.96 4.25 -3.28
N THR A 101 22.83 3.37 -2.78
CA THR A 101 22.71 1.96 -3.07
C THR A 101 21.25 1.52 -2.98
N ALA A 102 20.89 0.57 -3.84
CA ALA A 102 19.53 0.05 -3.87
C ALA A 102 18.56 1.20 -4.15
N LEU A 103 18.15 1.30 -5.41
CA LEU A 103 17.24 2.35 -5.82
C LEU A 103 16.45 1.87 -7.04
N GLY A 104 17.18 1.36 -8.02
CA GLY A 104 16.57 0.87 -9.24
C GLY A 104 16.61 -0.66 -9.29
N ALA A 105 17.72 -1.16 -9.79
CA ALA A 105 17.91 -2.60 -9.92
C ALA A 105 17.59 -3.26 -8.58
N TRP A 106 17.57 -4.59 -8.60
CA TRP A 106 17.27 -5.36 -7.40
C TRP A 106 18.59 -5.95 -6.88
N LEU A 107 18.56 -6.35 -5.62
CA LEU A 107 19.74 -6.94 -5.00
C LEU A 107 20.86 -5.90 -4.97
N GLY A 108 21.63 -5.94 -3.89
CA GLY A 108 22.74 -5.00 -3.73
C GLY A 108 22.87 -4.57 -2.27
N SER A 109 23.88 -5.11 -1.62
CA SER A 109 24.14 -4.79 -0.22
C SER A 109 24.87 -3.45 -0.12
N PRO A 110 24.62 -2.74 1.01
CA PRO A 110 25.24 -1.45 1.23
C PRO A 110 26.71 -1.61 1.63
N PRO A 111 27.51 -0.56 1.30
CA PRO A 111 28.94 -0.59 1.62
C PRO A 111 29.17 -0.34 3.11
N SER A 112 28.59 -1.21 3.92
CA SER A 112 28.72 -1.10 5.35
C SER A 112 28.04 -2.30 6.04
N SER A 113 28.86 -3.09 6.71
CA SER A 113 28.34 -4.26 7.41
C SER A 113 27.63 -3.84 8.69
N MET A 10 6.52 27.42 2.67
CA MET A 10 6.52 27.54 1.22
C MET A 10 6.58 26.16 0.55
N GLY A 11 7.61 25.41 0.92
CA GLY A 11 7.80 24.08 0.37
C GLY A 11 9.11 23.45 0.88
N LYS A 12 9.03 22.90 2.08
CA LYS A 12 10.19 22.28 2.69
C LYS A 12 9.76 20.96 3.34
N GLU A 13 9.87 19.89 2.56
CA GLU A 13 9.50 18.57 3.05
C GLU A 13 7.98 18.48 3.24
N SER A 14 7.48 19.30 4.15
CA SER A 14 6.05 19.32 4.43
C SER A 14 5.26 19.21 3.13
N GLY A 15 4.13 18.54 3.22
CA GLY A 15 3.27 18.35 2.06
C GLY A 15 2.73 16.92 1.98
N TRP A 16 1.89 16.70 1.00
CA TRP A 16 1.30 15.37 0.80
C TRP A 16 2.35 14.48 0.15
N ASP A 17 3.46 14.30 0.85
CA ASP A 17 4.55 13.48 0.34
C ASP A 17 4.80 13.83 -1.13
N SER A 18 5.71 14.77 -1.32
CA SER A 18 6.05 15.21 -2.67
C SER A 18 4.93 16.07 -3.25
N GLY A 19 3.79 15.41 -3.47
CA GLY A 19 2.63 16.10 -4.02
C GLY A 19 2.09 15.35 -5.23
N ARG A 20 2.29 15.95 -6.40
CA ARG A 20 1.83 15.35 -7.64
C ARG A 20 2.75 14.21 -8.06
N ALA A 21 4.02 14.56 -8.26
CA ALA A 21 5.01 13.58 -8.66
C ALA A 21 4.78 12.28 -7.90
N ALA A 22 4.31 12.43 -6.65
CA ALA A 22 4.05 11.28 -5.81
C ALA A 22 3.34 10.21 -6.63
N VAL A 23 2.19 10.59 -7.18
CA VAL A 23 1.41 9.66 -7.98
C VAL A 23 2.34 8.91 -8.94
N ALA A 24 3.22 9.66 -9.58
CA ALA A 24 4.16 9.09 -10.51
C ALA A 24 4.95 7.98 -9.82
N ALA A 25 5.45 8.30 -8.63
CA ALA A 25 6.21 7.34 -7.85
C ALA A 25 5.33 6.13 -7.53
N VAL A 26 4.03 6.39 -7.50
CA VAL A 26 3.07 5.34 -7.18
C VAL A 26 2.82 4.51 -8.45
N VAL A 27 3.03 5.14 -9.59
CA VAL A 27 2.82 4.49 -10.87
C VAL A 27 3.90 3.42 -11.07
N GLY A 28 5.10 3.74 -10.59
CA GLY A 28 6.22 2.82 -10.71
C GLY A 28 6.05 1.63 -9.76
N GLY A 29 5.43 0.59 -10.28
CA GLY A 29 5.19 -0.61 -9.50
C GLY A 29 3.75 -1.08 -9.62
N VAL A 30 3.24 -1.04 -10.84
CA VAL A 30 1.87 -1.46 -11.10
C VAL A 30 1.66 -2.88 -10.57
N VAL A 31 2.47 -3.79 -11.08
CA VAL A 31 2.39 -5.19 -10.68
C VAL A 31 2.38 -5.26 -9.15
N ALA A 32 3.29 -4.51 -8.54
CA ALA A 32 3.39 -4.49 -7.10
C ALA A 32 2.03 -4.12 -6.50
N VAL A 33 1.37 -3.16 -7.14
CA VAL A 33 0.07 -2.72 -6.68
C VAL A 33 -0.96 -3.83 -6.92
N GLY A 34 -0.68 -4.64 -7.93
CA GLY A 34 -1.56 -5.74 -8.28
C GLY A 34 -1.49 -6.86 -7.24
N THR A 35 -0.28 -7.32 -7.00
CA THR A 35 -0.05 -8.38 -6.04
C THR A 35 -0.55 -7.96 -4.65
N VAL A 36 -0.12 -6.78 -4.24
CA VAL A 36 -0.50 -6.25 -2.94
C VAL A 36 -2.03 -6.17 -2.87
N LEU A 37 -2.59 -5.39 -3.79
CA LEU A 37 -4.03 -5.22 -3.84
C LEU A 37 -4.71 -6.58 -3.74
N VAL A 38 -4.47 -7.41 -4.76
CA VAL A 38 -5.06 -8.74 -4.80
C VAL A 38 -4.93 -9.38 -3.42
N ALA A 39 -3.81 -9.09 -2.75
CA ALA A 39 -3.56 -9.63 -1.43
C ALA A 39 -4.66 -9.17 -0.48
N LEU A 40 -4.85 -7.85 -0.44
CA LEU A 40 -5.87 -7.28 0.42
C LEU A 40 -7.24 -7.80 0.01
N SER A 41 -7.59 -7.52 -1.24
CA SER A 41 -8.87 -7.95 -1.77
C SER A 41 -9.18 -9.39 -1.33
N ALA A 42 -8.46 -10.31 -1.94
CA ALA A 42 -8.64 -11.73 -1.63
C ALA A 42 -8.81 -11.88 -0.11
N MET A 43 -7.73 -11.60 0.61
CA MET A 43 -7.76 -11.72 2.06
C MET A 43 -7.59 -13.17 2.50
N GLY A 44 -8.46 -14.02 1.99
CA GLY A 44 -8.42 -15.43 2.32
C GLY A 44 -8.64 -16.30 1.07
N PHE A 45 -9.82 -16.15 0.50
CA PHE A 45 -10.16 -16.92 -0.70
C PHE A 45 -11.54 -16.50 -1.23
N THR A 46 -11.79 -15.21 -1.19
CA THR A 46 -13.05 -14.67 -1.66
C THR A 46 -12.85 -13.29 -2.27
N SER A 47 -13.63 -13.01 -3.30
CA SER A 47 -13.55 -11.73 -3.98
C SER A 47 -14.37 -11.76 -5.27
N VAL A 48 -14.42 -12.93 -5.87
CA VAL A 48 -15.17 -13.11 -7.10
C VAL A 48 -16.67 -13.00 -6.81
N GLY A 49 -17.22 -14.10 -6.33
CA GLY A 49 -18.64 -14.14 -6.00
C GLY A 49 -19.10 -12.81 -5.38
N ILE A 50 -18.43 -12.44 -4.28
CA ILE A 50 -18.76 -11.21 -3.59
C ILE A 50 -18.78 -10.06 -4.60
N ALA A 51 -17.73 -9.99 -5.41
CA ALA A 51 -17.61 -8.96 -6.40
C ALA A 51 -18.82 -9.02 -7.35
N ALA A 52 -19.29 -10.24 -7.57
CA ALA A 52 -20.42 -10.46 -8.44
C ALA A 52 -21.69 -9.94 -7.75
N SER A 53 -21.67 -10.00 -6.43
CA SER A 53 -22.81 -9.55 -5.65
C SER A 53 -22.82 -8.02 -5.58
N SER A 54 -21.62 -7.45 -5.43
CA SER A 54 -21.48 -6.00 -5.35
C SER A 54 -21.90 -5.37 -6.68
N ILE A 55 -21.38 -5.92 -7.76
CA ILE A 55 -21.69 -5.42 -9.09
C ILE A 55 -23.14 -5.75 -9.42
N ALA A 56 -23.58 -6.92 -8.96
CA ALA A 56 -24.95 -7.35 -9.21
C ALA A 56 -25.92 -6.39 -8.52
N ALA A 57 -25.50 -5.90 -7.36
CA ALA A 57 -26.31 -4.98 -6.60
C ALA A 57 -26.23 -3.59 -7.22
N LYS A 58 -25.03 -3.02 -7.16
CA LYS A 58 -24.79 -1.71 -7.70
C LYS A 58 -25.32 -0.65 -6.74
N MET A 59 -25.05 0.61 -7.07
CA MET A 59 -25.49 1.72 -6.24
C MET A 59 -25.09 1.50 -4.78
N MET A 60 -23.84 1.82 -4.48
CA MET A 60 -23.32 1.66 -3.13
C MET A 60 -21.95 2.32 -3.00
N SER A 61 -21.84 3.21 -2.02
CA SER A 61 -20.60 3.91 -1.78
C SER A 61 -20.18 3.74 -0.32
N THR A 62 -21.14 3.97 0.58
CA THR A 62 -20.89 3.84 2.00
C THR A 62 -21.98 3.00 2.66
N ALA A 63 -23.20 3.50 2.57
CA ALA A 63 -24.35 2.82 3.15
C ALA A 63 -24.36 3.07 4.66
N ALA A 64 -23.32 2.60 5.32
CA ALA A 64 -23.21 2.76 6.76
C ALA A 64 -21.82 2.29 7.21
N ILE A 65 -21.40 2.82 8.35
CA ILE A 65 -20.11 2.46 8.91
C ILE A 65 -20.01 2.98 10.35
N ALA A 66 -19.84 2.05 11.27
CA ALA A 66 -19.73 2.40 12.68
C ALA A 66 -18.41 1.86 13.23
N ASN A 67 -17.46 2.76 13.39
CA ASN A 67 -16.15 2.40 13.90
C ASN A 67 -15.23 3.61 13.83
N GLY A 68 -14.94 4.18 15.00
CA GLY A 68 -14.08 5.33 15.09
C GLY A 68 -14.34 6.30 13.93
N GLY A 69 -13.53 6.19 12.90
CA GLY A 69 -13.67 7.04 11.73
C GLY A 69 -12.41 7.00 10.86
N GLY A 70 -12.11 5.80 10.38
CA GLY A 70 -10.93 5.61 9.54
C GLY A 70 -11.24 5.97 8.09
N VAL A 71 -10.30 5.64 7.22
CA VAL A 71 -10.45 5.92 5.80
C VAL A 71 -11.72 5.24 5.29
N ALA A 72 -11.94 5.37 3.99
CA ALA A 72 -13.11 4.77 3.37
C ALA A 72 -12.92 3.26 3.29
N ALA A 73 -12.80 2.65 4.47
CA ALA A 73 -12.62 1.22 4.55
C ALA A 73 -12.97 0.74 5.97
N GLY A 74 -12.13 1.15 6.91
CA GLY A 74 -12.33 0.78 8.30
C GLY A 74 -11.21 -0.14 8.79
N SER A 75 -11.54 -1.41 8.91
CA SER A 75 -10.57 -2.40 9.37
C SER A 75 -9.26 -2.24 8.60
N LEU A 76 -9.39 -2.10 7.29
CA LEU A 76 -8.23 -1.93 6.44
C LEU A 76 -7.22 -1.00 7.13
N VAL A 77 -7.75 0.06 7.73
CA VAL A 77 -6.91 1.02 8.42
C VAL A 77 -5.85 0.28 9.22
N ALA A 78 -6.32 -0.59 10.11
CA ALA A 78 -5.42 -1.37 10.95
C ALA A 78 -4.28 -1.92 10.09
N ILE A 79 -4.67 -2.50 8.96
CA ILE A 79 -3.69 -3.07 8.05
C ILE A 79 -2.74 -1.97 7.57
N LEU A 80 -3.33 -0.88 7.08
CA LEU A 80 -2.56 0.24 6.60
C LEU A 80 -1.50 0.61 7.64
N GLN A 81 -1.93 0.61 8.89
CA GLN A 81 -1.03 0.96 9.98
C GLN A 81 0.15 -0.02 10.03
N SER A 82 -0.15 -1.26 10.32
CA SER A 82 0.87 -2.29 10.39
C SER A 82 1.60 -2.39 9.06
N VAL A 83 0.91 -2.98 8.09
CA VAL A 83 1.48 -3.15 6.77
C VAL A 83 2.25 -1.88 6.39
N GLY A 84 1.74 -0.75 6.84
CA GLY A 84 2.36 0.52 6.55
C GLY A 84 3.80 0.57 7.09
N ALA A 85 3.90 0.64 8.41
CA ALA A 85 5.19 0.70 9.07
C ALA A 85 5.96 -0.58 8.73
N ALA A 86 5.41 -1.70 9.16
CA ALA A 86 6.04 -2.99 8.92
C ALA A 86 6.51 -3.06 7.47
N GLY A 87 5.54 -3.07 6.56
CA GLY A 87 5.85 -3.14 5.14
C GLY A 87 7.07 -2.28 4.80
N LEU A 88 6.88 -0.98 4.89
CA LEU A 88 7.96 -0.04 4.59
C LEU A 88 9.24 -0.51 5.29
N SER A 89 9.04 -1.12 6.45
CA SER A 89 10.17 -1.62 7.23
C SER A 89 10.89 -2.72 6.45
N VAL A 90 10.24 -3.88 6.40
CA VAL A 90 10.81 -5.01 5.69
C VAL A 90 11.29 -4.57 4.31
N THR A 91 10.65 -3.52 3.81
CA THR A 91 10.99 -3.00 2.49
C THR A 91 12.42 -2.43 2.51
N SER A 92 12.52 -1.20 2.98
CA SER A 92 13.81 -0.54 3.06
C SER A 92 14.88 -1.53 3.51
N LYS A 93 14.53 -2.29 4.55
CA LYS A 93 15.45 -3.27 5.09
C LYS A 93 16.01 -4.13 3.96
N VAL A 94 15.08 -4.72 3.20
CA VAL A 94 15.47 -5.57 2.09
C VAL A 94 16.30 -4.76 1.09
N ILE A 95 16.03 -3.46 1.06
CA ILE A 95 16.75 -2.57 0.17
C ILE A 95 18.16 -2.35 0.70
N GLY A 96 18.22 -1.77 1.90
CA GLY A 96 19.50 -1.49 2.53
C GLY A 96 19.34 -0.50 3.68
N GLY A 97 18.98 0.73 3.32
CA GLY A 97 18.79 1.78 4.31
C GLY A 97 19.83 2.88 4.13
N PHE A 98 21.09 2.49 4.22
CA PHE A 98 22.19 3.44 4.08
C PHE A 98 21.99 4.31 2.83
N ALA A 99 21.46 3.70 1.80
CA ALA A 99 21.21 4.40 0.55
C ALA A 99 22.54 4.89 -0.02
N GLY A 100 22.98 4.24 -1.09
CA GLY A 100 24.22 4.60 -1.73
C GLY A 100 24.52 3.67 -2.91
N THR A 101 24.13 4.11 -4.09
CA THR A 101 24.34 3.32 -5.29
C THR A 101 23.63 1.98 -5.19
N ALA A 102 22.31 2.04 -5.34
CA ALA A 102 21.50 0.83 -5.26
C ALA A 102 20.11 1.13 -5.82
N LEU A 103 19.27 0.10 -5.78
CA LEU A 103 17.91 0.24 -6.28
C LEU A 103 17.94 0.61 -7.76
N GLY A 104 18.16 -0.39 -8.59
CA GLY A 104 18.22 -0.18 -10.03
C GLY A 104 19.02 -1.29 -10.71
N ALA A 105 20.34 -1.09 -10.77
CA ALA A 105 21.22 -2.06 -11.39
C ALA A 105 21.75 -3.02 -10.32
N TRP A 106 20.86 -3.85 -9.82
CA TRP A 106 21.22 -4.82 -8.79
C TRP A 106 21.66 -4.04 -7.55
N LEU A 107 21.60 -4.73 -6.41
CA LEU A 107 21.98 -4.12 -5.15
C LEU A 107 23.48 -4.34 -4.91
N GLY A 108 23.94 -3.82 -3.78
CA GLY A 108 25.35 -3.95 -3.42
C GLY A 108 25.51 -4.81 -2.17
N SER A 109 26.73 -4.84 -1.66
CA SER A 109 27.03 -5.61 -0.47
C SER A 109 26.68 -7.09 -0.69
N PRO A 110 27.74 -7.89 -0.97
CA PRO A 110 27.55 -9.32 -1.20
C PRO A 110 27.28 -10.06 0.11
N PRO A 111 26.95 -11.37 -0.03
CA PRO A 111 26.67 -12.20 1.12
C PRO A 111 27.95 -12.56 1.87
N SER A 112 28.64 -11.53 2.33
CA SER A 112 29.88 -11.73 3.06
C SER A 112 30.91 -12.43 2.16
N SER A 113 32.17 -12.10 2.39
CA SER A 113 33.24 -12.69 1.62
C SER A 113 32.96 -12.55 0.13
N MET A 10 3.70 18.33 6.24
CA MET A 10 4.71 19.37 6.36
C MET A 10 4.59 20.11 7.68
N GLY A 11 5.59 19.92 8.53
CA GLY A 11 5.61 20.56 9.84
C GLY A 11 6.98 21.17 10.13
N LYS A 12 7.98 20.31 10.15
CA LYS A 12 9.34 20.76 10.41
C LYS A 12 10.31 19.58 10.21
N GLU A 13 10.53 19.25 8.94
CA GLU A 13 11.42 18.16 8.60
C GLU A 13 12.07 18.41 7.23
N SER A 14 11.21 18.60 6.25
CA SER A 14 11.68 18.85 4.88
C SER A 14 12.77 17.84 4.52
N GLY A 15 12.33 16.64 4.20
CA GLY A 15 13.26 15.58 3.83
C GLY A 15 12.59 14.58 2.89
N TRP A 16 11.43 14.08 3.32
CA TRP A 16 10.69 13.12 2.53
C TRP A 16 10.56 13.67 1.10
N ASP A 17 9.99 14.86 1.01
CA ASP A 17 9.81 15.50 -0.28
C ASP A 17 9.02 14.58 -1.21
N SER A 18 8.51 15.15 -2.29
CA SER A 18 7.73 14.40 -3.25
C SER A 18 7.96 14.95 -4.66
N GLY A 19 7.59 16.22 -4.82
CA GLY A 19 7.74 16.87 -6.11
C GLY A 19 6.90 16.18 -7.19
N ARG A 20 7.35 16.34 -8.43
CA ARG A 20 6.65 15.73 -9.55
C ARG A 20 7.03 14.25 -9.68
N ALA A 21 8.33 14.00 -9.70
CA ALA A 21 8.82 12.64 -9.82
C ALA A 21 8.04 11.73 -8.87
N ALA A 22 7.53 12.33 -7.81
CA ALA A 22 6.75 11.59 -6.83
C ALA A 22 5.81 10.63 -7.56
N VAL A 23 5.00 11.20 -8.43
CA VAL A 23 4.05 10.41 -9.20
C VAL A 23 4.75 9.16 -9.74
N ALA A 24 5.91 9.39 -10.35
CA ALA A 24 6.68 8.29 -10.91
C ALA A 24 6.91 7.23 -9.84
N ALA A 25 7.28 7.70 -8.65
CA ALA A 25 7.53 6.81 -7.54
C ALA A 25 6.25 6.04 -7.20
N VAL A 26 5.13 6.69 -7.45
CA VAL A 26 3.83 6.08 -7.18
C VAL A 26 3.46 5.15 -8.33
N VAL A 27 4.11 5.38 -9.47
CA VAL A 27 3.86 4.56 -10.65
C VAL A 27 4.60 3.23 -10.50
N GLY A 28 5.91 3.31 -10.41
CA GLY A 28 6.73 2.12 -10.26
C GLY A 28 6.25 1.26 -9.08
N GLY A 29 5.81 0.06 -9.41
CA GLY A 29 5.33 -0.86 -8.40
C GLY A 29 3.84 -1.16 -8.60
N VAL A 30 3.32 -0.71 -9.73
CA VAL A 30 1.92 -0.93 -10.06
C VAL A 30 1.53 -2.36 -9.66
N VAL A 31 2.03 -3.31 -10.44
CA VAL A 31 1.73 -4.71 -10.18
C VAL A 31 1.82 -4.98 -8.68
N ALA A 32 2.82 -4.37 -8.06
CA ALA A 32 3.03 -4.54 -6.64
C ALA A 32 1.73 -4.24 -5.89
N VAL A 33 1.18 -3.06 -6.16
CA VAL A 33 -0.05 -2.65 -5.53
C VAL A 33 -1.19 -3.58 -5.97
N GLY A 34 -0.98 -4.21 -7.11
CA GLY A 34 -1.96 -5.13 -7.65
C GLY A 34 -2.01 -6.42 -6.84
N THR A 35 -0.82 -7.00 -6.63
CA THR A 35 -0.70 -8.23 -5.87
C THR A 35 -1.21 -8.02 -4.44
N VAL A 36 -0.66 -7.00 -3.81
CA VAL A 36 -1.04 -6.68 -2.44
C VAL A 36 -2.56 -6.48 -2.36
N LEU A 37 -3.06 -5.66 -3.27
CA LEU A 37 -4.49 -5.38 -3.32
C LEU A 37 -5.26 -6.70 -3.47
N VAL A 38 -4.71 -7.57 -4.29
CA VAL A 38 -5.32 -8.87 -4.53
C VAL A 38 -5.40 -9.64 -3.21
N ALA A 39 -4.34 -9.51 -2.41
CA ALA A 39 -4.28 -10.18 -1.13
C ALA A 39 -5.28 -9.54 -0.17
N LEU A 40 -5.49 -8.25 -0.37
CA LEU A 40 -6.42 -7.50 0.47
C LEU A 40 -7.84 -7.96 0.18
N SER A 41 -8.10 -8.25 -1.09
CA SER A 41 -9.41 -8.71 -1.50
C SER A 41 -9.57 -10.20 -1.21
N ALA A 42 -8.89 -11.00 -2.02
CA ALA A 42 -8.95 -12.44 -1.86
C ALA A 42 -8.41 -12.82 -0.47
N MET A 43 -8.11 -14.10 -0.32
CA MET A 43 -7.59 -14.60 0.94
C MET A 43 -8.68 -14.58 2.02
N GLY A 44 -9.92 -14.75 1.57
CA GLY A 44 -11.05 -14.75 2.49
C GLY A 44 -12.36 -14.56 1.73
N PHE A 45 -12.55 -13.36 1.21
CA PHE A 45 -13.75 -13.04 0.47
C PHE A 45 -13.45 -12.05 -0.66
N THR A 46 -13.40 -12.59 -1.87
CA THR A 46 -13.12 -11.78 -3.04
C THR A 46 -14.20 -10.71 -3.21
N SER A 47 -14.03 -9.90 -4.25
CA SER A 47 -14.97 -8.83 -4.53
C SER A 47 -15.90 -9.25 -5.67
N VAL A 48 -15.37 -9.16 -6.88
CA VAL A 48 -16.14 -9.53 -8.07
C VAL A 48 -17.62 -9.17 -7.85
N GLY A 49 -18.45 -10.19 -7.90
CA GLY A 49 -19.88 -9.99 -7.70
C GLY A 49 -20.15 -9.02 -6.55
N ILE A 50 -19.61 -9.36 -5.39
CA ILE A 50 -19.78 -8.54 -4.21
C ILE A 50 -19.42 -7.09 -4.55
N ALA A 51 -18.31 -6.94 -5.25
CA ALA A 51 -17.85 -5.62 -5.65
C ALA A 51 -18.95 -4.91 -6.44
N ALA A 52 -19.63 -5.68 -7.28
CA ALA A 52 -20.71 -5.15 -8.09
C ALA A 52 -21.90 -4.80 -7.19
N SER A 53 -21.99 -5.54 -6.09
CA SER A 53 -23.08 -5.32 -5.14
C SER A 53 -22.87 -3.99 -4.41
N SER A 54 -21.62 -3.73 -4.04
CA SER A 54 -21.29 -2.51 -3.34
C SER A 54 -21.48 -1.31 -4.26
N ILE A 55 -20.88 -1.40 -5.43
CA ILE A 55 -20.98 -0.32 -6.42
C ILE A 55 -22.44 -0.16 -6.84
N ALA A 56 -23.12 -1.29 -6.97
CA ALA A 56 -24.51 -1.28 -7.37
C ALA A 56 -25.33 -0.53 -6.31
N ALA A 57 -24.98 -0.77 -5.06
CA ALA A 57 -25.68 -0.12 -3.96
C ALA A 57 -25.20 1.32 -3.85
N LYS A 58 -23.95 1.49 -3.44
CA LYS A 58 -23.37 2.80 -3.30
C LYS A 58 -24.36 3.72 -2.57
N MET A 59 -24.49 3.49 -1.27
CA MET A 59 -25.40 4.28 -0.46
C MET A 59 -25.43 3.77 0.98
N MET A 60 -25.88 4.64 1.88
CA MET A 60 -25.97 4.28 3.28
C MET A 60 -24.62 3.81 3.81
N SER A 61 -24.01 4.67 4.62
CA SER A 61 -22.71 4.36 5.21
C SER A 61 -22.87 4.06 6.69
N THR A 62 -23.07 2.78 6.98
CA THR A 62 -23.24 2.34 8.37
C THR A 62 -22.18 3.00 9.26
N ALA A 63 -22.56 3.20 10.51
CA ALA A 63 -21.66 3.81 11.48
C ALA A 63 -20.54 2.83 11.82
N ALA A 64 -19.31 3.33 11.74
CA ALA A 64 -18.16 2.50 12.04
C ALA A 64 -17.72 2.75 13.49
N ILE A 65 -17.24 1.67 14.12
CA ILE A 65 -16.80 1.76 15.49
C ILE A 65 -15.42 2.43 15.54
N ALA A 66 -15.29 3.40 16.43
CA ALA A 66 -14.05 4.12 16.59
C ALA A 66 -13.67 4.79 15.26
N ASN A 67 -14.04 6.05 15.15
CA ASN A 67 -13.76 6.81 13.94
C ASN A 67 -14.50 6.18 12.76
N GLY A 68 -15.53 6.88 12.30
CA GLY A 68 -16.33 6.39 11.19
C GLY A 68 -16.56 7.51 10.16
N GLY A 69 -17.60 7.34 9.37
CA GLY A 69 -17.94 8.31 8.35
C GLY A 69 -16.68 8.77 7.60
N GLY A 70 -16.08 7.84 6.87
CA GLY A 70 -14.89 8.13 6.11
C GLY A 70 -14.69 7.11 4.98
N VAL A 71 -13.60 7.31 4.25
CA VAL A 71 -13.28 6.42 3.15
C VAL A 71 -12.66 5.13 3.70
N ALA A 72 -11.54 5.30 4.38
CA ALA A 72 -10.83 4.17 4.95
C ALA A 72 -11.10 4.13 6.47
N ALA A 73 -11.66 3.02 6.91
CA ALA A 73 -11.97 2.84 8.32
C ALA A 73 -12.46 1.42 8.56
N GLY A 74 -12.04 0.86 9.68
CA GLY A 74 -12.42 -0.50 10.04
C GLY A 74 -11.20 -1.40 10.19
N SER A 75 -11.46 -2.69 10.34
CA SER A 75 -10.39 -3.66 10.50
C SER A 75 -9.27 -3.38 9.50
N LEU A 76 -9.67 -2.82 8.36
CA LEU A 76 -8.71 -2.50 7.32
C LEU A 76 -7.57 -1.67 7.91
N VAL A 77 -7.93 -0.58 8.57
CA VAL A 77 -6.96 0.29 9.18
C VAL A 77 -5.89 -0.56 9.89
N ALA A 78 -6.33 -1.72 10.37
CA ALA A 78 -5.44 -2.62 11.07
C ALA A 78 -4.27 -2.99 10.15
N ILE A 79 -4.62 -3.52 8.98
CA ILE A 79 -3.62 -3.91 8.01
C ILE A 79 -2.99 -2.66 7.40
N LEU A 80 -3.75 -1.58 7.40
CA LEU A 80 -3.28 -0.33 6.86
C LEU A 80 -2.00 0.08 7.58
N GLN A 81 -2.09 0.14 8.90
CA GLN A 81 -0.95 0.53 9.72
C GLN A 81 0.11 -0.58 9.68
N SER A 82 -0.33 -1.79 9.97
CA SER A 82 0.56 -2.94 9.98
C SER A 82 1.38 -2.97 8.69
N VAL A 83 0.69 -3.29 7.60
CA VAL A 83 1.35 -3.37 6.30
C VAL A 83 1.94 -2.00 5.96
N GLY A 84 1.32 -0.96 6.50
CA GLY A 84 1.78 0.39 6.26
C GLY A 84 3.23 0.57 6.70
N ALA A 85 3.43 0.59 8.02
CA ALA A 85 4.75 0.75 8.58
C ALA A 85 5.59 -0.49 8.23
N ALA A 86 5.11 -1.64 8.67
CA ALA A 86 5.80 -2.89 8.42
C ALA A 86 6.26 -2.93 6.97
N GLY A 87 5.28 -2.85 6.07
CA GLY A 87 5.58 -2.87 4.65
C GLY A 87 6.70 -1.91 4.30
N LEU A 88 6.40 -0.63 4.40
CA LEU A 88 7.37 0.41 4.10
C LEU A 88 8.72 0.02 4.71
N SER A 89 8.66 -0.66 5.84
CA SER A 89 9.86 -1.09 6.52
C SER A 89 10.63 -2.10 5.65
N VAL A 90 10.11 -3.32 5.63
CA VAL A 90 10.74 -4.37 4.84
C VAL A 90 11.08 -3.83 3.44
N THR A 91 10.29 -2.84 3.03
CA THR A 91 10.49 -2.23 1.73
C THR A 91 11.85 -1.52 1.67
N SER A 92 11.86 -0.30 2.19
CA SER A 92 13.08 0.50 2.21
C SER A 92 14.24 -0.34 2.74
N LYS A 93 13.98 -1.05 3.83
CA LYS A 93 14.99 -1.88 4.44
C LYS A 93 15.61 -2.80 3.38
N VAL A 94 14.73 -3.48 2.66
CA VAL A 94 15.17 -4.38 1.61
C VAL A 94 15.93 -3.59 0.55
N ILE A 95 15.55 -2.33 0.40
CA ILE A 95 16.18 -1.45 -0.57
C ILE A 95 17.56 -1.03 -0.05
N GLY A 96 17.54 -0.06 0.86
CA GLY A 96 18.77 0.44 1.45
C GLY A 96 18.50 1.11 2.79
N GLY A 97 18.16 0.29 3.77
CA GLY A 97 17.87 0.79 5.10
C GLY A 97 16.72 1.80 5.08
N PHE A 98 17.05 3.04 4.74
CA PHE A 98 16.06 4.10 4.68
C PHE A 98 16.36 5.05 3.53
N ALA A 99 17.61 5.48 3.47
CA ALA A 99 18.03 6.40 2.42
C ALA A 99 19.53 6.21 2.15
N GLY A 100 19.85 5.09 1.52
CA GLY A 100 21.23 4.77 1.20
C GLY A 100 21.33 4.08 -0.16
N THR A 101 22.29 3.16 -0.25
CA THR A 101 22.50 2.43 -1.48
C THR A 101 21.18 1.88 -2.01
N ALA A 102 20.84 2.29 -3.22
CA ALA A 102 19.61 1.85 -3.84
C ALA A 102 19.57 2.34 -5.29
N LEU A 103 18.50 1.96 -5.98
CA LEU A 103 18.34 2.35 -7.37
C LEU A 103 19.54 1.86 -8.19
N GLY A 104 19.75 0.55 -8.12
CA GLY A 104 20.85 -0.05 -8.85
C GLY A 104 21.82 -0.76 -7.89
N ALA A 105 22.18 -1.97 -8.24
CA ALA A 105 23.10 -2.76 -7.43
C ALA A 105 22.47 -3.02 -6.06
N TRP A 106 22.10 -4.27 -5.84
CA TRP A 106 21.48 -4.66 -4.59
C TRP A 106 22.59 -5.18 -3.66
N LEU A 107 23.02 -4.30 -2.76
CA LEU A 107 24.08 -4.66 -1.82
C LEU A 107 23.50 -5.60 -0.77
N GLY A 108 22.59 -5.08 0.03
CA GLY A 108 21.96 -5.86 1.08
C GLY A 108 23.00 -6.48 2.01
N SER A 109 23.72 -5.60 2.70
CA SER A 109 24.75 -6.04 3.63
C SER A 109 24.45 -5.53 5.03
N PRO A 110 23.51 -6.21 5.72
CA PRO A 110 23.12 -5.83 7.07
C PRO A 110 24.20 -6.23 8.07
N PRO A 111 24.15 -5.57 9.26
CA PRO A 111 25.11 -5.85 10.31
C PRO A 111 24.79 -7.18 11.01
N SER A 112 25.84 -7.96 11.23
CA SER A 112 25.69 -9.25 11.88
C SER A 112 24.69 -10.11 11.10
N SER A 113 24.61 -11.37 11.50
CA SER A 113 23.71 -12.31 10.85
C SER A 113 22.41 -12.41 11.65
N MET A 10 9.83 11.69 5.36
CA MET A 10 11.09 12.24 5.81
C MET A 10 11.05 13.76 5.88
N GLY A 11 10.95 14.27 7.10
CA GLY A 11 10.89 15.70 7.32
C GLY A 11 10.27 16.01 8.69
N LYS A 12 8.95 16.20 8.68
CA LYS A 12 8.23 16.50 9.90
C LYS A 12 7.86 15.21 10.61
N GLU A 13 7.01 14.43 9.96
CA GLU A 13 6.58 13.16 10.52
C GLU A 13 6.38 12.13 9.41
N SER A 14 5.50 12.48 8.47
CA SER A 14 5.21 11.60 7.36
C SER A 14 5.69 12.23 6.05
N GLY A 15 5.16 13.42 5.79
CA GLY A 15 5.53 14.14 4.58
C GLY A 15 4.28 14.72 3.89
N TRP A 16 4.02 15.99 4.17
CA TRP A 16 2.88 16.67 3.59
C TRP A 16 3.37 17.50 2.41
N ASP A 17 3.77 16.80 1.35
CA ASP A 17 4.26 17.44 0.15
C ASP A 17 4.72 16.38 -0.84
N SER A 18 4.20 16.48 -2.06
CA SER A 18 4.55 15.54 -3.10
C SER A 18 4.28 16.16 -4.48
N GLY A 19 5.38 16.50 -5.15
CA GLY A 19 5.28 17.11 -6.47
C GLY A 19 4.61 16.16 -7.46
N ARG A 20 4.78 16.47 -8.73
CA ARG A 20 4.20 15.65 -9.79
C ARG A 20 4.93 14.31 -9.89
N ALA A 21 6.22 14.40 -10.14
CA ALA A 21 7.03 13.19 -10.26
C ALA A 21 6.64 12.21 -9.16
N ALA A 22 6.40 12.74 -7.97
CA ALA A 22 6.02 11.92 -6.84
C ALA A 22 5.00 10.87 -7.30
N VAL A 23 3.92 11.36 -7.88
CA VAL A 23 2.87 10.48 -8.37
C VAL A 23 3.49 9.32 -9.14
N ALA A 24 4.40 9.68 -10.03
CA ALA A 24 5.08 8.69 -10.84
C ALA A 24 5.72 7.64 -9.93
N ALA A 25 6.37 8.11 -8.89
CA ALA A 25 7.02 7.23 -7.93
C ALA A 25 5.96 6.34 -7.27
N VAL A 26 4.76 6.89 -7.17
CA VAL A 26 3.66 6.16 -6.55
C VAL A 26 3.07 5.19 -7.57
N VAL A 27 3.32 5.48 -8.84
CA VAL A 27 2.83 4.66 -9.92
C VAL A 27 3.70 3.40 -10.06
N GLY A 28 4.99 3.65 -10.27
CA GLY A 28 5.94 2.56 -10.42
C GLY A 28 5.65 1.44 -9.42
N GLY A 29 5.54 0.23 -9.94
CA GLY A 29 5.26 -0.92 -9.12
C GLY A 29 3.79 -1.31 -9.18
N VAL A 30 3.16 -0.94 -10.29
CA VAL A 30 1.76 -1.25 -10.50
C VAL A 30 1.48 -2.69 -10.07
N VAL A 31 2.20 -3.61 -10.69
CA VAL A 31 2.05 -5.01 -10.40
C VAL A 31 2.09 -5.21 -8.87
N ALA A 32 3.06 -4.57 -8.25
CA ALA A 32 3.22 -4.66 -6.81
C ALA A 32 1.90 -4.31 -6.13
N VAL A 33 1.27 -3.26 -6.65
CA VAL A 33 0.00 -2.80 -6.10
C VAL A 33 -1.08 -3.84 -6.38
N GLY A 34 -0.89 -4.57 -7.47
CA GLY A 34 -1.84 -5.59 -7.87
C GLY A 34 -1.80 -6.77 -6.90
N THR A 35 -0.59 -7.27 -6.67
CA THR A 35 -0.39 -8.39 -5.76
C THR A 35 -0.86 -8.02 -4.35
N VAL A 36 -0.50 -6.80 -3.94
CA VAL A 36 -0.88 -6.33 -2.62
C VAL A 36 -2.41 -6.30 -2.50
N LEU A 37 -3.04 -5.79 -3.54
CA LEU A 37 -4.49 -5.71 -3.57
C LEU A 37 -5.08 -7.11 -3.63
N VAL A 38 -4.90 -7.76 -4.78
CA VAL A 38 -5.40 -9.10 -4.98
C VAL A 38 -5.14 -9.93 -3.71
N ALA A 39 -4.09 -9.56 -3.01
CA ALA A 39 -3.72 -10.25 -1.78
C ALA A 39 -4.76 -9.94 -0.70
N LEU A 40 -4.96 -8.65 -0.48
CA LEU A 40 -5.92 -8.22 0.53
C LEU A 40 -7.29 -8.84 0.23
N SER A 41 -7.58 -8.94 -1.06
CA SER A 41 -8.85 -9.51 -1.50
C SER A 41 -8.83 -11.03 -1.32
N ALA A 42 -7.65 -11.60 -1.50
CA ALA A 42 -7.47 -13.03 -1.37
C ALA A 42 -7.80 -13.45 0.06
N MET A 43 -7.57 -14.73 0.35
CA MET A 43 -7.84 -15.26 1.67
C MET A 43 -9.34 -15.22 1.99
N GLY A 44 -10.13 -15.55 0.98
CA GLY A 44 -11.58 -15.55 1.14
C GLY A 44 -12.26 -16.02 -0.15
N PHE A 45 -11.74 -15.55 -1.27
CA PHE A 45 -12.29 -15.91 -2.57
C PHE A 45 -13.66 -15.27 -2.78
N THR A 46 -13.79 -14.05 -2.28
CA THR A 46 -15.04 -13.31 -2.41
C THR A 46 -14.76 -11.82 -2.60
N SER A 47 -14.97 -11.36 -3.82
CA SER A 47 -14.75 -9.96 -4.14
C SER A 47 -15.38 -9.63 -5.50
N VAL A 48 -15.19 -10.54 -6.44
CA VAL A 48 -15.73 -10.36 -7.77
C VAL A 48 -17.20 -9.94 -7.68
N GLY A 49 -18.05 -10.94 -7.50
CA GLY A 49 -19.48 -10.69 -7.39
C GLY A 49 -19.75 -9.42 -6.59
N ILE A 50 -19.24 -9.40 -5.37
CA ILE A 50 -19.42 -8.25 -4.50
C ILE A 50 -19.21 -6.97 -5.30
N ALA A 51 -18.08 -6.92 -6.00
CA ALA A 51 -17.76 -5.76 -6.81
C ALA A 51 -18.91 -5.49 -7.79
N ALA A 52 -19.38 -6.55 -8.42
CA ALA A 52 -20.47 -6.44 -9.38
C ALA A 52 -21.70 -5.89 -8.66
N SER A 53 -21.78 -6.18 -7.37
CA SER A 53 -22.90 -5.71 -6.57
C SER A 53 -22.75 -4.22 -6.26
N SER A 54 -21.52 -3.84 -5.96
CA SER A 54 -21.22 -2.45 -5.65
C SER A 54 -21.46 -1.57 -6.88
N ILE A 55 -20.86 -2.00 -7.99
CA ILE A 55 -21.00 -1.25 -9.23
C ILE A 55 -22.46 -1.30 -9.69
N ALA A 56 -23.08 -2.45 -9.47
CA ALA A 56 -24.46 -2.64 -9.86
C ALA A 56 -25.33 -1.59 -9.17
N ALA A 57 -25.09 -1.42 -7.88
CA ALA A 57 -25.83 -0.45 -7.10
C ALA A 57 -25.38 0.96 -7.47
N LYS A 58 -24.11 1.24 -7.16
CA LYS A 58 -23.54 2.54 -7.45
C LYS A 58 -24.11 3.58 -6.47
N MET A 59 -23.66 3.48 -5.23
CA MET A 59 -24.11 4.40 -4.20
C MET A 59 -23.22 5.64 -4.14
N MET A 60 -23.78 6.70 -3.58
CA MET A 60 -23.05 7.96 -3.46
C MET A 60 -22.48 8.11 -2.05
N SER A 61 -23.36 8.04 -1.06
CA SER A 61 -22.96 8.18 0.32
C SER A 61 -23.75 7.21 1.19
N THR A 62 -23.04 6.56 2.12
CA THR A 62 -23.66 5.61 3.01
C THR A 62 -22.83 5.46 4.28
N ALA A 63 -21.59 5.03 4.10
CA ALA A 63 -20.68 4.84 5.22
C ALA A 63 -21.24 3.75 6.14
N ALA A 64 -20.57 2.61 6.12
CA ALA A 64 -20.99 1.48 6.95
C ALA A 64 -20.62 1.76 8.40
N ILE A 65 -21.05 0.85 9.27
CA ILE A 65 -20.77 0.99 10.69
C ILE A 65 -21.05 2.43 11.12
N ALA A 66 -20.63 2.74 12.35
CA ALA A 66 -20.83 4.07 12.89
C ALA A 66 -19.57 4.50 13.64
N ASN A 67 -19.22 3.72 14.65
CA ASN A 67 -18.03 4.02 15.44
C ASN A 67 -16.91 4.48 14.52
N GLY A 68 -16.05 5.32 15.08
CA GLY A 68 -14.93 5.85 14.32
C GLY A 68 -15.35 7.05 13.46
N GLY A 69 -16.08 6.75 12.40
CA GLY A 69 -16.56 7.78 11.50
C GLY A 69 -15.82 7.71 10.16
N GLY A 70 -16.53 8.14 9.11
CA GLY A 70 -15.95 8.13 7.77
C GLY A 70 -14.49 8.56 7.79
N VAL A 71 -13.65 7.72 7.23
CA VAL A 71 -12.22 8.01 7.18
C VAL A 71 -11.53 6.96 6.32
N ALA A 72 -11.95 6.89 5.06
CA ALA A 72 -11.39 5.94 4.13
C ALA A 72 -11.98 4.56 4.38
N ALA A 73 -11.73 4.05 5.59
CA ALA A 73 -12.24 2.75 5.96
C ALA A 73 -11.99 2.52 7.45
N GLY A 74 -12.32 1.32 7.91
CA GLY A 74 -12.14 0.97 9.30
C GLY A 74 -11.02 -0.06 9.47
N SER A 75 -11.40 -1.33 9.41
CA SER A 75 -10.45 -2.40 9.56
C SER A 75 -9.22 -2.14 8.68
N LEU A 76 -9.49 -1.73 7.44
CA LEU A 76 -8.42 -1.44 6.50
C LEU A 76 -7.35 -0.61 7.20
N VAL A 77 -7.79 0.41 7.91
CA VAL A 77 -6.89 1.29 8.63
C VAL A 77 -5.86 0.45 9.38
N ALA A 78 -6.37 -0.53 10.12
CA ALA A 78 -5.51 -1.41 10.89
C ALA A 78 -4.46 -2.03 9.96
N ILE A 79 -4.92 -2.44 8.79
CA ILE A 79 -4.03 -3.05 7.81
C ILE A 79 -2.98 -2.02 7.38
N LEU A 80 -3.44 -0.80 7.14
CA LEU A 80 -2.56 0.27 6.72
C LEU A 80 -1.50 0.49 7.79
N GLN A 81 -1.93 0.43 9.04
CA GLN A 81 -1.04 0.63 10.16
C GLN A 81 0.09 -0.41 10.12
N SER A 82 -0.30 -1.67 10.22
CA SER A 82 0.65 -2.76 10.20
C SER A 82 1.38 -2.79 8.86
N VAL A 83 0.65 -3.22 7.84
CA VAL A 83 1.21 -3.31 6.49
C VAL A 83 2.05 -2.06 6.22
N GLY A 84 1.65 -0.97 6.86
CA GLY A 84 2.37 0.29 6.70
C GLY A 84 3.79 0.20 7.25
N ALA A 85 3.88 0.08 8.55
CA ALA A 85 5.17 -0.03 9.22
C ALA A 85 5.89 -1.28 8.73
N ALA A 86 5.22 -2.41 8.90
CA ALA A 86 5.78 -3.69 8.50
C ALA A 86 6.25 -3.59 7.04
N GLY A 87 5.38 -3.02 6.21
CA GLY A 87 5.69 -2.87 4.81
C GLY A 87 6.91 -1.96 4.61
N LEU A 88 6.69 -0.67 4.81
CA LEU A 88 7.74 0.31 4.67
C LEU A 88 9.04 -0.26 5.27
N SER A 89 8.86 -1.03 6.32
CA SER A 89 10.00 -1.64 6.99
C SER A 89 10.73 -2.60 6.04
N VAL A 90 10.18 -3.80 5.93
CA VAL A 90 10.75 -4.81 5.07
C VAL A 90 11.17 -4.17 3.75
N THR A 91 10.47 -3.11 3.40
CA THR A 91 10.76 -2.39 2.16
C THR A 91 12.16 -1.78 2.21
N SER A 92 12.24 -0.61 2.82
CA SER A 92 13.50 0.08 2.94
C SER A 92 14.62 -0.91 3.26
N LYS A 93 14.31 -1.83 4.18
CA LYS A 93 15.27 -2.84 4.57
C LYS A 93 15.86 -3.51 3.33
N VAL A 94 14.98 -4.11 2.55
CA VAL A 94 15.40 -4.78 1.33
C VAL A 94 16.14 -3.78 0.43
N ILE A 95 15.80 -2.52 0.60
CA ILE A 95 16.43 -1.47 -0.18
C ILE A 95 17.83 -1.18 0.38
N GLY A 96 17.85 -0.47 1.50
CA GLY A 96 19.11 -0.12 2.13
C GLY A 96 18.87 0.78 3.34
N GLY A 97 18.68 0.15 4.49
CA GLY A 97 18.46 0.89 5.72
C GLY A 97 17.58 2.12 5.47
N PHE A 98 18.10 3.26 5.87
CA PHE A 98 17.39 4.52 5.69
C PHE A 98 18.33 5.63 5.25
N ALA A 99 19.26 5.27 4.37
CA ALA A 99 20.22 6.22 3.86
C ALA A 99 20.82 5.70 2.56
N GLY A 100 20.51 6.38 1.47
CA GLY A 100 21.01 6.00 0.16
C GLY A 100 19.87 5.94 -0.86
N THR A 101 20.26 6.02 -2.12
CA THR A 101 19.28 5.97 -3.20
C THR A 101 19.67 4.89 -4.22
N ALA A 102 19.54 3.65 -3.80
CA ALA A 102 19.87 2.52 -4.66
C ALA A 102 19.13 2.67 -5.99
N LEU A 103 17.81 2.64 -5.91
CA LEU A 103 16.99 2.78 -7.10
C LEU A 103 17.55 1.87 -8.20
N GLY A 104 17.55 0.58 -7.92
CA GLY A 104 18.05 -0.40 -8.87
C GLY A 104 18.94 -1.43 -8.19
N ALA A 105 19.49 -2.32 -9.00
CA ALA A 105 20.36 -3.37 -8.49
C ALA A 105 19.60 -4.20 -7.45
N TRP A 106 20.11 -5.39 -7.21
CA TRP A 106 19.48 -6.30 -6.25
C TRP A 106 20.43 -6.45 -5.06
N LEU A 107 20.11 -5.71 -4.01
CA LEU A 107 20.92 -5.74 -2.80
C LEU A 107 22.27 -5.08 -3.07
N GLY A 108 22.78 -4.40 -2.05
CA GLY A 108 24.06 -3.72 -2.16
C GLY A 108 25.15 -4.49 -1.43
N SER A 109 25.28 -4.19 -0.15
CA SER A 109 26.29 -4.85 0.68
C SER A 109 25.71 -6.11 1.32
N PRO A 110 26.62 -7.03 1.69
CA PRO A 110 26.21 -8.29 2.31
C PRO A 110 25.79 -8.06 3.76
N PRO A 111 25.01 -9.05 4.30
CA PRO A 111 24.55 -8.96 5.67
C PRO A 111 25.68 -9.28 6.66
N SER A 112 25.60 -8.64 7.82
CA SER A 112 26.60 -8.85 8.85
C SER A 112 26.94 -10.33 8.96
N SER A 113 25.91 -11.12 9.22
CA SER A 113 26.09 -12.56 9.36
C SER A 113 25.67 -13.26 8.06
N MET A 10 -0.21 19.28 -1.11
CA MET A 10 -0.38 20.18 0.02
C MET A 10 0.37 19.67 1.25
N GLY A 11 0.58 20.57 2.20
CA GLY A 11 1.28 20.22 3.42
C GLY A 11 1.69 21.48 4.19
N LYS A 12 2.23 21.26 5.38
CA LYS A 12 2.67 22.36 6.23
C LYS A 12 3.56 21.82 7.34
N GLU A 13 2.97 20.98 8.18
CA GLU A 13 3.69 20.39 9.29
C GLU A 13 4.00 18.92 9.00
N SER A 14 2.95 18.17 8.74
CA SER A 14 3.10 16.75 8.44
C SER A 14 2.60 16.46 7.03
N GLY A 15 3.39 15.67 6.31
CA GLY A 15 3.04 15.31 4.95
C GLY A 15 4.28 15.24 4.06
N TRP A 16 4.07 15.53 2.79
CA TRP A 16 5.17 15.52 1.83
C TRP A 16 4.64 16.10 0.51
N ASP A 17 5.23 17.21 0.12
CA ASP A 17 4.83 17.87 -1.11
C ASP A 17 4.86 16.86 -2.26
N SER A 18 6.00 16.21 -2.39
CA SER A 18 6.17 15.21 -3.45
C SER A 18 5.96 15.85 -4.81
N GLY A 19 7.05 16.04 -5.53
CA GLY A 19 7.00 16.65 -6.85
C GLY A 19 6.09 15.84 -7.78
N ARG A 20 6.02 16.29 -9.02
CA ARG A 20 5.19 15.63 -10.02
C ARG A 20 5.71 14.21 -10.29
N ALA A 21 6.89 14.16 -10.89
CA ALA A 21 7.51 12.88 -11.21
C ALA A 21 7.36 11.93 -10.02
N ALA A 22 7.61 12.48 -8.84
CA ALA A 22 7.50 11.69 -7.61
C ALA A 22 6.26 10.80 -7.70
N VAL A 23 5.13 11.43 -7.96
CA VAL A 23 3.87 10.70 -8.06
C VAL A 23 4.09 9.45 -8.92
N ALA A 24 4.68 9.66 -10.09
CA ALA A 24 4.95 8.56 -11.00
C ALA A 24 5.74 7.47 -10.26
N ALA A 25 6.72 7.92 -9.50
CA ALA A 25 7.55 7.01 -8.74
C ALA A 25 6.68 6.19 -7.77
N VAL A 26 5.63 6.84 -7.29
CA VAL A 26 4.71 6.20 -6.37
C VAL A 26 3.73 5.34 -7.16
N VAL A 27 3.60 5.65 -8.44
CA VAL A 27 2.71 4.91 -9.30
C VAL A 27 3.39 3.62 -9.75
N GLY A 28 4.58 3.77 -10.31
CA GLY A 28 5.34 2.63 -10.78
C GLY A 28 5.25 1.47 -9.79
N GLY A 29 5.03 0.28 -10.34
CA GLY A 29 4.92 -0.91 -9.52
C GLY A 29 3.50 -1.48 -9.55
N VAL A 30 2.81 -1.18 -10.65
CA VAL A 30 1.44 -1.65 -10.83
C VAL A 30 1.35 -3.10 -10.35
N VAL A 31 2.27 -3.92 -10.83
CA VAL A 31 2.30 -5.33 -10.46
C VAL A 31 2.20 -5.45 -8.94
N ALA A 32 3.08 -4.73 -8.26
CA ALA A 32 3.10 -4.75 -6.80
C ALA A 32 1.71 -4.38 -6.28
N VAL A 33 1.08 -3.45 -6.98
CA VAL A 33 -0.25 -3.00 -6.59
C VAL A 33 -1.26 -4.13 -6.83
N GLY A 34 -0.99 -4.93 -7.84
CA GLY A 34 -1.85 -6.04 -8.18
C GLY A 34 -1.78 -7.14 -7.11
N THR A 35 -0.55 -7.49 -6.75
CA THR A 35 -0.33 -8.51 -5.75
C THR A 35 -0.95 -8.09 -4.41
N VAL A 36 -0.69 -6.85 -4.05
CA VAL A 36 -1.21 -6.31 -2.80
C VAL A 36 -2.74 -6.36 -2.83
N LEU A 37 -3.29 -5.98 -3.97
CA LEU A 37 -4.74 -5.97 -4.14
C LEU A 37 -5.26 -7.40 -4.06
N VAL A 38 -4.95 -8.18 -5.09
CA VAL A 38 -5.39 -9.56 -5.14
C VAL A 38 -5.22 -10.19 -3.76
N ALA A 39 -4.21 -9.72 -3.05
CA ALA A 39 -3.94 -10.23 -1.71
C ALA A 39 -5.12 -9.92 -0.80
N LEU A 40 -5.32 -8.62 -0.56
CA LEU A 40 -6.40 -8.18 0.29
C LEU A 40 -7.74 -8.61 -0.31
N SER A 41 -8.04 -8.04 -1.47
CA SER A 41 -9.27 -8.37 -2.16
C SER A 41 -9.48 -9.88 -2.20
N ALA A 42 -8.56 -10.55 -2.88
CA ALA A 42 -8.62 -12.00 -3.00
C ALA A 42 -7.89 -12.64 -1.82
N MET A 43 -8.42 -12.38 -0.63
CA MET A 43 -7.84 -12.92 0.59
C MET A 43 -7.97 -14.45 0.62
N GLY A 44 -9.15 -14.92 0.28
CA GLY A 44 -9.43 -16.34 0.27
C GLY A 44 -10.30 -16.74 -0.93
N PHE A 45 -9.97 -16.16 -2.07
CA PHE A 45 -10.71 -16.43 -3.29
C PHE A 45 -12.17 -15.99 -3.15
N THR A 46 -12.35 -14.79 -2.62
CA THR A 46 -13.68 -14.25 -2.43
C THR A 46 -13.65 -12.72 -2.53
N SER A 47 -14.46 -12.21 -3.45
CA SER A 47 -14.54 -10.77 -3.66
C SER A 47 -15.20 -10.48 -5.01
N VAL A 48 -15.01 -11.41 -5.94
CA VAL A 48 -15.58 -11.26 -7.27
C VAL A 48 -17.06 -10.91 -7.14
N GLY A 49 -17.86 -11.92 -6.89
CA GLY A 49 -19.30 -11.74 -6.75
C GLY A 49 -19.61 -10.44 -6.00
N ILE A 50 -19.13 -10.37 -4.78
CA ILE A 50 -19.35 -9.19 -3.96
C ILE A 50 -19.13 -7.93 -4.80
N ALA A 51 -18.02 -7.93 -5.52
CA ALA A 51 -17.68 -6.80 -6.37
C ALA A 51 -18.84 -6.51 -7.31
N ALA A 52 -19.35 -7.58 -7.92
CA ALA A 52 -20.46 -7.45 -8.86
C ALA A 52 -21.67 -6.87 -8.12
N SER A 53 -21.73 -7.16 -6.82
CA SER A 53 -22.82 -6.67 -6.00
C SER A 53 -22.63 -5.18 -5.71
N SER A 54 -21.61 -4.89 -4.91
CA SER A 54 -21.31 -3.52 -4.55
C SER A 54 -21.38 -2.62 -5.79
N ILE A 55 -20.96 -3.19 -6.92
CA ILE A 55 -20.96 -2.45 -8.17
C ILE A 55 -22.41 -2.19 -8.60
N ALA A 56 -23.16 -3.28 -8.73
CA ALA A 56 -24.55 -3.18 -9.13
C ALA A 56 -25.26 -2.15 -8.25
N ALA A 57 -25.22 -2.40 -6.96
CA ALA A 57 -25.85 -1.51 -6.00
C ALA A 57 -25.58 -0.06 -6.40
N LYS A 58 -24.30 0.23 -6.60
CA LYS A 58 -23.90 1.57 -6.99
C LYS A 58 -24.13 2.52 -5.81
N MET A 59 -23.42 2.27 -4.72
CA MET A 59 -23.54 3.10 -3.54
C MET A 59 -23.68 4.57 -3.91
N MET A 60 -22.59 5.14 -4.41
CA MET A 60 -22.58 6.53 -4.80
C MET A 60 -22.49 7.45 -3.59
N SER A 61 -21.26 7.79 -3.21
CA SER A 61 -21.04 8.66 -2.07
C SER A 61 -21.28 7.88 -0.78
N THR A 62 -22.53 7.54 -0.54
CA THR A 62 -22.91 6.80 0.65
C THR A 62 -24.18 6.01 0.41
N ALA A 63 -24.22 4.82 0.99
CA ALA A 63 -25.38 3.95 0.85
C ALA A 63 -25.05 2.56 1.40
N ALA A 64 -24.88 2.52 2.72
CA ALA A 64 -24.55 1.27 3.39
C ALA A 64 -24.78 1.42 4.89
N ILE A 65 -25.24 0.35 5.51
CA ILE A 65 -25.49 0.35 6.94
C ILE A 65 -24.35 -0.37 7.66
N ALA A 66 -23.15 0.17 7.49
CA ALA A 66 -21.97 -0.40 8.11
C ALA A 66 -20.77 0.53 7.89
N ASN A 67 -20.92 1.76 8.37
CA ASN A 67 -19.86 2.74 8.24
C ASN A 67 -20.35 4.08 8.80
N GLY A 68 -19.40 4.97 9.02
CA GLY A 68 -19.71 6.29 9.55
C GLY A 68 -18.58 7.28 9.28
N GLY A 69 -18.32 7.50 8.00
CA GLY A 69 -17.27 8.41 7.60
C GLY A 69 -16.77 8.09 6.18
N GLY A 70 -16.39 6.84 5.99
CA GLY A 70 -15.91 6.38 4.70
C GLY A 70 -14.48 5.84 4.81
N VAL A 71 -13.53 6.66 4.35
CA VAL A 71 -12.13 6.27 4.40
C VAL A 71 -11.84 5.59 5.74
N ALA A 72 -10.81 4.75 5.72
CA ALA A 72 -10.41 4.04 6.92
C ALA A 72 -11.35 2.84 7.13
N ALA A 73 -12.58 3.17 7.52
CA ALA A 73 -13.58 2.13 7.75
C ALA A 73 -13.40 1.58 9.17
N GLY A 74 -12.33 0.82 9.35
CA GLY A 74 -12.05 0.23 10.63
C GLY A 74 -10.91 -0.79 10.53
N SER A 75 -11.28 -2.01 10.15
CA SER A 75 -10.31 -3.08 10.01
C SER A 75 -9.13 -2.60 9.16
N LEU A 76 -9.45 -1.97 8.05
CA LEU A 76 -8.44 -1.46 7.15
C LEU A 76 -7.41 -0.65 7.95
N VAL A 77 -7.92 0.13 8.89
CA VAL A 77 -7.06 0.95 9.73
C VAL A 77 -5.94 0.08 10.29
N ALA A 78 -6.32 -1.09 10.79
CA ALA A 78 -5.35 -2.01 11.35
C ALA A 78 -4.38 -2.47 10.25
N ILE A 79 -4.93 -2.62 9.06
CA ILE A 79 -4.14 -3.05 7.92
C ILE A 79 -3.05 -2.01 7.63
N LEU A 80 -3.51 -0.80 7.35
CA LEU A 80 -2.58 0.29 7.05
C LEU A 80 -1.58 0.43 8.19
N GLN A 81 -2.06 0.14 9.40
CA GLN A 81 -1.22 0.24 10.57
C GLN A 81 -0.01 -0.69 10.44
N SER A 82 -0.28 -1.98 10.50
CA SER A 82 0.78 -2.97 10.37
C SER A 82 1.41 -2.90 8.98
N VAL A 83 0.62 -3.25 7.98
CA VAL A 83 1.10 -3.23 6.61
C VAL A 83 1.95 -1.98 6.38
N GLY A 84 1.49 -0.88 6.99
CA GLY A 84 2.20 0.38 6.87
C GLY A 84 3.63 0.27 7.43
N ALA A 85 3.69 0.04 8.73
CA ALA A 85 4.97 -0.08 9.41
C ALA A 85 5.77 -1.20 8.75
N ALA A 86 5.27 -2.42 8.92
CA ALA A 86 5.93 -3.59 8.36
C ALA A 86 6.39 -3.27 6.93
N GLY A 87 5.41 -3.09 6.06
CA GLY A 87 5.70 -2.77 4.67
C GLY A 87 6.89 -1.83 4.55
N LEU A 88 6.65 -0.58 4.93
CA LEU A 88 7.70 0.42 4.87
C LEU A 88 9.00 -0.16 5.42
N SER A 89 8.84 -1.05 6.39
CA SER A 89 9.99 -1.69 7.00
C SER A 89 10.75 -2.52 5.97
N VAL A 90 10.16 -3.67 5.63
CA VAL A 90 10.76 -4.56 4.66
C VAL A 90 11.17 -3.76 3.42
N THR A 91 10.47 -2.65 3.22
CA THR A 91 10.74 -1.80 2.07
C THR A 91 12.14 -1.18 2.20
N SER A 92 12.21 -0.10 2.97
CA SER A 92 13.46 0.59 3.17
C SER A 92 14.58 -0.42 3.45
N LYS A 93 14.30 -1.33 4.37
CA LYS A 93 15.26 -2.35 4.74
C LYS A 93 15.78 -3.02 3.47
N VAL A 94 14.86 -3.54 2.68
CA VAL A 94 15.21 -4.22 1.45
C VAL A 94 16.07 -3.28 0.59
N ILE A 95 15.80 -1.99 0.73
CA ILE A 95 16.55 -0.99 -0.02
C ILE A 95 17.92 -0.79 0.64
N GLY A 96 17.91 -0.09 1.76
CA GLY A 96 19.14 0.18 2.48
C GLY A 96 19.39 1.68 2.60
N GLY A 97 18.44 2.36 3.22
CA GLY A 97 18.54 3.80 3.40
C GLY A 97 18.56 4.53 2.06
N PHE A 98 17.41 5.09 1.71
CA PHE A 98 17.27 5.81 0.46
C PHE A 98 18.16 7.06 0.45
N ALA A 99 19.39 6.87 -0.02
CA ALA A 99 20.34 7.96 -0.09
C ALA A 99 21.34 7.69 -1.23
N GLY A 100 21.82 8.77 -1.82
CA GLY A 100 22.78 8.67 -2.90
C GLY A 100 22.36 7.56 -3.89
N THR A 101 23.04 6.43 -3.79
CA THR A 101 22.75 5.31 -4.66
C THR A 101 21.26 4.98 -4.64
N ALA A 102 20.76 4.61 -5.80
CA ALA A 102 19.34 4.27 -5.92
C ALA A 102 19.16 2.78 -5.64
N LEU A 103 17.91 2.34 -5.73
CA LEU A 103 17.59 0.94 -5.48
C LEU A 103 18.20 0.09 -6.60
N GLY A 104 18.39 -1.19 -6.28
CA GLY A 104 18.95 -2.12 -7.23
C GLY A 104 20.38 -2.50 -6.85
N ALA A 105 21.25 -2.53 -7.85
CA ALA A 105 22.65 -2.87 -7.65
C ALA A 105 22.73 -4.24 -6.97
N TRP A 106 22.12 -5.23 -7.62
CA TRP A 106 22.12 -6.58 -7.10
C TRP A 106 21.82 -6.51 -5.60
N LEU A 107 20.66 -5.97 -5.29
CA LEU A 107 20.25 -5.84 -3.90
C LEU A 107 21.09 -4.76 -3.22
N GLY A 108 22.38 -5.03 -3.12
CA GLY A 108 23.30 -4.10 -2.49
C GLY A 108 23.88 -4.68 -1.20
N SER A 109 24.83 -5.59 -1.38
CA SER A 109 25.48 -6.23 -0.26
C SER A 109 24.44 -6.96 0.60
N PRO A 110 24.94 -7.96 1.38
CA PRO A 110 24.07 -8.74 2.25
C PRO A 110 23.65 -7.92 3.49
N PRO A 111 22.34 -7.61 3.55
CA PRO A 111 21.80 -6.84 4.67
C PRO A 111 21.69 -7.71 5.93
N SER A 112 22.58 -7.42 6.88
CA SER A 112 22.59 -8.17 8.13
C SER A 112 22.27 -7.23 9.30
N SER A 113 21.58 -7.79 10.28
CA SER A 113 21.21 -7.01 11.46
C SER A 113 20.36 -5.81 11.05
N MET A 10 10.28 22.54 -5.85
CA MET A 10 11.46 22.09 -6.57
C MET A 10 12.11 20.91 -5.85
N GLY A 11 11.72 19.71 -6.27
CA GLY A 11 12.25 18.50 -5.67
C GLY A 11 12.42 17.40 -6.73
N LYS A 12 13.25 16.43 -6.41
CA LYS A 12 13.51 15.32 -7.31
C LYS A 12 12.90 14.05 -6.73
N GLU A 13 13.47 13.60 -5.63
CA GLU A 13 13.00 12.39 -4.98
C GLU A 13 13.77 12.16 -3.67
N SER A 14 13.04 12.27 -2.57
CA SER A 14 13.65 12.08 -1.26
C SER A 14 12.65 11.37 -0.34
N GLY A 15 11.52 12.03 -0.10
CA GLY A 15 10.49 11.47 0.76
C GLY A 15 10.18 12.42 1.92
N TRP A 16 9.55 13.53 1.57
CA TRP A 16 9.18 14.53 2.56
C TRP A 16 7.93 15.25 2.07
N ASP A 17 8.09 15.96 0.97
CA ASP A 17 6.98 16.70 0.39
C ASP A 17 6.95 16.46 -1.12
N SER A 18 6.03 15.61 -1.54
CA SER A 18 5.89 15.30 -2.95
C SER A 18 4.45 15.55 -3.40
N GLY A 19 4.32 16.18 -4.57
CA GLY A 19 3.02 16.50 -5.12
C GLY A 19 2.69 15.57 -6.29
N ARG A 20 3.04 16.04 -7.48
CA ARG A 20 2.80 15.27 -8.69
C ARG A 20 3.71 14.05 -8.75
N ALA A 21 5.01 14.33 -8.75
CA ALA A 21 6.01 13.26 -8.80
C ALA A 21 5.56 12.12 -7.89
N ALA A 22 4.97 12.50 -6.75
CA ALA A 22 4.50 11.52 -5.80
C ALA A 22 3.81 10.37 -6.54
N VAL A 23 2.79 10.72 -7.30
CA VAL A 23 2.05 9.73 -8.07
C VAL A 23 3.03 8.79 -8.76
N ALA A 24 4.04 9.39 -9.39
CA ALA A 24 5.04 8.61 -10.09
C ALA A 24 5.64 7.57 -9.14
N ALA A 25 5.97 8.04 -7.94
CA ALA A 25 6.55 7.16 -6.94
C ALA A 25 5.54 6.07 -6.59
N VAL A 26 4.28 6.40 -6.73
CA VAL A 26 3.21 5.46 -6.42
C VAL A 26 3.02 4.51 -7.61
N VAL A 27 3.49 4.97 -8.76
CA VAL A 27 3.39 4.16 -9.98
C VAL A 27 4.38 3.01 -9.91
N GLY A 28 5.64 3.36 -9.67
CA GLY A 28 6.69 2.36 -9.58
C GLY A 28 6.25 1.19 -8.70
N GLY A 29 5.93 0.09 -9.36
CA GLY A 29 5.50 -1.11 -8.65
C GLY A 29 4.02 -1.39 -8.90
N VAL A 30 3.62 -1.23 -10.16
CA VAL A 30 2.24 -1.46 -10.54
C VAL A 30 1.82 -2.87 -10.08
N VAL A 31 2.42 -3.86 -10.72
CA VAL A 31 2.11 -5.24 -10.39
C VAL A 31 2.15 -5.43 -8.88
N ALA A 32 3.16 -4.82 -8.27
CA ALA A 32 3.33 -4.91 -6.82
C ALA A 32 2.02 -4.51 -6.14
N VAL A 33 1.46 -3.40 -6.61
CA VAL A 33 0.21 -2.91 -6.07
C VAL A 33 -0.93 -3.85 -6.45
N GLY A 34 -0.74 -4.54 -7.57
CA GLY A 34 -1.74 -5.47 -8.05
C GLY A 34 -1.86 -6.67 -7.12
N THR A 35 -0.74 -7.34 -6.91
CA THR A 35 -0.71 -8.51 -6.04
C THR A 35 -1.12 -8.12 -4.62
N VAL A 36 -0.53 -7.04 -4.13
CA VAL A 36 -0.82 -6.57 -2.79
C VAL A 36 -2.34 -6.36 -2.66
N LEU A 37 -2.89 -5.65 -3.63
CA LEU A 37 -4.32 -5.38 -3.64
C LEU A 37 -5.09 -6.70 -3.63
N VAL A 38 -4.83 -7.50 -4.65
CA VAL A 38 -5.50 -8.79 -4.78
C VAL A 38 -5.53 -9.47 -3.42
N ALA A 39 -4.46 -9.28 -2.67
CA ALA A 39 -4.36 -9.88 -1.34
C ALA A 39 -5.33 -9.17 -0.39
N LEU A 40 -5.20 -7.85 -0.35
CA LEU A 40 -6.04 -7.05 0.51
C LEU A 40 -7.50 -7.46 0.32
N SER A 41 -7.96 -7.34 -0.91
CA SER A 41 -9.33 -7.69 -1.25
C SER A 41 -9.52 -9.20 -1.11
N ALA A 42 -8.96 -9.93 -2.06
CA ALA A 42 -9.06 -11.38 -2.07
C ALA A 42 -7.86 -11.97 -1.31
N MET A 43 -8.08 -12.20 -0.02
CA MET A 43 -7.03 -12.76 0.82
C MET A 43 -6.95 -14.28 0.67
N GLY A 44 -6.91 -14.72 -0.58
CA GLY A 44 -6.85 -16.14 -0.88
C GLY A 44 -8.25 -16.73 -1.04
N PHE A 45 -9.03 -16.09 -1.90
CA PHE A 45 -10.39 -16.54 -2.16
C PHE A 45 -11.07 -15.66 -3.21
N THR A 46 -12.35 -15.90 -3.40
CA THR A 46 -13.12 -15.14 -4.37
C THR A 46 -13.13 -13.66 -4.00
N SER A 47 -14.22 -13.00 -4.38
CA SER A 47 -14.37 -11.59 -4.10
C SER A 47 -15.37 -10.95 -5.07
N VAL A 48 -15.51 -11.61 -6.23
CA VAL A 48 -16.42 -11.12 -7.25
C VAL A 48 -17.82 -10.99 -6.64
N GLY A 49 -18.45 -12.14 -6.42
CA GLY A 49 -19.78 -12.16 -5.85
C GLY A 49 -19.97 -11.03 -4.85
N ILE A 50 -19.27 -11.15 -3.72
CA ILE A 50 -19.36 -10.14 -2.67
C ILE A 50 -19.37 -8.75 -3.31
N ALA A 51 -18.44 -8.56 -4.23
CA ALA A 51 -18.33 -7.28 -4.92
C ALA A 51 -19.71 -6.88 -5.47
N ALA A 52 -20.32 -7.80 -6.19
CA ALA A 52 -21.63 -7.56 -6.77
C ALA A 52 -22.62 -7.22 -5.65
N SER A 53 -22.37 -7.81 -4.49
CA SER A 53 -23.23 -7.58 -3.33
C SER A 53 -23.03 -6.16 -2.81
N SER A 54 -21.78 -5.73 -2.81
CA SER A 54 -21.44 -4.40 -2.33
C SER A 54 -21.96 -3.35 -3.32
N ILE A 55 -21.45 -3.44 -4.54
CA ILE A 55 -21.85 -2.51 -5.58
C ILE A 55 -23.38 -2.47 -5.67
N ALA A 56 -23.98 -3.63 -5.54
CA ALA A 56 -25.42 -3.75 -5.60
C ALA A 56 -26.04 -2.99 -4.43
N ALA A 57 -25.59 -3.35 -3.23
CA ALA A 57 -26.09 -2.72 -2.02
C ALA A 57 -26.01 -1.19 -2.18
N LYS A 58 -24.80 -0.72 -2.42
CA LYS A 58 -24.57 0.71 -2.59
C LYS A 58 -24.78 1.42 -1.25
N MET A 59 -23.89 2.36 -0.97
CA MET A 59 -23.96 3.12 0.26
C MET A 59 -22.95 4.27 0.27
N MET A 60 -23.37 5.39 -0.30
CA MET A 60 -22.50 6.55 -0.37
C MET A 60 -22.96 7.63 0.62
N SER A 61 -22.10 7.89 1.60
CA SER A 61 -22.41 8.89 2.61
C SER A 61 -21.16 9.17 3.45
N THR A 62 -20.65 8.13 4.08
CA THR A 62 -19.47 8.25 4.91
C THR A 62 -18.96 6.87 5.33
N ALA A 63 -18.66 6.07 4.32
CA ALA A 63 -18.15 4.73 4.54
C ALA A 63 -19.18 3.94 5.35
N ALA A 64 -18.94 2.64 5.46
CA ALA A 64 -19.84 1.76 6.20
C ALA A 64 -19.12 1.22 7.43
N ILE A 65 -18.72 2.15 8.29
CA ILE A 65 -18.02 1.77 9.52
C ILE A 65 -18.69 2.46 10.71
N ALA A 66 -18.61 1.80 11.84
CA ALA A 66 -19.21 2.32 13.07
C ALA A 66 -18.09 2.83 14.00
N ASN A 67 -18.48 3.71 14.91
CA ASN A 67 -17.54 4.27 15.85
C ASN A 67 -16.46 5.05 15.10
N GLY A 68 -15.45 4.33 14.64
CA GLY A 68 -14.37 4.94 13.90
C GLY A 68 -14.91 5.90 12.82
N GLY A 69 -15.24 5.32 11.68
CA GLY A 69 -15.76 6.10 10.57
C GLY A 69 -14.63 6.77 9.79
N GLY A 70 -13.83 5.94 9.13
CA GLY A 70 -12.73 6.44 8.35
C GLY A 70 -13.21 7.14 7.08
N VAL A 71 -12.47 6.94 6.00
CA VAL A 71 -12.81 7.56 4.73
C VAL A 71 -12.88 6.48 3.65
N ALA A 72 -11.85 5.64 3.64
CA ALA A 72 -11.78 4.56 2.66
C ALA A 72 -12.40 3.30 3.27
N ALA A 73 -11.86 2.89 4.40
CA ALA A 73 -12.34 1.71 5.09
C ALA A 73 -12.10 1.85 6.60
N GLY A 74 -12.38 0.78 7.31
CA GLY A 74 -12.19 0.77 8.75
C GLY A 74 -11.02 -0.12 9.15
N SER A 75 -11.33 -1.39 9.39
CA SER A 75 -10.31 -2.36 9.77
C SER A 75 -9.11 -2.24 8.85
N LEU A 76 -9.39 -2.16 7.55
CA LEU A 76 -8.35 -2.06 6.56
C LEU A 76 -7.33 -1.01 7.01
N VAL A 77 -7.85 0.12 7.49
CA VAL A 77 -6.99 1.20 7.95
C VAL A 77 -5.91 0.63 8.86
N ALA A 78 -6.34 -0.19 9.82
CA ALA A 78 -5.42 -0.80 10.76
C ALA A 78 -4.40 -1.64 9.98
N ILE A 79 -4.90 -2.32 8.95
CA ILE A 79 -4.05 -3.16 8.13
C ILE A 79 -3.00 -2.29 7.43
N LEU A 80 -3.45 -1.14 6.98
CA LEU A 80 -2.56 -0.21 6.29
C LEU A 80 -1.47 0.25 7.24
N GLN A 81 -1.87 0.46 8.49
CA GLN A 81 -0.94 0.90 9.52
C GLN A 81 0.18 -0.13 9.70
N SER A 82 -0.23 -1.31 10.15
CA SER A 82 0.71 -2.40 10.37
C SER A 82 1.47 -2.70 9.08
N VAL A 83 0.74 -3.27 8.13
CA VAL A 83 1.33 -3.61 6.84
C VAL A 83 2.21 -2.46 6.36
N GLY A 84 1.55 -1.35 6.04
CA GLY A 84 2.25 -0.19 5.56
C GLY A 84 3.59 -0.01 6.28
N ALA A 85 3.56 -0.20 7.59
CA ALA A 85 4.75 -0.07 8.39
C ALA A 85 5.74 -1.16 8.00
N ALA A 86 5.30 -2.41 8.15
CA ALA A 86 6.13 -3.55 7.82
C ALA A 86 6.64 -3.40 6.38
N GLY A 87 5.71 -3.53 5.45
CA GLY A 87 6.06 -3.42 4.04
C GLY A 87 7.11 -2.33 3.82
N LEU A 88 6.73 -1.10 4.15
CA LEU A 88 7.62 0.03 3.99
C LEU A 88 8.96 -0.29 4.67
N SER A 89 8.87 -0.94 5.82
CA SER A 89 10.06 -1.31 6.57
C SER A 89 10.90 -2.30 5.76
N VAL A 90 10.50 -3.56 5.84
CA VAL A 90 11.21 -4.61 5.13
C VAL A 90 11.62 -4.10 3.74
N THR A 91 10.81 -3.18 3.22
CA THR A 91 11.08 -2.61 1.92
C THR A 91 12.40 -1.84 1.93
N SER A 92 12.33 -0.61 2.43
CA SER A 92 13.52 0.22 2.51
C SER A 92 14.67 -0.55 3.13
N LYS A 93 14.37 -1.24 4.22
CA LYS A 93 15.38 -2.03 4.91
C LYS A 93 16.08 -2.95 3.90
N VAL A 94 15.27 -3.67 3.14
CA VAL A 94 15.79 -4.58 2.15
C VAL A 94 16.59 -3.80 1.11
N ILE A 95 16.19 -2.55 0.92
CA ILE A 95 16.87 -1.68 -0.04
C ILE A 95 18.22 -1.24 0.55
N GLY A 96 18.14 -0.50 1.65
CA GLY A 96 19.34 -0.01 2.30
C GLY A 96 19.11 1.38 2.88
N GLY A 97 18.05 1.50 3.68
CA GLY A 97 17.72 2.76 4.30
C GLY A 97 17.96 3.93 3.34
N PHE A 98 17.28 3.87 2.21
CA PHE A 98 17.42 4.91 1.20
C PHE A 98 18.86 5.40 1.11
N ALA A 99 19.66 4.68 0.32
CA ALA A 99 21.05 5.02 0.14
C ALA A 99 21.63 4.20 -1.01
N GLY A 100 22.88 4.51 -1.34
CA GLY A 100 23.55 3.81 -2.42
C GLY A 100 22.67 3.73 -3.68
N THR A 101 23.07 2.85 -4.59
CA THR A 101 22.32 2.67 -5.82
C THR A 101 20.82 2.53 -5.53
N ALA A 102 20.50 1.50 -4.76
CA ALA A 102 19.12 1.23 -4.41
C ALA A 102 18.32 0.95 -5.67
N LEU A 103 17.26 0.17 -5.50
CA LEU A 103 16.40 -0.18 -6.62
C LEU A 103 17.23 -0.88 -7.70
N GLY A 104 17.69 -2.08 -7.36
CA GLY A 104 18.50 -2.85 -8.28
C GLY A 104 17.87 -4.23 -8.53
N ALA A 105 18.66 -5.10 -9.14
CA ALA A 105 18.19 -6.44 -9.45
C ALA A 105 18.09 -7.26 -8.16
N TRP A 106 19.25 -7.50 -7.56
CA TRP A 106 19.31 -8.26 -6.32
C TRP A 106 20.67 -7.98 -5.66
N LEU A 107 20.66 -6.98 -4.80
CA LEU A 107 21.88 -6.60 -4.09
C LEU A 107 21.55 -6.34 -2.62
N GLY A 108 22.32 -6.98 -1.75
CA GLY A 108 22.12 -6.82 -0.31
C GLY A 108 22.72 -7.99 0.45
N SER A 109 23.75 -7.70 1.23
CA SER A 109 24.42 -8.71 2.02
C SER A 109 23.42 -9.37 2.98
N PRO A 110 23.75 -10.64 3.36
CA PRO A 110 22.88 -11.38 4.27
C PRO A 110 23.04 -10.87 5.70
N PRO A 111 21.95 -11.08 6.49
CA PRO A 111 21.94 -10.64 7.88
C PRO A 111 22.80 -11.58 8.74
N SER A 112 23.84 -11.00 9.32
CA SER A 112 24.74 -11.77 10.17
C SER A 112 24.21 -11.80 11.61
N SER A 113 24.63 -12.81 12.35
CA SER A 113 24.21 -12.97 13.73
C SER A 113 22.69 -12.85 13.82
N MET A 10 -1.16 15.72 2.99
CA MET A 10 -1.69 16.92 3.62
C MET A 10 -0.64 17.57 4.53
N GLY A 11 -0.14 16.78 5.47
CA GLY A 11 0.86 17.25 6.40
C GLY A 11 1.20 16.18 7.44
N LYS A 12 2.02 16.57 8.41
CA LYS A 12 2.42 15.66 9.46
C LYS A 12 3.36 14.60 8.87
N GLU A 13 4.62 15.00 8.70
CA GLU A 13 5.62 14.10 8.16
C GLU A 13 7.02 14.66 8.38
N SER A 14 7.23 15.86 7.84
CA SER A 14 8.52 16.52 7.97
C SER A 14 9.59 15.74 7.20
N GLY A 15 9.78 16.13 5.95
CA GLY A 15 10.77 15.48 5.10
C GLY A 15 10.10 14.53 4.12
N TRP A 16 9.20 15.09 3.32
CA TRP A 16 8.48 14.30 2.33
C TRP A 16 7.88 15.27 1.31
N ASP A 17 8.69 15.60 0.32
CA ASP A 17 8.25 16.52 -0.74
C ASP A 17 8.35 15.81 -2.09
N SER A 18 7.33 16.02 -2.91
CA SER A 18 7.30 15.42 -4.23
C SER A 18 6.26 16.13 -5.10
N GLY A 19 5.03 16.18 -4.59
CA GLY A 19 3.95 16.83 -5.31
C GLY A 19 3.43 15.93 -6.43
N ARG A 20 3.83 16.28 -7.65
CA ARG A 20 3.42 15.52 -8.82
C ARG A 20 4.23 14.24 -8.93
N ALA A 21 5.55 14.41 -8.95
CA ALA A 21 6.45 13.27 -9.06
C ALA A 21 5.93 12.13 -8.18
N ALA A 22 5.37 12.51 -7.05
CA ALA A 22 4.84 11.53 -6.11
C ALA A 22 4.07 10.46 -6.88
N VAL A 23 3.08 10.90 -7.64
CA VAL A 23 2.27 9.99 -8.42
C VAL A 23 3.18 9.01 -9.15
N ALA A 24 4.22 9.56 -9.77
CA ALA A 24 5.18 8.75 -10.50
C ALA A 24 5.71 7.64 -9.59
N ALA A 25 6.07 8.04 -8.38
CA ALA A 25 6.59 7.09 -7.40
C ALA A 25 5.51 6.05 -7.08
N VAL A 26 4.27 6.49 -7.21
CA VAL A 26 3.14 5.62 -6.93
C VAL A 26 2.89 4.72 -8.14
N VAL A 27 3.38 5.16 -9.28
CA VAL A 27 3.22 4.41 -10.52
C VAL A 27 4.20 3.24 -10.53
N GLY A 28 5.48 3.58 -10.43
CA GLY A 28 6.53 2.57 -10.43
C GLY A 28 6.17 1.41 -9.49
N GLY A 29 5.73 0.31 -10.10
CA GLY A 29 5.36 -0.86 -9.33
C GLY A 29 3.86 -1.14 -9.44
N VAL A 30 3.37 -1.10 -10.68
CA VAL A 30 1.96 -1.33 -10.93
C VAL A 30 1.59 -2.73 -10.44
N VAL A 31 2.10 -3.73 -11.13
CA VAL A 31 1.84 -5.11 -10.78
C VAL A 31 1.94 -5.27 -9.26
N ALA A 32 3.01 -4.73 -8.71
CA ALA A 32 3.24 -4.80 -7.27
C ALA A 32 1.97 -4.35 -6.54
N VAL A 33 1.47 -3.20 -6.96
CA VAL A 33 0.28 -2.64 -6.35
C VAL A 33 -0.88 -3.63 -6.50
N GLY A 34 -0.86 -4.33 -7.64
CA GLY A 34 -1.90 -5.31 -7.92
C GLY A 34 -1.79 -6.51 -6.98
N THR A 35 -0.56 -6.95 -6.77
CA THR A 35 -0.31 -8.09 -5.90
C THR A 35 -0.82 -7.80 -4.49
N VAL A 36 -0.39 -6.66 -3.95
CA VAL A 36 -0.79 -6.25 -2.63
C VAL A 36 -2.33 -6.18 -2.56
N LEU A 37 -2.90 -5.55 -3.58
CA LEU A 37 -4.34 -5.41 -3.65
C LEU A 37 -5.00 -6.79 -3.48
N VAL A 38 -4.82 -7.62 -4.49
CA VAL A 38 -5.40 -8.96 -4.47
C VAL A 38 -5.08 -9.61 -3.11
N ALA A 39 -3.96 -9.22 -2.55
CA ALA A 39 -3.54 -9.76 -1.26
C ALA A 39 -4.62 -9.47 -0.22
N LEU A 40 -4.80 -8.20 0.07
CA LEU A 40 -5.81 -7.78 1.04
C LEU A 40 -7.20 -8.05 0.48
N SER A 41 -7.53 -7.32 -0.57
CA SER A 41 -8.83 -7.47 -1.21
C SER A 41 -9.21 -8.95 -1.27
N ALA A 42 -8.37 -9.73 -1.93
CA ALA A 42 -8.60 -11.15 -2.07
C ALA A 42 -7.95 -11.88 -0.89
N MET A 43 -8.18 -11.36 0.29
CA MET A 43 -7.63 -11.95 1.50
C MET A 43 -7.66 -13.47 1.42
N GLY A 44 -8.75 -13.98 0.86
CA GLY A 44 -8.91 -15.43 0.71
C GLY A 44 -10.39 -15.81 0.72
N PHE A 45 -11.15 -15.10 -0.11
CA PHE A 45 -12.58 -15.35 -0.21
C PHE A 45 -13.17 -14.62 -1.42
N THR A 46 -12.89 -15.15 -2.60
CA THR A 46 -13.39 -14.56 -3.83
C THR A 46 -13.35 -13.03 -3.73
N SER A 47 -14.19 -12.40 -4.55
CA SER A 47 -14.27 -10.95 -4.57
C SER A 47 -15.07 -10.48 -5.78
N VAL A 48 -14.99 -11.28 -6.84
CA VAL A 48 -15.71 -10.96 -8.07
C VAL A 48 -17.21 -10.94 -7.79
N GLY A 49 -17.80 -12.13 -7.78
CA GLY A 49 -19.22 -12.26 -7.53
C GLY A 49 -19.70 -11.20 -6.52
N ILE A 50 -19.15 -11.29 -5.33
CA ILE A 50 -19.50 -10.36 -4.26
C ILE A 50 -19.49 -8.93 -4.82
N ALA A 51 -18.37 -8.59 -5.46
CA ALA A 51 -18.22 -7.27 -6.04
C ALA A 51 -19.37 -7.00 -7.00
N ALA A 52 -19.75 -8.03 -7.73
CA ALA A 52 -20.84 -7.93 -8.68
C ALA A 52 -22.14 -7.61 -7.94
N SER A 53 -22.23 -8.13 -6.73
CA SER A 53 -23.40 -7.91 -5.90
C SER A 53 -23.43 -6.46 -5.41
N SER A 54 -22.29 -6.00 -4.94
CA SER A 54 -22.17 -4.65 -4.44
C SER A 54 -22.39 -3.64 -5.58
N ILE A 55 -21.53 -3.74 -6.58
CA ILE A 55 -21.62 -2.86 -7.73
C ILE A 55 -23.06 -2.87 -8.28
N ALA A 56 -23.56 -4.08 -8.46
CA ALA A 56 -24.91 -4.25 -8.97
C ALA A 56 -25.89 -3.48 -8.09
N ALA A 57 -25.80 -3.75 -6.79
CA ALA A 57 -26.66 -3.09 -5.83
C ALA A 57 -26.64 -1.58 -6.08
N LYS A 58 -25.47 -1.00 -5.91
CA LYS A 58 -25.30 0.43 -6.11
C LYS A 58 -23.80 0.76 -6.16
N MET A 59 -23.19 0.70 -4.99
CA MET A 59 -21.77 0.98 -4.87
C MET A 59 -21.26 0.73 -3.45
N MET A 60 -19.94 0.68 -3.32
CA MET A 60 -19.32 0.44 -2.03
C MET A 60 -19.74 1.51 -1.02
N SER A 61 -20.84 1.25 -0.33
CA SER A 61 -21.35 2.17 0.66
C SER A 61 -22.73 1.72 1.15
N THR A 62 -22.92 1.84 2.45
CA THR A 62 -24.19 1.44 3.05
C THR A 62 -25.03 2.68 3.38
N ALA A 63 -24.33 3.78 3.67
CA ALA A 63 -25.00 5.02 4.00
C ALA A 63 -25.96 4.78 5.17
N ALA A 64 -25.39 4.41 6.30
CA ALA A 64 -26.19 4.14 7.49
C ALA A 64 -25.35 4.46 8.73
N ILE A 65 -24.32 3.64 8.93
CA ILE A 65 -23.44 3.83 10.08
C ILE A 65 -22.69 5.15 9.93
N ALA A 66 -21.92 5.24 8.87
CA ALA A 66 -21.14 6.44 8.60
C ALA A 66 -20.17 6.68 9.76
N ASN A 67 -19.04 5.98 9.69
CA ASN A 67 -18.02 6.11 10.72
C ASN A 67 -16.67 6.38 10.06
N GLY A 68 -16.34 7.66 9.96
CA GLY A 68 -15.07 8.06 9.37
C GLY A 68 -15.31 8.86 8.08
N GLY A 69 -15.72 8.15 7.05
CA GLY A 69 -15.99 8.78 5.77
C GLY A 69 -14.81 8.59 4.80
N GLY A 70 -15.03 7.77 3.78
CA GLY A 70 -14.00 7.51 2.80
C GLY A 70 -13.37 6.13 3.03
N VAL A 71 -12.43 5.80 2.15
CA VAL A 71 -11.74 4.52 2.25
C VAL A 71 -11.25 4.31 3.69
N ALA A 72 -10.67 5.37 4.24
CA ALA A 72 -10.16 5.31 5.60
C ALA A 72 -11.26 4.81 6.53
N ALA A 73 -10.90 4.66 7.79
CA ALA A 73 -11.85 4.18 8.79
C ALA A 73 -12.32 2.78 8.42
N GLY A 74 -11.92 1.81 9.24
CA GLY A 74 -12.29 0.43 9.01
C GLY A 74 -11.13 -0.51 9.34
N SER A 75 -11.47 -1.79 9.47
CA SER A 75 -10.47 -2.80 9.79
C SER A 75 -9.26 -2.65 8.87
N LEU A 76 -9.54 -2.25 7.64
CA LEU A 76 -8.49 -2.06 6.65
C LEU A 76 -7.37 -1.19 7.26
N VAL A 77 -7.78 -0.10 7.89
CA VAL A 77 -6.84 0.81 8.52
C VAL A 77 -5.82 0.00 9.32
N ALA A 78 -6.33 -1.01 10.02
CA ALA A 78 -5.48 -1.86 10.83
C ALA A 78 -4.30 -2.36 9.98
N ILE A 79 -4.65 -2.88 8.82
CA ILE A 79 -3.64 -3.40 7.91
C ILE A 79 -2.86 -2.23 7.29
N LEU A 80 -3.55 -1.10 7.20
CA LEU A 80 -2.94 0.10 6.64
C LEU A 80 -1.68 0.45 7.42
N GLN A 81 -1.84 0.54 8.74
CA GLN A 81 -0.73 0.87 9.61
C GLN A 81 0.26 -0.29 9.67
N SER A 82 -0.29 -1.48 9.88
CA SER A 82 0.53 -2.68 9.95
C SER A 82 1.40 -2.81 8.70
N VAL A 83 0.75 -3.15 7.60
CA VAL A 83 1.44 -3.30 6.33
C VAL A 83 2.15 -1.98 5.98
N GLY A 84 1.57 -0.89 6.47
CA GLY A 84 2.12 0.43 6.21
C GLY A 84 3.56 0.52 6.73
N ALA A 85 3.68 0.57 8.05
CA ALA A 85 4.98 0.67 8.68
C ALA A 85 5.77 -0.61 8.41
N ALA A 86 5.19 -1.73 8.84
CA ALA A 86 5.83 -3.02 8.65
C ALA A 86 6.35 -3.13 7.21
N GLY A 87 5.42 -3.04 6.27
CA GLY A 87 5.76 -3.12 4.86
C GLY A 87 6.96 -2.22 4.54
N LEU A 88 6.72 -0.92 4.60
CA LEU A 88 7.76 0.05 4.32
C LEU A 88 9.05 -0.39 5.02
N SER A 89 8.88 -1.04 6.16
CA SER A 89 10.02 -1.50 6.93
C SER A 89 10.81 -2.54 6.11
N VAL A 90 10.24 -3.74 6.04
CA VAL A 90 10.87 -4.82 5.31
C VAL A 90 11.30 -4.32 3.93
N THR A 91 10.57 -3.32 3.45
CA THR A 91 10.86 -2.74 2.15
C THR A 91 12.25 -2.09 2.15
N SER A 92 12.30 -0.87 2.66
CA SER A 92 13.55 -0.14 2.73
C SER A 92 14.64 -1.02 3.33
N LYS A 93 14.28 -1.73 4.39
CA LYS A 93 15.22 -2.61 5.06
C LYS A 93 15.91 -3.50 4.02
N VAL A 94 15.09 -4.19 3.24
CA VAL A 94 15.60 -5.07 2.21
C VAL A 94 16.39 -4.25 1.18
N ILE A 95 15.99 -3.00 1.05
CA ILE A 95 16.66 -2.11 0.11
C ILE A 95 18.02 -1.71 0.67
N GLY A 96 17.99 -0.78 1.61
CA GLY A 96 19.23 -0.30 2.24
C GLY A 96 19.13 1.19 2.55
N GLY A 97 18.20 1.53 3.43
CA GLY A 97 18.01 2.91 3.82
C GLY A 97 17.97 3.83 2.60
N PHE A 98 18.51 5.02 2.78
CA PHE A 98 18.56 5.99 1.70
C PHE A 98 19.98 6.48 1.46
N ALA A 99 20.69 5.74 0.63
CA ALA A 99 22.07 6.08 0.30
C ALA A 99 22.34 5.75 -1.17
N GLY A 100 22.31 6.79 -2.00
CA GLY A 100 22.55 6.61 -3.42
C GLY A 100 21.86 5.35 -3.94
N THR A 101 22.68 4.49 -4.54
CA THR A 101 22.17 3.24 -5.09
C THR A 101 21.63 2.35 -3.97
N ALA A 102 21.03 1.24 -4.38
CA ALA A 102 20.47 0.30 -3.43
C ALA A 102 19.94 -0.93 -4.17
N LEU A 103 18.82 -0.73 -4.85
CA LEU A 103 18.20 -1.80 -5.61
C LEU A 103 17.98 -1.34 -7.05
N GLY A 104 19.08 -1.22 -7.79
CA GLY A 104 19.02 -0.80 -9.17
C GLY A 104 19.21 -1.98 -10.12
N ALA A 105 20.46 -2.24 -10.45
CA ALA A 105 20.79 -3.34 -11.35
C ALA A 105 21.46 -4.45 -10.55
N TRP A 106 20.81 -4.86 -9.47
CA TRP A 106 21.33 -5.91 -8.62
C TRP A 106 22.67 -5.43 -8.06
N LEU A 107 22.68 -5.22 -6.74
CA LEU A 107 23.88 -4.77 -6.07
C LEU A 107 24.12 -5.63 -4.83
N GLY A 108 23.26 -5.44 -3.83
CA GLY A 108 23.37 -6.18 -2.60
C GLY A 108 24.76 -6.02 -1.98
N SER A 109 24.90 -6.58 -0.79
CA SER A 109 26.17 -6.51 -0.08
C SER A 109 27.27 -7.20 -0.89
N PRO A 110 28.28 -6.40 -1.29
CA PRO A 110 29.39 -6.92 -2.08
C PRO A 110 30.34 -7.73 -1.19
N PRO A 111 30.63 -8.97 -1.65
CA PRO A 111 31.52 -9.87 -0.92
C PRO A 111 32.98 -9.42 -1.08
N SER A 112 33.75 -9.65 -0.03
CA SER A 112 35.16 -9.29 -0.04
C SER A 112 36.00 -10.49 -0.45
N SER A 113 35.88 -11.57 0.33
CA SER A 113 36.62 -12.78 0.06
C SER A 113 35.82 -14.00 0.53
#